data_7RUC
#
_entry.id   7RUC
#
_cell.length_a   1.00
_cell.length_b   1.00
_cell.length_c   1.00
_cell.angle_alpha   90.00
_cell.angle_beta   90.00
_cell.angle_gamma   90.00
#
_symmetry.space_group_name_H-M   'P 1'
#
loop_
_entity.id
_entity.type
_entity.pdbx_description
1 polymer 'ATPase GET3'
2 polymer 'Golgi to ER traffic protein 4 homolog'
3 polymer 'Large proline-rich protein BAG6'
4 polymer 'Ubiquitin-like protein 4A'
5 non-polymer "ADENOSINE-5'-TRIPHOSPHATE"
6 non-polymer 'MAGNESIUM ION'
7 non-polymer 'ZINC ION'
#
loop_
_entity_poly.entity_id
_entity_poly.type
_entity_poly.pdbx_seq_one_letter_code
_entity_poly.pdbx_strand_id
1 'polypeptide(L)'
;GHMAASVEDEFEDAPDVEPLEPTLKNIIEQKSLKWIFVGGKGGVGKTTCSCSLAVQLAAVRESVLIISTNPAHNISDAFD
QKFSKVPTKVKGYDNLFAMEIDPSLGVAELPDEFFEEDNMLSMGKKMMQEAMSAFPGIDEAMSYAEVMRLVKGMNFSVVV
FDTAPTGHTLRLLNFPTIVERGLGRLMQIKNQISPFISQMCNMLGLGDMNADQLASKLEETLPVIRSVSEQFKDPEQTTF
ICVCIAEFLSLYETERLIQELAKCRIDTHNIIVNQLVFPDNERPCKMCEARHKIQSKYLDQMEDLYEDFHIVKLPLLPHE
VRGADKVNTFSKQLLEPYSPPKK
;
A,B
2 'polypeptide(L)'
;GPLGSTMAAAAAMAEQESARNGGRNRGGVQRVEGKLRASVEKGDYYEAHQMYRTLFFRYMSQSKHTEARELMYSGALLFF
SHGQQNSAADLSMLVLESLEKAEVEVADELLENLAKVFSLMDPNSPERVTFVSRALKWSSGGSGKLGHPRLHQLLALTLW
KEQNYCESRYHFLHSADGEGCANMLVEYSTSRGFRSEVDMFVAQAVLQFLCLKNKSSASVVFTTYTQKHPSIEDGPPFVE
PLLNFIWFLLLAVDGGKLTVFTVLCEQYQPSLRRDPMYNEYLDRIGQLFFGVPPKQTSSYGGLLGNLLTSLMGSSEQEDG
EESPSDGSPIELD
;
C,F
3 'polypeptide(L)'
;GPGSAETEPWAAAVPPEWVPIIQQDIQSQRKVKPQPPLSDAYLSGMPAKRRKTMQGEGPQLLLSEAVSRAAKAAGARPLT
SPESLSRDLEAPEVQESYRQQLRSDIQKRLQEDPNYSPQRFPNAQRAFADDP
;
D,G
4 'polypeptide(L)'
;MQLTVKALQGRECSLQVPEDELVSTLKQLVSEKLNVPVRQQRLLFKGKALADGKRLSDYSIGPNSKLNLVVKPLEKVLLE
EGEAQRLADSPPPQVWQLISKVLARHFSAADASRVLEQLQRDYERSLSRLTLDDIERLASRFLHPEVTETMEKGFSKGSE
NLYFQ
;
H
#
# COMPACT_ATOMS: atom_id res chain seq x y z
N GLU A 18 -39.30 6.81 23.68
CA GLU A 18 -38.51 7.98 24.01
C GLU A 18 -37.22 8.04 23.17
N PRO A 19 -36.46 6.96 23.11
CA PRO A 19 -35.28 6.93 22.26
C PRO A 19 -35.66 6.68 20.80
N LEU A 20 -34.65 6.55 19.96
CA LEU A 20 -34.88 6.20 18.57
C LEU A 20 -35.23 4.72 18.46
N GLU A 21 -36.14 4.41 17.55
CA GLU A 21 -36.61 3.04 17.40
C GLU A 21 -35.43 2.14 17.02
N PRO A 22 -35.21 1.04 17.73
CA PRO A 22 -34.05 0.18 17.42
C PRO A 22 -34.33 -0.76 16.24
N THR A 23 -34.65 -0.18 15.10
CA THR A 23 -34.86 -0.94 13.89
C THR A 23 -34.36 -0.14 12.70
N LEU A 24 -34.01 -0.85 11.63
CA LEU A 24 -33.55 -0.22 10.40
C LEU A 24 -34.68 0.29 9.55
N LYS A 25 -35.88 0.43 10.11
CA LYS A 25 -37.02 0.90 9.33
C LYS A 25 -36.71 2.23 8.66
N ASN A 26 -35.89 3.06 9.30
CA ASN A 26 -35.51 4.33 8.70
C ASN A 26 -34.80 4.11 7.37
N ILE A 27 -33.91 3.13 7.33
CA ILE A 27 -33.20 2.82 6.09
C ILE A 27 -34.19 2.39 5.01
N ILE A 28 -35.13 1.51 5.37
CA ILE A 28 -36.08 1.01 4.38
C ILE A 28 -36.93 2.16 3.84
N GLU A 29 -37.42 3.03 4.72
CA GLU A 29 -38.35 4.06 4.30
C GLU A 29 -37.67 5.18 3.52
N GLN A 30 -36.38 5.42 3.77
CA GLN A 30 -35.67 6.51 3.10
C GLN A 30 -35.44 6.07 1.65
N LYS A 31 -36.50 6.20 0.84
CA LYS A 31 -36.44 5.70 -0.52
C LYS A 31 -35.38 6.42 -1.34
N SER A 32 -35.07 7.67 -1.01
CA SER A 32 -34.04 8.39 -1.74
C SER A 32 -32.67 7.75 -1.58
N LEU A 33 -32.51 6.89 -0.58
CA LEU A 33 -31.21 6.28 -0.30
C LEU A 33 -30.76 5.43 -1.49
N LYS A 34 -29.50 5.60 -1.90
CA LYS A 34 -28.95 4.87 -3.03
C LYS A 34 -27.80 3.97 -2.62
N TRP A 35 -26.82 4.49 -1.90
CA TRP A 35 -25.64 3.75 -1.49
C TRP A 35 -25.68 3.48 0.00
N ILE A 36 -25.46 2.23 0.38
CA ILE A 36 -25.45 1.82 1.77
C ILE A 36 -24.15 1.09 2.05
N PHE A 37 -23.40 1.57 3.04
CA PHE A 37 -22.15 0.96 3.44
C PHE A 37 -22.32 0.26 4.77
N VAL A 38 -21.65 -0.87 4.93
CA VAL A 38 -21.64 -1.61 6.19
C VAL A 38 -20.20 -1.82 6.58
N GLY A 39 -19.86 -1.51 7.83
CA GLY A 39 -18.49 -1.61 8.28
C GLY A 39 -18.42 -1.80 9.79
N GLY A 40 -17.21 -2.00 10.26
CA GLY A 40 -16.96 -2.20 11.67
C GLY A 40 -15.78 -3.13 11.84
N LYS A 41 -15.55 -3.53 13.09
CA LYS A 41 -14.47 -4.44 13.38
C LYS A 41 -14.68 -5.76 12.64
N GLY A 42 -13.58 -6.38 12.24
CA GLY A 42 -13.67 -7.62 11.49
C GLY A 42 -14.33 -8.72 12.31
N GLY A 43 -15.13 -9.55 11.64
CA GLY A 43 -15.75 -10.68 12.29
C GLY A 43 -16.99 -10.36 13.09
N VAL A 44 -17.45 -9.11 13.10
CA VAL A 44 -18.66 -8.78 13.83
C VAL A 44 -19.93 -9.15 13.06
N GLY A 45 -19.82 -9.46 11.77
CA GLY A 45 -20.98 -9.85 11.00
C GLY A 45 -21.33 -8.85 9.92
N LYS A 46 -20.33 -8.18 9.36
CA LYS A 46 -20.60 -7.25 8.27
C LYS A 46 -21.23 -7.97 7.09
N THR A 47 -20.70 -9.12 6.71
CA THR A 47 -21.21 -9.82 5.55
C THR A 47 -22.65 -10.28 5.77
N THR A 48 -22.91 -10.97 6.87
CA THR A 48 -24.25 -11.49 7.11
C THR A 48 -25.26 -10.37 7.27
N CYS A 49 -24.91 -9.35 8.04
CA CYS A 49 -25.85 -8.24 8.23
C CYS A 49 -26.10 -7.49 6.93
N SER A 50 -25.07 -7.30 6.12
CA SER A 50 -25.26 -6.65 4.83
C SER A 50 -26.17 -7.48 3.94
N CYS A 51 -25.97 -8.80 3.92
CA CYS A 51 -26.85 -9.66 3.14
C CYS A 51 -28.28 -9.56 3.62
N SER A 52 -28.47 -9.55 4.94
CA SER A 52 -29.82 -9.43 5.49
C SER A 52 -30.46 -8.12 5.08
N LEU A 53 -29.70 -7.02 5.18
CA LEU A 53 -30.24 -5.73 4.80
C LEU A 53 -30.60 -5.69 3.33
N ALA A 54 -29.74 -6.25 2.47
CA ALA A 54 -30.06 -6.29 1.05
C ALA A 54 -31.31 -7.10 0.80
N VAL A 55 -31.46 -8.23 1.49
CA VAL A 55 -32.65 -9.05 1.31
C VAL A 55 -33.89 -8.26 1.71
N GLN A 56 -33.83 -7.57 2.84
CA GLN A 56 -34.99 -6.76 3.25
C GLN A 56 -35.29 -5.69 2.21
N LEU A 57 -34.26 -5.02 1.69
CA LEU A 57 -34.49 -3.98 0.70
C LEU A 57 -35.11 -4.54 -0.56
N ALA A 58 -34.69 -5.74 -0.98
CA ALA A 58 -35.18 -6.31 -2.22
C ALA A 58 -36.69 -6.48 -2.20
N ALA A 59 -37.30 -6.52 -1.03
CA ALA A 59 -38.75 -6.58 -0.93
C ALA A 59 -39.41 -5.22 -1.08
N VAL A 60 -38.63 -4.14 -1.19
CA VAL A 60 -39.19 -2.80 -1.31
C VAL A 60 -38.72 -2.17 -2.60
N ARG A 61 -37.40 -1.98 -2.74
CA ARG A 61 -36.87 -1.38 -3.95
C ARG A 61 -37.07 -2.31 -5.13
N GLU A 62 -37.07 -1.73 -6.33
CA GLU A 62 -37.31 -2.52 -7.53
C GLU A 62 -36.15 -3.49 -7.79
N SER A 63 -34.91 -3.06 -7.53
CA SER A 63 -33.76 -3.92 -7.79
C SER A 63 -32.60 -3.45 -6.92
N VAL A 64 -31.97 -4.39 -6.21
CA VAL A 64 -30.90 -4.07 -5.28
C VAL A 64 -29.69 -4.92 -5.62
N LEU A 65 -28.52 -4.42 -5.26
CA LEU A 65 -27.26 -5.08 -5.54
C LEU A 65 -26.42 -5.18 -4.29
N ILE A 66 -25.62 -6.23 -4.20
CA ILE A 66 -24.63 -6.41 -3.14
C ILE A 66 -23.26 -6.49 -3.81
N ILE A 67 -22.28 -5.80 -3.23
CA ILE A 67 -20.91 -5.83 -3.73
C ILE A 67 -19.99 -6.21 -2.59
N SER A 68 -19.18 -7.25 -2.81
CA SER A 68 -18.22 -7.70 -1.81
C SER A 68 -16.90 -6.99 -2.03
N THR A 69 -16.77 -5.78 -1.48
CA THR A 69 -15.53 -5.04 -1.58
C THR A 69 -14.37 -5.77 -0.90
N ASN A 70 -14.65 -6.55 0.14
CA ASN A 70 -13.59 -7.24 0.85
C ASN A 70 -12.85 -8.18 -0.09
N PRO A 71 -11.51 -8.16 -0.12
CA PRO A 71 -10.81 -9.07 -1.03
C PRO A 71 -11.18 -10.53 -0.83
N ALA A 72 -11.35 -10.96 0.42
CA ALA A 72 -11.78 -12.33 0.72
C ALA A 72 -13.30 -12.32 0.74
N HIS A 73 -13.89 -12.41 -0.45
CA HIS A 73 -15.33 -12.29 -0.57
C HIS A 73 -16.03 -13.46 0.10
N ASN A 74 -17.12 -13.16 0.81
CA ASN A 74 -17.88 -14.16 1.54
C ASN A 74 -19.36 -14.17 1.22
N ILE A 75 -19.89 -13.14 0.55
CA ILE A 75 -21.31 -13.14 0.22
C ILE A 75 -21.68 -14.43 -0.49
N SER A 76 -20.76 -14.99 -1.27
CA SER A 76 -20.98 -16.32 -1.82
C SER A 76 -21.24 -17.32 -0.72
N ASP A 77 -20.37 -17.33 0.29
CA ASP A 77 -20.56 -18.24 1.42
C ASP A 77 -21.85 -17.93 2.16
N ALA A 78 -22.15 -16.64 2.34
CA ALA A 78 -23.36 -16.28 3.08
C ALA A 78 -24.60 -16.80 2.39
N PHE A 79 -24.68 -16.66 1.07
CA PHE A 79 -25.84 -17.11 0.32
C PHE A 79 -25.69 -18.52 -0.21
N ASP A 80 -24.57 -19.19 0.05
CA ASP A 80 -24.40 -20.58 -0.36
C ASP A 80 -24.60 -20.72 -1.87
N GLN A 81 -24.13 -19.73 -2.61
CA GLN A 81 -24.33 -19.71 -4.06
C GLN A 81 -23.23 -18.84 -4.64
N LYS A 82 -22.25 -19.47 -5.31
CA LYS A 82 -21.10 -18.72 -5.78
C LYS A 82 -21.52 -17.65 -6.78
N PHE A 83 -20.98 -16.45 -6.62
CA PHE A 83 -21.28 -15.33 -7.49
C PHE A 83 -20.06 -14.97 -8.33
N SER A 84 -20.30 -14.51 -9.54
CA SER A 84 -19.24 -14.18 -10.47
C SER A 84 -18.77 -12.74 -10.22
N LYS A 85 -17.93 -12.24 -11.11
CA LYS A 85 -17.44 -10.87 -11.04
C LYS A 85 -18.37 -9.87 -11.70
N VAL A 86 -19.49 -10.34 -12.24
CA VAL A 86 -20.48 -9.49 -12.89
C VAL A 86 -21.80 -9.73 -12.17
N PRO A 87 -22.65 -8.72 -11.98
CA PRO A 87 -23.86 -8.93 -11.18
C PRO A 87 -24.67 -10.11 -11.69
N THR A 88 -25.14 -10.94 -10.76
CA THR A 88 -25.95 -12.10 -11.08
C THR A 88 -27.09 -12.19 -10.08
N LYS A 89 -28.24 -12.67 -10.56
CA LYS A 89 -29.40 -12.79 -9.69
C LYS A 89 -29.12 -13.80 -8.58
N VAL A 90 -29.67 -13.53 -7.41
CA VAL A 90 -29.54 -14.43 -6.27
C VAL A 90 -30.63 -15.49 -6.34
N LYS A 91 -30.25 -16.73 -6.10
CA LYS A 91 -31.21 -17.82 -6.14
C LYS A 91 -32.32 -17.55 -5.13
N GLY A 92 -33.56 -17.78 -5.56
CA GLY A 92 -34.71 -17.53 -4.72
C GLY A 92 -35.20 -16.10 -4.73
N TYR A 93 -34.58 -15.22 -5.50
CA TYR A 93 -35.02 -13.84 -5.61
C TYR A 93 -34.94 -13.41 -7.08
N ASP A 94 -35.79 -12.45 -7.43
CA ASP A 94 -35.88 -12.00 -8.82
C ASP A 94 -35.07 -10.74 -9.09
N ASN A 95 -35.04 -9.80 -8.14
CA ASN A 95 -34.44 -8.49 -8.35
C ASN A 95 -33.23 -8.26 -7.46
N LEU A 96 -32.71 -9.30 -6.83
CA LEU A 96 -31.56 -9.19 -5.93
C LEU A 96 -30.32 -9.69 -6.66
N PHE A 97 -29.32 -8.83 -6.81
CA PHE A 97 -28.11 -9.17 -7.53
C PHE A 97 -26.91 -9.11 -6.58
N ALA A 98 -25.89 -9.90 -6.90
CA ALA A 98 -24.70 -9.96 -6.07
C ALA A 98 -23.48 -9.98 -6.97
N MET A 99 -22.36 -9.46 -6.46
CA MET A 99 -21.12 -9.53 -7.21
C MET A 99 -19.93 -9.36 -6.28
N GLU A 100 -18.78 -9.83 -6.74
CA GLU A 100 -17.53 -9.76 -6.01
C GLU A 100 -16.54 -8.94 -6.81
N ILE A 101 -15.95 -7.92 -6.16
CA ILE A 101 -15.02 -7.04 -6.86
C ILE A 101 -13.88 -7.85 -7.45
N ASP A 102 -13.38 -7.38 -8.57
CA ASP A 102 -12.27 -8.05 -9.23
C ASP A 102 -10.98 -7.79 -8.46
N PRO A 103 -10.24 -8.83 -8.07
CA PRO A 103 -8.90 -8.62 -7.53
C PRO A 103 -7.82 -8.44 -8.59
N SER A 104 -8.19 -8.39 -9.86
CA SER A 104 -7.24 -8.24 -10.96
C SER A 104 -7.83 -7.29 -11.99
N LEU A 105 -6.95 -6.79 -12.86
CA LEU A 105 -7.33 -5.87 -13.93
C LEU A 105 -7.81 -6.67 -15.15
N GLY A 106 -8.03 -5.97 -16.26
CA GLY A 106 -8.46 -6.63 -17.47
C GLY A 106 -7.31 -7.25 -18.23
N VAL A 107 -6.70 -8.28 -17.65
CA VAL A 107 -5.56 -8.92 -18.29
C VAL A 107 -6.00 -9.92 -19.36
N ALA A 108 -7.15 -10.56 -19.18
CA ALA A 108 -7.63 -11.59 -20.10
C ALA A 108 -8.33 -10.92 -21.27
N GLU A 109 -7.77 -11.08 -22.47
CA GLU A 109 -8.38 -10.57 -23.68
C GLU A 109 -7.84 -11.36 -24.86
N LEU A 110 -8.52 -11.24 -26.01
CA LEU A 110 -8.14 -11.95 -27.21
C LEU A 110 -7.57 -10.96 -28.22
N PRO A 111 -6.25 -10.92 -28.41
CA PRO A 111 -5.67 -9.93 -29.33
C PRO A 111 -5.80 -10.35 -30.79
N ASP A 112 -5.72 -9.35 -31.66
CA ASP A 112 -5.67 -9.57 -33.09
C ASP A 112 -4.22 -9.79 -33.53
N GLU A 113 -4.06 -10.35 -34.73
CA GLU A 113 -2.74 -10.69 -35.23
C GLU A 113 -2.57 -10.37 -36.71
N PHE A 114 -3.56 -9.76 -37.37
CA PHE A 114 -3.46 -9.50 -38.80
C PHE A 114 -2.42 -8.45 -39.13
N PHE A 115 -1.93 -7.71 -38.13
CA PHE A 115 -0.99 -6.63 -38.36
C PHE A 115 -0.05 -6.52 -37.17
N GLU A 116 1.07 -5.84 -37.40
CA GLU A 116 2.01 -5.58 -36.32
C GLU A 116 1.35 -4.72 -35.25
N GLU A 117 1.63 -5.03 -33.98
CA GLU A 117 1.06 -4.32 -32.85
C GLU A 117 2.05 -3.29 -32.31
N ASP A 118 1.51 -2.34 -31.55
CA ASP A 118 2.32 -1.32 -30.91
C ASP A 118 3.07 -1.93 -29.74
N ASN A 119 4.28 -2.44 -29.98
CA ASN A 119 5.01 -3.18 -28.95
C ASN A 119 5.26 -2.32 -27.72
N MET A 120 5.65 -1.06 -27.91
CA MET A 120 5.92 -0.19 -26.77
C MET A 120 4.68 -0.02 -25.91
N LEU A 121 3.56 0.38 -26.53
CA LEU A 121 2.34 0.60 -25.76
C LEU A 121 1.82 -0.70 -25.14
N SER A 122 1.85 -1.78 -25.91
CA SER A 122 1.36 -3.06 -25.40
C SER A 122 2.17 -3.50 -24.19
N MET A 123 3.50 -3.46 -24.30
CA MET A 123 4.35 -3.86 -23.19
C MET A 123 4.16 -2.94 -21.99
N GLY A 124 4.04 -1.63 -22.24
CA GLY A 124 3.83 -0.71 -21.13
C GLY A 124 2.56 -1.00 -20.38
N LYS A 125 1.45 -1.15 -21.10
CA LYS A 125 0.17 -1.45 -20.46
C LYS A 125 0.22 -2.79 -19.74
N LYS A 126 0.82 -3.80 -20.37
CA LYS A 126 0.90 -5.12 -19.75
C LYS A 126 1.69 -5.07 -18.45
N MET A 127 2.87 -4.43 -18.48
CA MET A 127 3.67 -4.34 -17.27
C MET A 127 2.97 -3.52 -16.20
N MET A 128 2.31 -2.43 -16.60
CA MET A 128 1.60 -1.61 -15.65
C MET A 128 0.52 -2.42 -14.94
N GLN A 129 -0.33 -3.10 -15.70
CA GLN A 129 -1.40 -3.87 -15.10
C GLN A 129 -0.85 -5.02 -14.25
N GLU A 130 0.20 -5.69 -14.73
CA GLU A 130 0.74 -6.81 -13.98
C GLU A 130 1.33 -6.36 -12.65
N ALA A 131 2.14 -5.30 -12.67
CA ALA A 131 2.71 -4.78 -11.42
C ALA A 131 1.61 -4.27 -10.50
N MET A 132 0.61 -3.59 -11.06
CA MET A 132 -0.47 -3.03 -10.27
C MET A 132 -1.49 -4.08 -9.85
N SER A 133 -1.40 -5.31 -10.38
CA SER A 133 -2.40 -6.33 -10.04
C SER A 133 -2.39 -6.62 -8.55
N ALA A 134 -1.21 -6.79 -7.96
CA ALA A 134 -1.07 -7.05 -6.54
C ALA A 134 -0.72 -5.79 -5.75
N PHE A 135 -0.63 -4.64 -6.40
CA PHE A 135 -0.28 -3.42 -5.72
C PHE A 135 -1.37 -3.07 -4.71
N PRO A 136 -1.03 -2.68 -3.49
CA PRO A 136 -2.07 -2.45 -2.48
C PRO A 136 -2.92 -1.25 -2.85
N GLY A 137 -4.18 -1.29 -2.45
CA GLY A 137 -5.14 -0.29 -2.87
C GLY A 137 -5.72 -0.53 -4.25
N ILE A 138 -5.10 -1.38 -5.07
CA ILE A 138 -5.70 -1.73 -6.34
C ILE A 138 -7.05 -2.38 -6.13
N ASP A 139 -7.23 -3.09 -5.01
CA ASP A 139 -8.56 -3.53 -4.64
C ASP A 139 -9.49 -2.33 -4.50
N GLU A 140 -9.06 -1.33 -3.74
CA GLU A 140 -9.85 -0.11 -3.59
C GLU A 140 -9.97 0.64 -4.91
N ALA A 141 -8.90 0.67 -5.71
CA ALA A 141 -8.95 1.39 -6.98
C ALA A 141 -9.99 0.76 -7.91
N MET A 142 -9.99 -0.55 -8.03
CA MET A 142 -10.97 -1.22 -8.88
C MET A 142 -12.36 -1.15 -8.27
N SER A 143 -12.48 -1.13 -6.94
CA SER A 143 -13.78 -0.90 -6.34
C SER A 143 -14.33 0.46 -6.75
N TYR A 144 -13.48 1.48 -6.73
CA TYR A 144 -13.90 2.81 -7.18
C TYR A 144 -14.26 2.78 -8.67
N ALA A 145 -13.48 2.05 -9.45
CA ALA A 145 -13.79 1.94 -10.88
C ALA A 145 -15.16 1.33 -11.08
N GLU A 146 -15.48 0.28 -10.34
CA GLU A 146 -16.80 -0.32 -10.44
C GLU A 146 -17.88 0.61 -9.93
N VAL A 147 -17.56 1.42 -8.92
CA VAL A 147 -18.51 2.42 -8.45
C VAL A 147 -18.88 3.38 -9.57
N MET A 148 -17.86 3.88 -10.27
CA MET A 148 -18.12 4.77 -11.41
C MET A 148 -18.90 4.05 -12.50
N ARG A 149 -18.52 2.80 -12.78
CA ARG A 149 -19.20 2.04 -13.81
C ARG A 149 -20.68 1.88 -13.48
N LEU A 150 -21.00 1.66 -12.21
CA LEU A 150 -22.39 1.51 -11.80
C LEU A 150 -23.11 2.84 -11.83
N VAL A 151 -22.42 3.92 -11.44
CA VAL A 151 -23.04 5.24 -11.49
C VAL A 151 -23.47 5.55 -12.92
N LYS A 152 -22.59 5.29 -13.88
CA LYS A 152 -22.98 5.42 -15.27
C LYS A 152 -24.11 4.45 -15.61
N GLY A 153 -24.00 3.20 -15.15
CA GLY A 153 -25.02 2.22 -15.48
C GLY A 153 -26.37 2.55 -14.87
N MET A 154 -26.39 2.89 -13.58
CA MET A 154 -27.61 3.23 -12.85
C MET A 154 -28.57 2.05 -12.78
N ASN A 155 -28.20 0.89 -13.32
CA ASN A 155 -29.15 -0.20 -13.52
C ASN A 155 -29.84 -0.64 -12.24
N PHE A 156 -29.21 -0.42 -11.08
CA PHE A 156 -29.73 -0.93 -9.81
C PHE A 156 -30.26 0.22 -8.97
N SER A 157 -31.33 -0.06 -8.22
CA SER A 157 -31.95 0.97 -7.40
C SER A 157 -31.02 1.39 -6.26
N VAL A 158 -30.50 0.42 -5.51
CA VAL A 158 -29.59 0.69 -4.40
C VAL A 158 -28.56 -0.42 -4.34
N VAL A 159 -27.37 -0.07 -3.89
CA VAL A 159 -26.25 -0.99 -3.82
C VAL A 159 -25.67 -0.97 -2.42
N VAL A 160 -25.48 -2.15 -1.84
CA VAL A 160 -24.90 -2.30 -0.52
C VAL A 160 -23.49 -2.84 -0.67
N PHE A 161 -22.63 -2.49 0.28
CA PHE A 161 -21.22 -2.88 0.24
C PHE A 161 -20.90 -3.70 1.49
N ASP A 162 -20.38 -4.91 1.29
CA ASP A 162 -19.79 -5.68 2.38
C ASP A 162 -18.34 -5.24 2.53
N THR A 163 -18.18 -4.03 3.07
CA THR A 163 -16.89 -3.37 3.09
C THR A 163 -15.89 -4.17 3.93
N ALA A 164 -14.62 -3.99 3.60
CA ALA A 164 -13.51 -4.61 4.32
C ALA A 164 -13.46 -4.03 5.73
N PRO A 165 -12.55 -4.48 6.59
CA PRO A 165 -12.46 -3.92 7.94
C PRO A 165 -12.35 -2.41 7.94
N THR A 166 -12.45 -1.80 9.13
CA THR A 166 -12.64 -0.37 9.25
C THR A 166 -11.61 0.42 8.43
N GLY A 167 -10.33 0.08 8.58
CA GLY A 167 -9.28 0.89 8.00
C GLY A 167 -9.38 1.03 6.50
N HIS A 168 -9.38 -0.09 5.79
CA HIS A 168 -9.45 -0.05 4.34
C HIS A 168 -10.77 0.54 3.87
N THR A 169 -11.85 0.31 4.62
CA THR A 169 -13.13 0.91 4.26
C THR A 169 -13.04 2.43 4.29
N LEU A 170 -12.43 2.98 5.33
CA LEU A 170 -12.26 4.43 5.42
C LEU A 170 -11.35 4.93 4.30
N ARG A 171 -10.29 4.19 4.00
CA ARG A 171 -9.43 4.55 2.88
C ARG A 171 -10.25 4.66 1.59
N LEU A 172 -11.08 3.65 1.32
CA LEU A 172 -11.91 3.67 0.14
C LEU A 172 -12.86 4.86 0.15
N LEU A 173 -13.50 5.11 1.29
CA LEU A 173 -14.47 6.19 1.36
C LEU A 173 -13.81 7.54 1.09
N ASN A 174 -12.59 7.74 1.60
CA ASN A 174 -11.88 8.98 1.34
C ASN A 174 -11.29 9.02 -0.07
N PHE A 175 -11.14 7.88 -0.72
CA PHE A 175 -10.59 7.85 -2.08
C PHE A 175 -11.25 8.83 -3.03
N PRO A 176 -12.58 8.92 -3.11
CA PRO A 176 -13.18 9.88 -4.04
C PRO A 176 -12.67 11.31 -3.84
N THR A 177 -12.52 11.74 -2.59
CA THR A 177 -12.06 13.10 -2.35
C THR A 177 -10.67 13.32 -2.92
N ILE A 178 -9.74 12.41 -2.63
CA ILE A 178 -8.36 12.61 -3.06
C ILE A 178 -8.26 12.51 -4.57
N VAL A 179 -8.99 11.58 -5.19
CA VAL A 179 -8.91 11.46 -6.64
C VAL A 179 -9.51 12.68 -7.31
N GLU A 180 -10.62 13.20 -6.77
CA GLU A 180 -11.19 14.42 -7.31
C GLU A 180 -10.23 15.59 -7.18
N ARG A 181 -9.57 15.71 -6.04
CA ARG A 181 -8.62 16.80 -5.85
C ARG A 181 -7.44 16.66 -6.82
N GLY A 182 -6.95 15.44 -7.04
CA GLY A 182 -5.89 15.25 -8.00
C GLY A 182 -6.31 15.61 -9.41
N LEU A 183 -7.53 15.23 -9.79
CA LEU A 183 -8.03 15.62 -11.11
C LEU A 183 -8.16 17.12 -11.22
N GLY A 184 -8.59 17.79 -10.15
CA GLY A 184 -8.63 19.24 -10.17
C GLY A 184 -7.25 19.85 -10.32
N ARG A 185 -6.25 19.29 -9.65
CA ARG A 185 -4.88 19.75 -9.84
C ARG A 185 -4.46 19.60 -11.30
N LEU A 186 -4.76 18.45 -11.90
CA LEU A 186 -4.40 18.24 -13.30
C LEU A 186 -5.09 19.25 -14.20
N MET A 187 -6.37 19.53 -13.94
CA MET A 187 -7.07 20.56 -14.69
C MET A 187 -6.44 21.93 -14.49
N GLN A 188 -5.86 22.17 -13.30
CA GLN A 188 -5.11 23.40 -13.07
C GLN A 188 -3.77 23.40 -13.79
N ILE A 189 -3.26 22.23 -14.18
CA ILE A 189 -1.94 22.13 -14.79
C ILE A 189 -2.06 21.51 -16.19
N LYS A 190 -3.15 21.81 -16.89
CA LYS A 190 -3.34 21.33 -18.26
C LYS A 190 -2.11 21.61 -19.13
N ASN A 191 -1.47 20.54 -19.59
CA ASN A 191 -0.37 20.62 -20.56
C ASN A 191 0.55 21.80 -20.28
N GLN A 192 0.93 21.95 -19.02
CA GLN A 192 1.81 23.04 -18.62
C GLN A 192 2.32 22.82 -17.19
N ALA A 211 -0.56 12.78 -27.85
CA ALA A 211 -0.93 12.36 -26.51
C ALA A 211 -2.18 13.10 -26.03
N ASP A 212 -2.83 13.82 -26.95
CA ASP A 212 -4.05 14.54 -26.59
C ASP A 212 -5.22 13.61 -26.30
N GLN A 213 -5.14 12.36 -26.74
CA GLN A 213 -6.19 11.40 -26.39
C GLN A 213 -6.28 11.21 -24.88
N LEU A 214 -5.12 11.17 -24.21
CA LEU A 214 -5.13 11.08 -22.76
C LEU A 214 -5.80 12.30 -22.14
N ALA A 215 -5.53 13.49 -22.68
CA ALA A 215 -6.17 14.69 -22.17
C ALA A 215 -7.69 14.63 -22.36
N SER A 216 -8.14 14.16 -23.52
CA SER A 216 -9.58 14.04 -23.75
C SER A 216 -10.20 13.04 -22.78
N LYS A 217 -9.54 11.90 -22.57
CA LYS A 217 -10.05 10.92 -21.62
C LYS A 217 -10.14 11.50 -20.21
N LEU A 218 -9.10 12.23 -19.79
CA LEU A 218 -9.10 12.85 -18.48
C LEU A 218 -10.24 13.85 -18.36
N GLU A 219 -10.46 14.65 -19.41
CA GLU A 219 -11.56 15.63 -19.37
C GLU A 219 -12.90 14.93 -19.30
N GLU A 220 -13.04 13.79 -19.97
CA GLU A 220 -14.34 13.13 -20.07
C GLU A 220 -14.77 12.52 -18.74
N THR A 221 -13.84 12.05 -17.93
CA THR A 221 -14.19 11.33 -16.70
C THR A 221 -14.44 12.24 -15.52
N LEU A 222 -14.18 13.54 -15.64
CA LEU A 222 -14.37 14.42 -14.48
C LEU A 222 -15.81 14.46 -13.99
N PRO A 223 -16.83 14.58 -14.84
CA PRO A 223 -18.20 14.69 -14.32
C PRO A 223 -18.61 13.51 -13.47
N VAL A 224 -18.23 12.28 -13.85
CA VAL A 224 -18.64 11.12 -13.07
C VAL A 224 -17.94 11.11 -11.71
N ILE A 225 -16.66 11.47 -11.67
CA ILE A 225 -15.96 11.55 -10.40
C ILE A 225 -16.61 12.60 -9.51
N ARG A 226 -16.94 13.75 -10.09
CA ARG A 226 -17.62 14.79 -9.31
C ARG A 226 -18.94 14.28 -8.79
N SER A 227 -19.70 13.56 -9.62
CA SER A 227 -21.00 13.07 -9.20
C SER A 227 -20.88 12.10 -8.05
N VAL A 228 -19.94 11.15 -8.14
CA VAL A 228 -19.79 10.19 -7.05
C VAL A 228 -19.35 10.89 -5.78
N SER A 229 -18.40 11.82 -5.89
CA SER A 229 -17.93 12.53 -4.71
C SER A 229 -19.09 13.28 -4.05
N GLU A 230 -19.92 13.94 -4.85
CA GLU A 230 -21.06 14.66 -4.28
C GLU A 230 -22.04 13.69 -3.64
N GLN A 231 -22.33 12.58 -4.31
CA GLN A 231 -23.30 11.62 -3.78
C GLN A 231 -22.85 11.07 -2.43
N PHE A 232 -21.58 10.69 -2.32
CA PHE A 232 -21.09 10.15 -1.06
C PHE A 232 -21.26 11.14 0.07
N LYS A 233 -21.28 12.44 -0.25
CA LYS A 233 -21.39 13.47 0.76
C LYS A 233 -22.83 13.83 1.10
N ASP A 234 -23.80 13.31 0.36
CA ASP A 234 -25.19 13.66 0.57
C ASP A 234 -25.84 12.68 1.53
N PRO A 235 -26.34 13.12 2.69
CA PRO A 235 -27.01 12.17 3.58
C PRO A 235 -28.20 11.47 2.95
N GLU A 236 -28.94 12.18 2.09
CA GLU A 236 -30.11 11.56 1.48
C GLU A 236 -29.74 10.53 0.42
N GLN A 237 -28.56 10.66 -0.19
CA GLN A 237 -28.14 9.72 -1.21
C GLN A 237 -27.47 8.49 -0.63
N THR A 238 -26.63 8.66 0.40
CA THR A 238 -25.86 7.57 0.95
C THR A 238 -25.92 7.61 2.46
N THR A 239 -25.69 6.45 3.08
CA THR A 239 -25.60 6.35 4.52
C THR A 239 -24.71 5.17 4.86
N PHE A 240 -24.21 5.18 6.09
CA PHE A 240 -23.27 4.17 6.58
C PHE A 240 -23.91 3.44 7.76
N ILE A 241 -23.85 2.12 7.73
CA ILE A 241 -24.35 1.29 8.82
C ILE A 241 -23.15 0.71 9.56
N CYS A 242 -23.09 0.95 10.86
CA CYS A 242 -22.02 0.41 11.69
C CYS A 242 -22.54 -0.82 12.41
N VAL A 243 -21.81 -1.92 12.31
CA VAL A 243 -22.18 -3.18 12.93
C VAL A 243 -21.06 -3.58 13.88
N CYS A 244 -21.43 -3.96 15.10
CA CYS A 244 -20.44 -4.20 16.14
C CYS A 244 -21.01 -5.21 17.13
N ILE A 245 -20.11 -5.81 17.90
CA ILE A 245 -20.48 -6.73 18.97
C ILE A 245 -20.29 -6.01 20.30
N ALA A 246 -20.83 -6.61 21.36
CA ALA A 246 -20.78 -6.02 22.69
C ALA A 246 -19.47 -6.42 23.36
N GLU A 247 -18.40 -5.74 22.98
CA GLU A 247 -17.10 -5.97 23.57
C GLU A 247 -16.28 -4.70 23.51
N PHE A 248 -15.26 -4.62 24.38
CA PHE A 248 -14.42 -3.44 24.44
C PHE A 248 -13.84 -3.11 23.07
N LEU A 249 -13.06 -4.03 22.52
CA LEU A 249 -12.38 -3.76 21.26
C LEU A 249 -13.36 -3.34 20.18
N SER A 250 -14.43 -4.11 20.00
CA SER A 250 -15.40 -3.79 18.97
C SER A 250 -16.07 -2.45 19.24
N LEU A 251 -16.43 -2.19 20.49
CA LEU A 251 -17.10 -0.94 20.81
C LEU A 251 -16.24 0.26 20.43
N TYR A 252 -14.98 0.26 20.87
CA TYR A 252 -14.17 1.45 20.63
C TYR A 252 -13.67 1.52 19.20
N GLU A 253 -13.53 0.37 18.52
CA GLU A 253 -13.28 0.42 17.08
C GLU A 253 -14.44 1.09 16.37
N THR A 254 -15.67 0.74 16.75
CA THR A 254 -16.83 1.39 16.17
C THR A 254 -16.81 2.89 16.45
N GLU A 255 -16.43 3.27 17.67
CA GLU A 255 -16.38 4.69 18.01
C GLU A 255 -15.37 5.42 17.12
N ARG A 256 -14.18 4.84 16.97
CA ARG A 256 -13.18 5.47 16.11
C ARG A 256 -13.67 5.58 14.68
N LEU A 257 -14.32 4.52 14.18
CA LEU A 257 -14.85 4.56 12.83
C LEU A 257 -15.89 5.65 12.68
N ILE A 258 -16.76 5.80 13.68
CA ILE A 258 -17.79 6.84 13.61
C ILE A 258 -17.15 8.22 13.55
N GLN A 259 -16.12 8.44 14.37
CA GLN A 259 -15.44 9.73 14.35
C GLN A 259 -14.78 9.97 13.00
N GLU A 260 -14.19 8.93 12.42
CA GLU A 260 -13.58 9.11 11.10
C GLU A 260 -14.63 9.48 10.07
N LEU A 261 -15.79 8.82 10.10
CA LEU A 261 -16.85 9.19 9.17
C LEU A 261 -17.29 10.63 9.38
N ALA A 262 -17.42 11.05 10.63
CA ALA A 262 -17.71 12.45 10.90
C ALA A 262 -16.68 13.35 10.23
N LYS A 263 -15.41 12.94 10.29
CA LYS A 263 -14.37 13.72 9.60
C LYS A 263 -14.62 13.77 8.10
N CYS A 264 -15.00 12.64 7.51
CA CYS A 264 -15.36 12.62 6.10
C CYS A 264 -16.76 13.14 5.83
N ARG A 265 -17.52 13.47 6.88
CA ARG A 265 -18.87 13.97 6.73
C ARG A 265 -19.74 13.01 5.92
N ILE A 266 -19.61 11.72 6.23
CA ILE A 266 -20.46 10.69 5.65
C ILE A 266 -21.53 10.36 6.68
N ASP A 267 -22.79 10.53 6.30
CA ASP A 267 -23.88 10.38 7.26
C ASP A 267 -23.90 8.97 7.83
N THR A 268 -24.23 8.87 9.11
CA THR A 268 -24.36 7.57 9.78
C THR A 268 -25.14 7.78 11.06
N HIS A 269 -26.32 7.16 11.15
CA HIS A 269 -27.16 7.35 12.32
C HIS A 269 -27.85 6.06 12.74
N ASN A 270 -27.20 4.91 12.54
CA ASN A 270 -27.76 3.67 13.05
C ASN A 270 -26.64 2.63 13.15
N ILE A 271 -26.70 1.83 14.21
CA ILE A 271 -25.70 0.83 14.52
C ILE A 271 -26.40 -0.51 14.70
N ILE A 272 -25.68 -1.58 14.39
CA ILE A 272 -26.19 -2.94 14.50
C ILE A 272 -25.35 -3.67 15.53
N VAL A 273 -25.88 -3.81 16.74
CA VAL A 273 -25.25 -4.65 17.74
C VAL A 273 -25.59 -6.09 17.41
N ASN A 274 -24.57 -6.93 17.26
CA ASN A 274 -24.73 -8.26 16.72
C ASN A 274 -24.14 -9.31 17.65
N GLN A 275 -24.62 -10.53 17.51
CA GLN A 275 -24.10 -11.67 18.26
C GLN A 275 -24.33 -11.50 19.75
N LEU A 276 -25.48 -10.93 20.11
CA LEU A 276 -25.83 -10.82 21.51
C LEU A 276 -26.25 -12.18 22.04
N VAL A 277 -26.15 -12.34 23.37
CA VAL A 277 -26.53 -13.56 24.05
C VAL A 277 -27.49 -13.20 25.17
N PHE A 278 -28.63 -13.89 25.21
CA PHE A 278 -29.63 -13.71 26.27
C PHE A 278 -29.85 -15.05 26.95
N PRO A 279 -29.19 -15.32 28.08
CA PRO A 279 -29.36 -16.63 28.71
C PRO A 279 -30.82 -16.88 29.07
N ASP A 280 -31.25 -18.12 28.87
CA ASP A 280 -32.60 -18.51 29.27
C ASP A 280 -32.71 -18.48 30.79
N ASN A 281 -33.85 -17.99 31.28
CA ASN A 281 -34.04 -17.90 32.73
C ASN A 281 -34.00 -19.26 33.41
N GLU A 282 -34.19 -20.34 32.64
CA GLU A 282 -34.33 -21.66 33.25
C GLU A 282 -32.99 -22.22 33.68
N ARG A 283 -32.08 -22.42 32.73
CA ARG A 283 -30.81 -23.12 32.99
C ARG A 283 -29.66 -22.31 32.40
N PRO A 284 -29.40 -21.12 32.93
CA PRO A 284 -28.23 -20.35 32.48
C PRO A 284 -26.94 -21.00 32.97
N CYS A 285 -26.04 -21.27 32.03
CA CYS A 285 -24.77 -21.88 32.35
C CYS A 285 -23.71 -20.82 32.61
N LYS A 286 -22.55 -21.25 33.10
CA LYS A 286 -21.53 -20.32 33.55
C LYS A 286 -21.09 -19.39 32.43
N MET A 287 -20.71 -19.95 31.28
CA MET A 287 -20.19 -19.12 30.20
C MET A 287 -21.24 -18.14 29.73
N CYS A 288 -22.49 -18.59 29.57
CA CYS A 288 -23.54 -17.69 29.16
C CYS A 288 -23.73 -16.57 30.18
N GLU A 289 -23.67 -16.91 31.47
CA GLU A 289 -23.85 -15.89 32.49
C GLU A 289 -22.76 -14.82 32.41
N ALA A 290 -21.50 -15.25 32.37
CA ALA A 290 -20.41 -14.27 32.32
C ALA A 290 -20.47 -13.44 31.05
N ARG A 291 -20.72 -14.09 29.91
CA ARG A 291 -20.79 -13.36 28.65
C ARG A 291 -21.94 -12.37 28.67
N HIS A 292 -23.08 -12.75 29.26
CA HIS A 292 -24.19 -11.82 29.35
C HIS A 292 -23.82 -10.63 30.22
N LYS A 293 -23.10 -10.86 31.31
CA LYS A 293 -22.66 -9.74 32.14
C LYS A 293 -21.80 -8.78 31.33
N ILE A 294 -20.82 -9.30 30.61
CA ILE A 294 -19.92 -8.44 29.84
C ILE A 294 -20.71 -7.68 28.78
N GLN A 295 -21.57 -8.39 28.06
CA GLN A 295 -22.34 -7.76 27.00
C GLN A 295 -23.29 -6.72 27.56
N SER A 296 -23.87 -6.96 28.73
CA SER A 296 -24.72 -5.95 29.34
C SER A 296 -23.93 -4.69 29.67
N LYS A 297 -22.73 -4.86 30.24
CA LYS A 297 -21.92 -3.69 30.53
C LYS A 297 -21.66 -2.88 29.27
N TYR A 298 -21.15 -3.54 28.23
CA TYR A 298 -20.76 -2.79 27.05
C TYR A 298 -21.97 -2.30 26.26
N LEU A 299 -23.11 -2.98 26.35
CA LEU A 299 -24.31 -2.50 25.69
C LEU A 299 -24.87 -1.28 26.39
N ASP A 300 -24.80 -1.24 27.72
CA ASP A 300 -25.14 -0.02 28.42
C ASP A 300 -24.21 1.11 28.03
N GLN A 301 -22.92 0.81 27.90
CA GLN A 301 -21.97 1.81 27.40
C GLN A 301 -22.43 2.34 26.05
N MET A 302 -22.77 1.43 25.13
CA MET A 302 -23.19 1.85 23.79
C MET A 302 -24.45 2.70 23.86
N GLU A 303 -25.42 2.29 24.67
CA GLU A 303 -26.65 3.05 24.76
C GLU A 303 -26.39 4.46 25.25
N ASP A 304 -25.52 4.60 26.25
CA ASP A 304 -25.18 5.93 26.73
C ASP A 304 -24.43 6.73 25.68
N LEU A 305 -23.53 6.10 24.93
CA LEU A 305 -22.65 6.82 24.02
C LEU A 305 -23.32 7.29 22.75
N TYR A 306 -24.38 6.61 22.30
CA TYR A 306 -24.84 6.79 20.92
C TYR A 306 -26.30 7.22 20.84
N GLU A 307 -26.68 8.24 21.60
CA GLU A 307 -27.97 8.88 21.39
C GLU A 307 -28.06 9.30 19.93
N ASP A 308 -29.26 9.50 19.41
CA ASP A 308 -29.46 9.91 18.03
C ASP A 308 -28.90 8.88 17.05
N PHE A 309 -28.89 7.61 17.47
CA PHE A 309 -28.59 6.49 16.60
C PHE A 309 -29.63 5.42 16.84
N HIS A 310 -30.04 4.73 15.77
CA HIS A 310 -30.92 3.58 15.89
C HIS A 310 -30.05 2.36 16.17
N ILE A 311 -30.06 1.89 17.41
CA ILE A 311 -29.20 0.79 17.83
C ILE A 311 -30.05 -0.47 17.77
N VAL A 312 -29.99 -1.15 16.63
CA VAL A 312 -30.75 -2.37 16.43
C VAL A 312 -29.93 -3.54 16.94
N LYS A 313 -30.56 -4.39 17.75
CA LYS A 313 -29.87 -5.47 18.45
C LYS A 313 -30.27 -6.81 17.85
N LEU A 314 -29.28 -7.63 17.53
CA LEU A 314 -29.48 -8.93 16.92
C LEU A 314 -28.88 -10.02 17.81
N PRO A 315 -29.60 -11.10 18.08
CA PRO A 315 -29.07 -12.13 18.96
C PRO A 315 -28.16 -13.09 18.23
N LEU A 316 -27.52 -13.96 19.00
CA LEU A 316 -26.66 -15.00 18.45
C LEU A 316 -27.50 -16.25 18.19
N LEU A 317 -27.74 -16.54 16.94
CA LEU A 317 -28.60 -17.66 16.62
C LEU A 317 -27.89 -18.98 16.90
N PRO A 318 -28.65 -20.04 17.20
CA PRO A 318 -28.05 -21.35 17.46
C PRO A 318 -27.73 -22.17 16.23
N HIS A 319 -27.87 -21.60 15.03
CA HIS A 319 -27.62 -22.34 13.81
C HIS A 319 -26.85 -21.46 12.84
N GLU A 320 -26.11 -22.09 11.94
CA GLU A 320 -25.36 -21.34 10.94
C GLU A 320 -26.30 -20.46 10.14
N VAL A 321 -25.90 -19.20 9.93
CA VAL A 321 -26.67 -18.27 9.13
C VAL A 321 -26.08 -18.32 7.72
N ARG A 322 -26.59 -19.25 6.92
CA ARG A 322 -26.18 -19.38 5.53
C ARG A 322 -27.34 -19.91 4.72
N GLY A 323 -27.41 -19.48 3.46
CA GLY A 323 -28.49 -19.88 2.59
C GLY A 323 -29.63 -18.88 2.59
N ALA A 324 -30.41 -18.90 1.52
CA ALA A 324 -31.45 -17.90 1.33
C ALA A 324 -32.47 -17.95 2.47
N ASP A 325 -32.91 -19.16 2.84
CA ASP A 325 -33.92 -19.28 3.88
C ASP A 325 -33.41 -18.78 5.22
N LYS A 326 -32.22 -19.23 5.62
CA LYS A 326 -31.66 -18.80 6.90
C LYS A 326 -31.44 -17.30 6.92
N VAL A 327 -30.89 -16.75 5.83
CA VAL A 327 -30.63 -15.33 5.79
C VAL A 327 -31.93 -14.55 5.85
N ASN A 328 -32.96 -15.02 5.16
CA ASN A 328 -34.25 -14.35 5.21
C ASN A 328 -34.82 -14.35 6.62
N THR A 329 -34.76 -15.50 7.29
CA THR A 329 -35.26 -15.57 8.65
C THR A 329 -34.48 -14.63 9.56
N PHE A 330 -33.16 -14.60 9.41
CA PHE A 330 -32.35 -13.72 10.24
C PHE A 330 -32.68 -12.25 9.97
N SER A 331 -32.88 -11.90 8.70
CA SER A 331 -33.17 -10.51 8.35
C SER A 331 -34.54 -10.09 8.88
N LYS A 332 -35.49 -11.02 8.97
CA LYS A 332 -36.82 -10.65 9.43
C LYS A 332 -36.75 -9.88 10.73
N GLN A 333 -36.01 -10.38 11.71
CA GLN A 333 -35.88 -9.69 12.98
C GLN A 333 -35.00 -8.45 12.89
N LEU A 334 -34.19 -8.32 11.84
CA LEU A 334 -33.40 -7.11 11.68
C LEU A 334 -34.27 -5.88 11.51
N LEU A 335 -35.53 -6.06 11.13
CA LEU A 335 -36.50 -4.97 11.01
C LEU A 335 -37.54 -4.99 12.10
N GLU A 336 -37.90 -6.17 12.59
CA GLU A 336 -38.80 -6.29 13.73
C GLU A 336 -37.99 -6.19 15.02
N PRO A 337 -38.28 -5.23 15.90
CA PRO A 337 -37.45 -5.10 17.11
C PRO A 337 -37.40 -6.38 17.92
N TYR A 338 -36.22 -7.00 17.98
CA TYR A 338 -36.09 -8.25 18.70
C TYR A 338 -36.19 -8.03 20.20
N SER A 339 -36.80 -8.99 20.89
CA SER A 339 -36.90 -8.96 22.32
C SER A 339 -36.75 -10.39 22.82
N PRO A 340 -35.93 -10.62 23.85
CA PRO A 340 -35.75 -11.99 24.32
C PRO A 340 -37.05 -12.53 24.89
N PRO A 341 -37.28 -13.85 24.77
CA PRO A 341 -38.50 -14.43 25.36
C PRO A 341 -38.60 -14.19 26.86
N GLU B 18 0.20 -39.66 17.24
CA GLU B 18 0.38 -39.86 15.81
C GLU B 18 0.31 -38.53 15.05
N PRO B 19 -0.73 -37.73 15.27
CA PRO B 19 -0.80 -36.42 14.62
C PRO B 19 0.21 -35.46 15.24
N LEU B 20 0.37 -34.32 14.57
CA LEU B 20 1.26 -33.29 15.09
C LEU B 20 0.72 -32.75 16.40
N GLU B 21 1.62 -32.33 17.27
CA GLU B 21 1.24 -31.87 18.59
C GLU B 21 0.36 -30.62 18.45
N PRO B 22 -0.79 -30.57 19.12
CA PRO B 22 -1.65 -29.38 19.03
C PRO B 22 -1.18 -28.22 19.91
N THR B 23 0.09 -27.85 19.75
CA THR B 23 0.65 -26.72 20.48
C THR B 23 1.64 -26.02 19.58
N LEU B 24 1.88 -24.74 19.88
CA LEU B 24 2.86 -23.95 19.15
C LEU B 24 4.27 -24.16 19.65
N LYS B 25 4.52 -25.27 20.34
CA LYS B 25 5.85 -25.52 20.89
C LYS B 25 6.91 -25.40 19.82
N ASN B 26 6.60 -25.79 18.58
CA ASN B 26 7.58 -25.67 17.52
C ASN B 26 8.01 -24.23 17.33
N ILE B 27 7.06 -23.30 17.37
CA ILE B 27 7.41 -21.89 17.19
C ILE B 27 8.37 -21.42 18.28
N ILE B 28 8.09 -21.78 19.53
CA ILE B 28 8.99 -21.40 20.61
C ILE B 28 10.36 -22.03 20.40
N GLU B 29 10.39 -23.31 20.02
CA GLU B 29 11.65 -24.02 19.91
C GLU B 29 12.49 -23.49 18.76
N GLN B 30 11.86 -23.14 17.63
CA GLN B 30 12.62 -22.75 16.45
C GLN B 30 13.21 -21.36 16.64
N LYS B 31 14.41 -21.30 17.22
CA LYS B 31 15.03 -20.01 17.51
C LYS B 31 15.47 -19.28 16.26
N SER B 32 15.68 -19.99 15.15
CA SER B 32 16.02 -19.34 13.90
C SER B 32 14.90 -18.45 13.38
N LEU B 33 13.69 -18.62 13.91
CA LEU B 33 12.55 -17.86 13.43
C LEU B 33 12.68 -16.39 13.82
N LYS B 34 12.48 -15.51 12.85
CA LYS B 34 12.61 -14.07 13.06
C LYS B 34 11.29 -13.33 12.89
N TRP B 35 10.60 -13.57 11.78
CA TRP B 35 9.37 -12.86 11.45
C TRP B 35 8.20 -13.82 11.54
N ILE B 36 7.18 -13.44 12.31
CA ILE B 36 6.00 -14.26 12.52
C ILE B 36 4.79 -13.43 12.14
N PHE B 37 3.97 -13.97 11.24
CA PHE B 37 2.74 -13.31 10.81
C PHE B 37 1.54 -14.07 11.32
N VAL B 38 0.53 -13.35 11.77
CA VAL B 38 -0.74 -13.92 12.20
C VAL B 38 -1.84 -13.34 11.33
N GLY B 39 -2.68 -14.21 10.78
CA GLY B 39 -3.72 -13.79 9.88
C GLY B 39 -4.89 -14.75 9.90
N GLY B 40 -5.91 -14.42 9.14
CA GLY B 40 -7.13 -15.19 9.08
C GLY B 40 -8.31 -14.28 8.86
N LYS B 41 -9.50 -14.83 9.06
CA LYS B 41 -10.71 -14.04 8.93
C LYS B 41 -10.75 -12.97 10.02
N GLY B 42 -11.44 -11.87 9.72
CA GLY B 42 -11.59 -10.82 10.71
C GLY B 42 -12.33 -11.31 11.94
N GLY B 43 -11.88 -10.87 13.11
CA GLY B 43 -12.56 -11.16 14.36
C GLY B 43 -12.30 -12.53 14.92
N VAL B 44 -11.47 -13.35 14.28
CA VAL B 44 -11.17 -14.67 14.82
C VAL B 44 -10.38 -14.54 16.12
N GLY B 45 -9.57 -13.49 16.24
CA GLY B 45 -8.73 -13.34 17.42
C GLY B 45 -7.26 -13.14 17.08
N LYS B 46 -6.99 -12.67 15.86
CA LYS B 46 -5.61 -12.44 15.47
C LYS B 46 -4.91 -11.54 16.47
N THR B 47 -5.55 -10.46 16.89
CA THR B 47 -4.89 -9.54 17.81
C THR B 47 -4.57 -10.22 19.14
N THR B 48 -5.57 -10.84 19.76
CA THR B 48 -5.33 -11.48 21.05
C THR B 48 -4.37 -12.65 20.92
N CYS B 49 -4.54 -13.47 19.88
CA CYS B 49 -3.65 -14.62 19.71
C CYS B 49 -2.22 -14.17 19.47
N SER B 50 -2.02 -13.13 18.68
CA SER B 50 -0.68 -12.62 18.43
C SER B 50 -0.07 -12.05 19.70
N CYS B 51 -0.87 -11.32 20.50
CA CYS B 51 -0.35 -10.82 21.77
C CYS B 51 0.05 -11.99 22.67
N SER B 52 -0.77 -13.03 22.72
CA SER B 52 -0.42 -14.20 23.51
C SER B 52 0.87 -14.82 23.03
N LEU B 53 1.03 -14.97 21.71
CA LEU B 53 2.24 -15.56 21.17
C LEU B 53 3.46 -14.70 21.51
N ALA B 54 3.33 -13.39 21.41
CA ALA B 54 4.44 -12.51 21.75
C ALA B 54 4.80 -12.64 23.23
N VAL B 55 3.79 -12.73 24.09
CA VAL B 55 4.07 -12.88 25.51
C VAL B 55 4.81 -14.18 25.77
N GLN B 56 4.37 -15.28 25.13
CA GLN B 56 5.08 -16.54 25.30
C GLN B 56 6.51 -16.43 24.81
N LEU B 57 6.71 -15.80 23.66
CA LEU B 57 8.06 -15.69 23.11
C LEU B 57 8.97 -14.89 24.04
N ALA B 58 8.45 -13.79 24.59
CA ALA B 58 9.27 -12.95 25.45
C ALA B 58 9.88 -13.74 26.59
N ALA B 59 9.20 -14.80 27.04
CA ALA B 59 9.75 -15.64 28.10
C ALA B 59 10.94 -16.47 27.65
N VAL B 60 11.24 -16.51 26.35
CA VAL B 60 12.32 -17.34 25.82
C VAL B 60 13.34 -16.51 25.06
N ARG B 61 12.90 -15.74 24.07
CA ARG B 61 13.82 -14.92 23.31
C ARG B 61 14.35 -13.77 24.17
N GLU B 62 15.41 -13.13 23.68
CA GLU B 62 15.98 -12.00 24.42
C GLU B 62 15.12 -10.76 24.28
N SER B 63 14.63 -10.47 23.07
CA SER B 63 13.80 -9.29 22.87
C SER B 63 12.77 -9.61 21.79
N VAL B 64 11.52 -9.22 22.05
CA VAL B 64 10.41 -9.53 21.17
C VAL B 64 9.62 -8.25 20.91
N LEU B 65 9.27 -8.02 19.66
CA LEU B 65 8.47 -6.87 19.27
C LEU B 65 7.15 -7.36 18.66
N ILE B 66 6.12 -6.56 18.79
CA ILE B 66 4.82 -6.81 18.17
C ILE B 66 4.42 -5.55 17.41
N ILE B 67 3.97 -5.73 16.17
CA ILE B 67 3.65 -4.64 15.27
C ILE B 67 2.20 -4.81 14.83
N SER B 68 1.42 -3.75 14.94
CA SER B 68 0.03 -3.78 14.51
C SER B 68 -0.10 -3.01 13.20
N THR B 69 0.09 -3.71 12.09
CA THR B 69 -0.12 -3.10 10.78
C THR B 69 -1.58 -2.78 10.51
N ASN B 70 -2.49 -3.42 11.23
CA ASN B 70 -3.91 -3.20 11.05
C ASN B 70 -4.27 -1.76 11.38
N PRO B 71 -4.78 -0.98 10.44
CA PRO B 71 -5.25 0.37 10.79
C PRO B 71 -6.40 0.26 11.78
N ALA B 72 -6.53 1.29 12.62
CA ALA B 72 -7.38 1.21 13.80
C ALA B 72 -6.90 0.06 14.69
N HIS B 73 -5.68 0.23 15.18
CA HIS B 73 -4.96 -0.85 15.83
C HIS B 73 -5.58 -1.17 17.18
N ASN B 74 -5.54 -2.46 17.54
CA ASN B 74 -6.16 -2.94 18.76
C ASN B 74 -5.18 -3.44 19.80
N ILE B 75 -3.91 -3.63 19.45
CA ILE B 75 -2.97 -4.17 20.43
C ILE B 75 -2.94 -3.32 21.68
N SER B 76 -3.13 -2.01 21.54
CA SER B 76 -3.29 -1.16 22.71
C SER B 76 -4.46 -1.65 23.55
N ASP B 77 -5.59 -1.93 22.91
CA ASP B 77 -6.73 -2.45 23.66
C ASP B 77 -6.41 -3.82 24.25
N ALA B 78 -5.73 -4.67 23.50
CA ALA B 78 -5.44 -6.01 24.00
C ALA B 78 -4.61 -5.94 25.28
N PHE B 79 -3.59 -5.09 25.29
CA PHE B 79 -2.73 -4.95 26.46
C PHE B 79 -3.19 -3.86 27.40
N ASP B 80 -4.26 -3.14 27.07
CA ASP B 80 -4.79 -2.09 27.94
C ASP B 80 -3.71 -1.06 28.26
N GLN B 81 -2.90 -0.73 27.25
CA GLN B 81 -1.79 0.19 27.43
C GLN B 81 -1.46 0.79 26.08
N LYS B 82 -1.75 2.08 25.91
CA LYS B 82 -1.57 2.69 24.60
C LYS B 82 -0.12 2.65 24.17
N PHE B 83 0.09 2.52 22.87
CA PHE B 83 1.42 2.42 22.29
C PHE B 83 1.59 3.48 21.21
N SER B 84 2.79 4.04 21.13
CA SER B 84 3.10 5.06 20.14
C SER B 84 3.65 4.40 18.88
N LYS B 85 3.84 5.23 17.85
CA LYS B 85 4.36 4.70 16.59
C LYS B 85 5.76 4.15 16.76
N VAL B 86 6.60 4.85 17.53
CA VAL B 86 7.90 4.30 17.89
C VAL B 86 7.70 3.16 18.88
N PRO B 87 8.47 2.08 18.82
CA PRO B 87 8.27 0.98 19.77
C PRO B 87 8.43 1.47 21.21
N THR B 88 7.61 0.92 22.08
CA THR B 88 7.66 1.23 23.51
C THR B 88 7.62 -0.06 24.30
N LYS B 89 8.21 -0.02 25.48
CA LYS B 89 8.20 -1.19 26.36
C LYS B 89 6.79 -1.47 26.85
N VAL B 90 6.44 -2.75 26.89
CA VAL B 90 5.12 -3.15 27.38
C VAL B 90 5.18 -3.33 28.89
N LYS B 91 4.24 -2.72 29.59
CA LYS B 91 4.24 -2.78 31.05
C LYS B 91 4.23 -4.22 31.52
N GLY B 92 5.05 -4.51 32.53
CA GLY B 92 5.09 -5.82 33.12
C GLY B 92 5.99 -6.82 32.42
N TYR B 93 6.79 -6.38 31.44
CA TYR B 93 7.69 -7.28 30.74
C TYR B 93 8.98 -6.53 30.44
N ASP B 94 10.11 -7.21 30.65
CA ASP B 94 11.41 -6.56 30.56
C ASP B 94 11.91 -6.45 29.13
N ASN B 95 11.34 -7.20 28.19
CA ASN B 95 11.88 -7.23 26.84
C ASN B 95 10.79 -7.26 25.77
N LEU B 96 9.53 -7.04 26.12
CA LEU B 96 8.44 -7.05 25.15
C LEU B 96 8.13 -5.62 24.74
N PHE B 97 8.07 -5.39 23.43
CA PHE B 97 7.83 -4.06 22.90
C PHE B 97 6.69 -4.12 21.89
N ALA B 98 5.97 -2.99 21.77
CA ALA B 98 4.82 -2.93 20.89
C ALA B 98 4.85 -1.64 20.09
N MET B 99 4.27 -1.68 18.89
CA MET B 99 4.16 -0.47 18.09
C MET B 99 2.98 -0.59 17.14
N GLU B 100 2.39 0.56 16.85
CA GLU B 100 1.28 0.69 15.91
C GLU B 100 1.77 1.47 14.70
N ILE B 101 1.68 0.87 13.53
CA ILE B 101 2.16 1.53 12.32
C ILE B 101 1.41 2.84 12.12
N ASP B 102 2.07 3.77 11.42
CA ASP B 102 1.46 5.06 11.12
C ASP B 102 0.95 5.04 9.67
N PRO B 103 -0.36 5.11 9.43
CA PRO B 103 -0.83 5.17 8.05
C PRO B 103 -0.38 6.42 7.31
N SER B 104 -0.02 7.48 8.03
CA SER B 104 0.45 8.72 7.43
C SER B 104 1.96 8.67 7.24
N LEU B 105 2.48 9.58 6.44
CA LEU B 105 3.92 9.69 6.27
C LEU B 105 4.52 10.54 7.38
N GLY B 106 5.78 10.25 7.70
CA GLY B 106 6.48 10.99 8.74
C GLY B 106 6.87 12.38 8.29
N VAL B 107 5.87 13.22 8.03
CA VAL B 107 6.11 14.57 7.53
C VAL B 107 6.45 15.57 8.62
N ALA B 108 6.42 15.15 9.88
CA ALA B 108 6.75 16.06 10.97
C ALA B 108 8.21 16.50 10.87
N GLU B 109 8.45 17.79 11.12
CA GLU B 109 9.77 18.37 11.05
C GLU B 109 9.67 19.84 11.47
N LEU B 110 10.81 20.44 11.76
CA LEU B 110 10.84 21.84 12.13
C LEU B 110 10.26 22.68 10.98
N PRO B 111 9.60 23.79 11.30
CA PRO B 111 8.85 24.52 10.26
C PRO B 111 9.71 24.92 9.08
N ASP B 112 10.94 25.37 9.31
CA ASP B 112 11.84 25.77 8.24
C ASP B 112 13.17 26.16 8.86
N GLU B 113 14.17 26.32 8.00
CA GLU B 113 15.46 26.83 8.43
C GLU B 113 15.43 28.35 8.51
N PHE B 114 16.47 28.91 9.09
CA PHE B 114 16.69 30.36 9.16
C PHE B 114 17.33 30.92 7.89
N PHE B 115 17.22 30.20 6.77
CA PHE B 115 17.59 30.70 5.46
C PHE B 115 16.81 29.92 4.40
N GLU B 116 17.00 30.31 3.15
CA GLU B 116 16.39 29.60 2.04
C GLU B 116 16.83 28.14 2.08
N GLU B 117 16.12 27.27 1.37
CA GLU B 117 16.30 25.83 1.49
C GLU B 117 16.32 25.21 0.09
N ASP B 118 16.21 23.88 0.04
CA ASP B 118 16.16 23.17 -1.23
C ASP B 118 14.73 23.09 -1.73
N ASN B 119 13.91 24.09 -1.37
CA ASN B 119 12.49 24.12 -1.70
C ASN B 119 12.24 23.71 -3.15
N MET B 120 13.14 24.06 -4.06
CA MET B 120 12.94 23.71 -5.46
C MET B 120 12.80 22.20 -5.62
N LEU B 121 13.48 21.43 -4.78
CA LEU B 121 13.34 19.98 -4.78
C LEU B 121 12.34 19.49 -3.74
N SER B 122 12.38 20.05 -2.54
CA SER B 122 11.53 19.58 -1.45
C SER B 122 10.04 19.81 -1.73
N MET B 123 9.70 20.78 -2.59
CA MET B 123 8.29 21.10 -2.79
C MET B 123 7.56 19.96 -3.50
N GLY B 124 8.21 19.37 -4.50
CA GLY B 124 7.61 18.21 -5.16
C GLY B 124 7.43 17.04 -4.22
N LYS B 125 8.42 16.79 -3.37
CA LYS B 125 8.29 15.73 -2.38
C LYS B 125 7.14 16.02 -1.42
N LYS B 126 6.99 17.28 -1.00
CA LYS B 126 5.91 17.64 -0.10
C LYS B 126 4.54 17.45 -0.78
N MET B 127 4.43 17.82 -2.06
CA MET B 127 3.20 17.56 -2.78
C MET B 127 2.93 16.06 -2.87
N MET B 128 3.96 15.26 -3.13
CA MET B 128 3.78 13.81 -3.21
C MET B 128 3.30 13.25 -1.88
N GLN B 129 3.89 13.73 -0.79
CA GLN B 129 3.45 13.28 0.54
C GLN B 129 2.01 13.68 0.81
N GLU B 130 1.64 14.92 0.46
CA GLU B 130 0.27 15.36 0.64
C GLU B 130 -0.70 14.48 -0.14
N ALA B 131 -0.35 14.16 -1.38
CA ALA B 131 -1.22 13.34 -2.22
C ALA B 131 -1.34 11.92 -1.68
N MET B 132 -0.22 11.31 -1.30
CA MET B 132 -0.21 9.92 -0.89
C MET B 132 -0.53 9.72 0.59
N SER B 133 -0.79 10.80 1.34
CA SER B 133 -1.15 10.64 2.74
C SER B 133 -2.34 9.71 2.92
N ALA B 134 -3.37 9.86 2.09
CA ALA B 134 -4.58 9.05 2.21
C ALA B 134 -4.72 8.06 1.06
N PHE B 135 -3.64 7.75 0.36
CA PHE B 135 -3.71 6.80 -0.73
C PHE B 135 -4.13 5.43 -0.18
N PRO B 136 -5.00 4.69 -0.88
CA PRO B 136 -5.53 3.46 -0.29
C PRO B 136 -4.46 2.47 0.14
N GLY B 137 -3.39 2.34 -0.64
CA GLY B 137 -2.32 1.41 -0.28
C GLY B 137 -1.28 1.97 0.66
N ILE B 138 -1.46 3.19 1.14
CA ILE B 138 -0.42 3.85 1.93
C ILE B 138 -0.17 3.09 3.23
N ASP B 139 -1.22 2.48 3.80
CA ASP B 139 -1.07 1.78 5.07
C ASP B 139 -0.06 0.66 4.95
N GLU B 140 -0.26 -0.23 3.97
CA GLU B 140 0.64 -1.36 3.80
C GLU B 140 2.00 -0.88 3.28
N ALA B 141 2.02 0.21 2.53
CA ALA B 141 3.29 0.77 2.07
C ALA B 141 4.15 1.22 3.25
N MET B 142 3.54 1.93 4.20
CA MET B 142 4.28 2.33 5.40
C MET B 142 4.64 1.12 6.23
N SER B 143 3.79 0.09 6.23
CA SER B 143 4.15 -1.15 6.92
C SER B 143 5.44 -1.73 6.34
N TYR B 144 5.53 -1.77 5.01
CA TYR B 144 6.74 -2.28 4.37
C TYR B 144 7.93 -1.37 4.67
N ALA B 145 7.71 -0.06 4.68
CA ALA B 145 8.79 0.86 5.00
C ALA B 145 9.34 0.60 6.40
N GLU B 146 8.45 0.36 7.36
CA GLU B 146 8.89 0.11 8.72
C GLU B 146 9.55 -1.26 8.83
N VAL B 147 9.10 -2.23 8.03
CA VAL B 147 9.78 -3.52 7.97
C VAL B 147 11.22 -3.33 7.50
N MET B 148 11.39 -2.52 6.45
CA MET B 148 12.75 -2.22 5.97
C MET B 148 13.56 -1.53 7.05
N ARG B 149 12.95 -0.57 7.75
CA ARG B 149 13.65 0.13 8.82
C ARG B 149 14.12 -0.85 9.89
N LEU B 150 13.27 -1.80 10.26
CA LEU B 150 13.63 -2.78 11.27
C LEU B 150 14.75 -3.70 10.76
N VAL B 151 14.65 -4.13 9.50
CA VAL B 151 15.71 -4.95 8.94
C VAL B 151 17.04 -4.23 9.02
N LYS B 152 17.03 -2.92 8.71
CA LYS B 152 18.24 -2.12 8.89
C LYS B 152 18.67 -2.11 10.35
N GLY B 153 17.72 -1.92 11.27
CA GLY B 153 18.07 -1.81 12.67
C GLY B 153 18.55 -3.13 13.25
N MET B 154 17.91 -4.23 12.88
CA MET B 154 18.22 -5.53 13.47
C MET B 154 18.14 -5.46 14.99
N ASN B 155 17.15 -4.71 15.47
CA ASN B 155 17.08 -4.38 16.89
C ASN B 155 16.47 -5.50 17.71
N PHE B 156 15.33 -6.03 17.27
CA PHE B 156 14.57 -7.02 18.02
C PHE B 156 14.82 -8.41 17.48
N SER B 157 14.91 -9.38 18.40
CA SER B 157 15.23 -10.75 17.99
C SER B 157 14.14 -11.32 17.09
N VAL B 158 12.88 -11.12 17.46
CA VAL B 158 11.75 -11.59 16.66
C VAL B 158 10.61 -10.59 16.75
N VAL B 159 9.91 -10.44 15.64
CA VAL B 159 8.80 -9.49 15.52
C VAL B 159 7.56 -10.24 15.07
N VAL B 160 6.47 -10.03 15.78
CA VAL B 160 5.17 -10.60 15.46
C VAL B 160 4.33 -9.52 14.79
N PHE B 161 3.40 -9.95 13.94
CA PHE B 161 2.60 -9.03 13.15
C PHE B 161 1.11 -9.28 13.37
N ASP B 162 0.35 -8.20 13.34
CA ASP B 162 -1.11 -8.25 13.32
C ASP B 162 -1.57 -7.68 11.99
N THR B 163 -2.37 -8.45 11.24
CA THR B 163 -2.85 -8.04 9.93
C THR B 163 -4.35 -8.31 9.87
N ALA B 164 -5.12 -7.27 9.54
CA ALA B 164 -6.57 -7.34 9.71
C ALA B 164 -7.24 -8.31 8.74
N PRO B 165 -7.27 -8.04 7.44
CA PRO B 165 -7.94 -8.99 6.56
C PRO B 165 -6.97 -9.99 5.98
N THR B 166 -7.49 -10.99 5.27
CA THR B 166 -6.60 -11.90 4.57
C THR B 166 -6.02 -11.25 3.32
N GLY B 167 -6.85 -10.52 2.57
CA GLY B 167 -6.38 -10.00 1.29
C GLY B 167 -5.23 -9.02 1.44
N HIS B 168 -5.35 -8.07 2.36
CA HIS B 168 -4.30 -7.09 2.51
C HIS B 168 -3.07 -7.70 3.16
N THR B 169 -3.25 -8.71 4.00
CA THR B 169 -2.10 -9.47 4.47
C THR B 169 -1.36 -10.10 3.29
N LEU B 170 -2.10 -10.66 2.34
CA LEU B 170 -1.48 -11.24 1.16
C LEU B 170 -0.75 -10.18 0.35
N ARG B 171 -1.34 -9.00 0.20
CA ARG B 171 -0.67 -7.92 -0.53
C ARG B 171 0.63 -7.54 0.15
N LEU B 172 0.61 -7.39 1.48
CA LEU B 172 1.82 -7.07 2.21
C LEU B 172 2.88 -8.13 2.00
N LEU B 173 2.49 -9.41 2.11
CA LEU B 173 3.44 -10.49 1.88
C LEU B 173 3.96 -10.47 0.45
N ASN B 174 3.15 -10.03 -0.50
CA ASN B 174 3.56 -10.01 -1.89
C ASN B 174 4.55 -8.89 -2.18
N PHE B 175 4.48 -7.80 -1.41
CA PHE B 175 5.35 -6.65 -1.69
C PHE B 175 6.77 -7.04 -2.05
N PRO B 176 7.52 -7.70 -1.17
CA PRO B 176 8.94 -7.94 -1.48
C PRO B 176 9.18 -8.38 -2.91
N THR B 177 8.43 -9.38 -3.39
CA THR B 177 8.62 -9.88 -4.75
C THR B 177 8.42 -8.77 -5.77
N ILE B 178 7.27 -8.08 -5.70
CA ILE B 178 6.94 -7.12 -6.74
C ILE B 178 7.85 -5.91 -6.68
N VAL B 179 8.16 -5.44 -5.48
CA VAL B 179 9.05 -4.29 -5.33
C VAL B 179 10.45 -4.63 -5.84
N GLU B 180 10.94 -5.84 -5.52
CA GLU B 180 12.26 -6.24 -6.02
C GLU B 180 12.28 -6.32 -7.53
N ARG B 181 11.23 -6.91 -8.13
CA ARG B 181 11.17 -6.98 -9.58
C ARG B 181 11.13 -5.59 -10.19
N GLY B 182 10.31 -4.70 -9.63
CA GLY B 182 10.24 -3.35 -10.15
C GLY B 182 11.55 -2.61 -10.02
N LEU B 183 12.24 -2.80 -8.90
CA LEU B 183 13.54 -2.16 -8.71
C LEU B 183 14.56 -2.68 -9.72
N GLY B 184 14.56 -3.98 -9.97
CA GLY B 184 15.45 -4.53 -10.98
C GLY B 184 15.17 -3.95 -12.36
N ARG B 185 13.89 -3.92 -12.75
CA ARG B 185 13.54 -3.36 -14.05
C ARG B 185 13.91 -1.88 -14.13
N LEU B 186 13.72 -1.15 -13.03
CA LEU B 186 14.09 0.26 -13.03
C LEU B 186 15.59 0.43 -13.18
N MET B 187 16.38 -0.45 -12.56
CA MET B 187 17.82 -0.39 -12.75
C MET B 187 18.19 -0.66 -14.21
N GLN B 188 17.55 -1.65 -14.83
CA GLN B 188 17.83 -1.93 -16.23
C GLN B 188 17.49 -0.73 -17.10
N ILE B 189 16.37 -0.07 -16.81
CA ILE B 189 16.00 1.12 -17.58
C ILE B 189 16.95 2.26 -17.30
N LYS B 190 17.44 2.39 -16.07
CA LYS B 190 18.33 3.48 -15.71
C LYS B 190 19.67 3.36 -16.42
N ASN B 191 20.30 2.19 -16.35
CA ASN B 191 21.58 2.01 -17.02
C ASN B 191 21.44 1.95 -18.53
N GLN B 192 20.22 1.88 -19.04
CA GLN B 192 19.96 1.90 -20.48
C GLN B 192 20.74 3.03 -21.15
N ASP B 212 19.91 11.58 -11.80
CA ASP B 212 21.25 11.01 -11.90
C ASP B 212 21.76 10.58 -10.53
N GLN B 213 21.72 11.50 -9.57
CA GLN B 213 22.17 11.17 -8.22
C GLN B 213 21.25 10.16 -7.55
N LEU B 214 19.96 10.20 -7.89
CA LEU B 214 19.00 9.31 -7.23
C LEU B 214 19.32 7.85 -7.46
N ALA B 215 20.16 7.53 -8.46
CA ALA B 215 20.58 6.15 -8.66
C ALA B 215 21.18 5.59 -7.37
N SER B 216 21.91 6.41 -6.62
CA SER B 216 22.43 5.97 -5.34
C SER B 216 21.32 5.41 -4.47
N LYS B 217 20.23 6.16 -4.34
CA LYS B 217 19.10 5.71 -3.53
C LYS B 217 18.65 4.32 -3.95
N LEU B 218 18.69 4.03 -5.25
CA LEU B 218 18.36 2.68 -5.69
C LEU B 218 19.34 1.67 -5.12
N GLU B 219 20.63 1.85 -5.39
CA GLU B 219 21.62 0.88 -4.91
C GLU B 219 21.66 0.83 -3.40
N GLU B 220 21.31 1.93 -2.73
CA GLU B 220 21.24 1.91 -1.27
C GLU B 220 20.15 0.96 -0.79
N THR B 221 18.99 0.95 -1.46
CA THR B 221 17.83 0.24 -0.96
C THR B 221 17.65 -1.14 -1.57
N LEU B 222 18.25 -1.42 -2.73
CA LEU B 222 18.08 -2.72 -3.35
C LEU B 222 18.60 -3.84 -2.45
N PRO B 223 19.78 -3.75 -1.85
CA PRO B 223 20.23 -4.84 -0.97
C PRO B 223 19.25 -5.12 0.13
N VAL B 224 18.94 -4.10 0.94
CA VAL B 224 18.06 -4.29 2.08
C VAL B 224 16.74 -4.92 1.62
N ILE B 225 16.16 -4.36 0.56
CA ILE B 225 14.96 -4.95 -0.02
C ILE B 225 15.16 -6.43 -0.25
N ARG B 226 16.15 -6.77 -1.08
CA ARG B 226 16.43 -8.17 -1.33
C ARG B 226 16.57 -8.93 -0.03
N SER B 227 17.29 -8.35 0.94
CA SER B 227 17.54 -9.05 2.19
C SER B 227 16.22 -9.46 2.84
N VAL B 228 15.25 -8.55 2.87
CA VAL B 228 13.98 -8.91 3.49
C VAL B 228 13.25 -9.93 2.62
N SER B 229 13.29 -9.74 1.30
CA SER B 229 12.53 -10.62 0.42
C SER B 229 12.90 -12.08 0.67
N GLU B 230 14.19 -12.39 0.62
CA GLU B 230 14.61 -13.77 0.88
C GLU B 230 14.14 -14.23 2.25
N GLN B 231 14.23 -13.34 3.25
CA GLN B 231 13.78 -13.72 4.58
C GLN B 231 12.30 -14.12 4.56
N PHE B 232 11.49 -13.39 3.82
CA PHE B 232 10.08 -13.75 3.76
C PHE B 232 9.88 -15.09 3.05
N LYS B 233 10.79 -15.45 2.15
CA LYS B 233 10.68 -16.69 1.42
C LYS B 233 11.38 -17.86 2.10
N ASP B 234 12.11 -17.60 3.18
CA ASP B 234 12.88 -18.65 3.84
C ASP B 234 12.08 -19.19 5.01
N PRO B 235 11.66 -20.46 5.01
CA PRO B 235 10.88 -20.97 6.14
C PRO B 235 11.59 -20.83 7.47
N GLU B 236 12.91 -20.98 7.50
CA GLU B 236 13.64 -20.84 8.76
C GLU B 236 13.48 -19.43 9.32
N GLN B 237 13.57 -18.42 8.47
CA GLN B 237 13.54 -17.05 8.96
C GLN B 237 12.13 -16.62 9.36
N THR B 238 11.13 -17.03 8.59
CA THR B 238 9.77 -16.55 8.79
C THR B 238 8.79 -17.70 8.78
N THR B 239 7.62 -17.45 9.36
CA THR B 239 6.52 -18.40 9.32
C THR B 239 5.22 -17.62 9.50
N PHE B 240 4.12 -18.27 9.14
CA PHE B 240 2.81 -17.66 9.16
C PHE B 240 1.88 -18.50 10.02
N ILE B 241 1.19 -17.86 10.95
CA ILE B 241 0.21 -18.52 11.81
C ILE B 241 -1.17 -18.15 11.31
N CYS B 242 -1.97 -19.15 10.96
CA CYS B 242 -3.35 -18.94 10.57
C CYS B 242 -4.24 -19.21 11.78
N VAL B 243 -5.13 -18.27 12.07
CA VAL B 243 -6.04 -18.39 13.20
C VAL B 243 -7.47 -18.30 12.67
N CYS B 244 -8.33 -19.19 13.14
CA CYS B 244 -9.67 -19.30 12.61
C CYS B 244 -10.59 -19.85 13.70
N ILE B 245 -11.88 -19.71 13.45
CA ILE B 245 -12.91 -20.26 14.34
C ILE B 245 -13.60 -21.39 13.60
N ALA B 246 -14.31 -22.22 14.36
CA ALA B 246 -14.96 -23.40 13.81
C ALA B 246 -16.29 -22.98 13.18
N GLU B 247 -16.19 -22.43 11.98
CA GLU B 247 -17.37 -22.06 11.22
C GLU B 247 -17.05 -22.14 9.73
N PHE B 248 -18.12 -22.27 8.93
CA PHE B 248 -17.96 -22.41 7.49
C PHE B 248 -17.10 -21.29 6.92
N LEU B 249 -17.56 -20.05 7.08
CA LEU B 249 -16.86 -18.93 6.48
C LEU B 249 -15.41 -18.88 6.95
N SER B 250 -15.19 -18.99 8.26
CA SER B 250 -13.84 -18.95 8.79
C SER B 250 -13.00 -20.08 8.21
N LEU B 251 -13.54 -21.29 8.18
CA LEU B 251 -12.76 -22.43 7.72
C LEU B 251 -12.32 -22.23 6.27
N TYR B 252 -13.27 -21.93 5.39
CA TYR B 252 -12.90 -21.90 3.97
C TYR B 252 -12.13 -20.63 3.61
N GLU B 253 -12.36 -19.52 4.32
CA GLU B 253 -11.49 -18.38 4.12
C GLU B 253 -10.06 -18.71 4.55
N THR B 254 -9.92 -19.45 5.65
CA THR B 254 -8.59 -19.91 6.04
C THR B 254 -7.98 -20.79 4.97
N GLU B 255 -8.78 -21.66 4.36
CA GLU B 255 -8.27 -22.52 3.30
C GLU B 255 -7.77 -21.68 2.13
N ARG B 256 -8.55 -20.70 1.70
CA ARG B 256 -8.11 -19.82 0.63
C ARG B 256 -6.83 -19.11 1.01
N LEU B 257 -6.73 -18.67 2.26
CA LEU B 257 -5.53 -17.98 2.70
C LEU B 257 -4.32 -18.90 2.63
N ILE B 258 -4.48 -20.15 3.06
CA ILE B 258 -3.37 -21.09 3.02
C ILE B 258 -2.93 -21.32 1.59
N GLN B 259 -3.89 -21.48 0.68
CA GLN B 259 -3.52 -21.69 -0.71
C GLN B 259 -2.79 -20.48 -1.27
N GLU B 260 -3.25 -19.27 -0.93
CA GLU B 260 -2.57 -18.08 -1.40
C GLU B 260 -1.15 -18.01 -0.87
N LEU B 261 -0.96 -18.36 0.41
CA LEU B 261 0.39 -18.37 0.97
C LEU B 261 1.26 -19.39 0.25
N ALA B 262 0.70 -20.56 -0.06
CA ALA B 262 1.44 -21.53 -0.85
C ALA B 262 1.87 -20.92 -2.17
N LYS B 263 0.97 -20.17 -2.81
CA LYS B 263 1.34 -19.50 -4.05
C LYS B 263 2.49 -18.53 -3.84
N CYS B 264 2.45 -17.76 -2.76
CA CYS B 264 3.55 -16.87 -2.41
C CYS B 264 4.72 -17.62 -1.78
N ARG B 265 4.60 -18.92 -1.57
CA ARG B 265 5.67 -19.73 -1.02
C ARG B 265 6.11 -19.22 0.35
N ILE B 266 5.14 -18.87 1.18
CA ILE B 266 5.38 -18.47 2.56
C ILE B 266 5.02 -19.65 3.45
N ASP B 267 5.99 -20.14 4.21
CA ASP B 267 5.78 -21.35 4.99
C ASP B 267 4.72 -21.15 6.04
N THR B 268 3.93 -22.20 6.29
CA THR B 268 2.94 -22.17 7.35
C THR B 268 2.51 -23.60 7.64
N HIS B 269 2.71 -24.04 8.89
CA HIS B 269 2.31 -25.40 9.26
C HIS B 269 1.73 -25.45 10.66
N ASN B 270 1.04 -24.40 11.08
CA ASN B 270 0.33 -24.43 12.36
C ASN B 270 -0.84 -23.46 12.30
N ILE B 271 -1.95 -23.88 12.89
CA ILE B 271 -3.22 -23.16 12.83
C ILE B 271 -3.82 -23.12 14.23
N ILE B 272 -4.40 -21.98 14.57
CA ILE B 272 -5.00 -21.75 15.89
C ILE B 272 -6.51 -21.74 15.69
N VAL B 273 -7.20 -22.74 16.23
CA VAL B 273 -8.65 -22.74 16.29
C VAL B 273 -9.05 -22.02 17.57
N ASN B 274 -9.81 -20.95 17.42
CA ASN B 274 -10.06 -20.02 18.52
C ASN B 274 -11.55 -19.92 18.82
N GLN B 275 -11.86 -19.58 20.07
CA GLN B 275 -13.23 -19.35 20.50
C GLN B 275 -14.05 -20.64 20.44
N LEU B 276 -13.42 -21.76 20.78
CA LEU B 276 -14.15 -23.01 20.88
C LEU B 276 -15.07 -22.98 22.09
N VAL B 277 -16.17 -23.73 22.00
CA VAL B 277 -17.14 -23.84 23.07
C VAL B 277 -17.27 -25.31 23.43
N PHE B 278 -16.98 -25.64 24.68
CA PHE B 278 -17.11 -27.00 25.19
C PHE B 278 -18.25 -27.03 26.19
N PRO B 279 -19.36 -27.72 25.92
CA PRO B 279 -20.49 -27.66 26.84
C PRO B 279 -20.13 -28.18 28.22
N ASP B 280 -20.69 -27.53 29.24
CA ASP B 280 -20.59 -28.01 30.60
C ASP B 280 -21.71 -29.02 30.81
N ASN B 281 -21.41 -30.30 30.58
CA ASN B 281 -22.42 -31.34 30.64
C ASN B 281 -23.24 -31.27 31.92
N GLU B 282 -22.72 -30.64 32.96
CA GLU B 282 -23.50 -30.45 34.18
C GLU B 282 -24.67 -29.49 33.95
N ARG B 283 -24.54 -28.58 32.99
CA ARG B 283 -25.55 -27.56 32.76
C ARG B 283 -25.48 -27.03 31.33
N PRO B 284 -25.65 -27.89 30.32
CA PRO B 284 -25.58 -27.39 28.93
C PRO B 284 -26.89 -26.82 28.43
N CYS B 285 -26.93 -25.53 28.11
CA CYS B 285 -28.12 -24.90 27.59
C CYS B 285 -28.24 -25.19 26.09
N LYS B 286 -29.34 -24.72 25.48
CA LYS B 286 -29.60 -25.04 24.09
C LYS B 286 -28.54 -24.44 23.18
N MET B 287 -28.30 -23.14 23.31
CA MET B 287 -27.37 -22.48 22.41
C MET B 287 -25.98 -23.08 22.50
N CYS B 288 -25.52 -23.35 23.72
CA CYS B 288 -24.20 -23.97 23.88
C CYS B 288 -24.14 -25.30 23.17
N GLU B 289 -25.19 -26.12 23.30
CA GLU B 289 -25.19 -27.43 22.66
C GLU B 289 -25.14 -27.30 21.14
N ALA B 290 -25.99 -26.45 20.57
CA ALA B 290 -26.02 -26.30 19.12
C ALA B 290 -24.70 -25.77 18.59
N ARG B 291 -24.17 -24.73 19.24
CA ARG B 291 -22.88 -24.20 18.82
C ARG B 291 -21.81 -25.25 18.94
N HIS B 292 -21.88 -26.09 19.98
CA HIS B 292 -20.88 -27.12 20.15
C HIS B 292 -20.94 -28.14 19.02
N LYS B 293 -22.14 -28.54 18.61
CA LYS B 293 -22.21 -29.52 17.52
C LYS B 293 -21.71 -28.91 16.22
N ILE B 294 -22.04 -27.64 15.96
CA ILE B 294 -21.53 -26.99 14.75
C ILE B 294 -20.01 -26.94 14.78
N GLN B 295 -19.45 -26.52 15.91
CA GLN B 295 -18.01 -26.43 16.04
C GLN B 295 -17.37 -27.80 15.89
N SER B 296 -18.01 -28.84 16.42
CA SER B 296 -17.48 -30.19 16.27
C SER B 296 -17.43 -30.59 14.81
N LYS B 297 -18.51 -30.32 14.08
CA LYS B 297 -18.52 -30.64 12.65
C LYS B 297 -17.35 -29.97 11.95
N TYR B 298 -17.21 -28.65 12.13
CA TYR B 298 -16.20 -27.94 11.36
C TYR B 298 -14.79 -28.25 11.88
N LEU B 299 -14.66 -28.61 13.14
CA LEU B 299 -13.35 -28.97 13.69
C LEU B 299 -12.91 -30.33 13.16
N ASP B 300 -13.83 -31.28 13.05
CA ASP B 300 -13.50 -32.53 12.39
C ASP B 300 -13.12 -32.29 10.94
N GLN B 301 -13.84 -31.39 10.27
CA GLN B 301 -13.46 -31.02 8.92
C GLN B 301 -12.03 -30.51 8.87
N MET B 302 -11.67 -29.60 9.79
CA MET B 302 -10.31 -29.08 9.83
C MET B 302 -9.31 -30.20 10.04
N GLU B 303 -9.58 -31.06 11.02
CA GLU B 303 -8.64 -32.14 11.32
C GLU B 303 -8.38 -33.00 10.10
N ASP B 304 -9.45 -33.35 9.37
CA ASP B 304 -9.26 -34.13 8.16
C ASP B 304 -8.50 -33.35 7.10
N LEU B 305 -8.79 -32.05 6.97
CA LEU B 305 -8.24 -31.25 5.89
C LEU B 305 -6.77 -30.89 6.12
N TYR B 306 -6.34 -30.79 7.37
CA TYR B 306 -5.05 -30.17 7.66
C TYR B 306 -4.10 -31.14 8.36
N GLU B 307 -3.98 -32.36 7.84
CA GLU B 307 -2.89 -33.22 8.26
C GLU B 307 -1.56 -32.49 8.05
N ASP B 308 -0.57 -32.88 8.84
CA ASP B 308 0.75 -32.24 8.77
C ASP B 308 0.67 -30.75 9.06
N PHE B 309 -0.30 -30.35 9.88
CA PHE B 309 -0.39 -29.01 10.43
C PHE B 309 -0.66 -29.12 11.91
N HIS B 310 0.15 -28.47 12.73
CA HIS B 310 -0.20 -28.34 14.13
C HIS B 310 -1.51 -27.62 14.24
N ILE B 311 -2.40 -28.11 15.11
CA ILE B 311 -3.74 -27.54 15.27
C ILE B 311 -3.91 -27.27 16.77
N VAL B 312 -3.64 -26.05 17.19
CA VAL B 312 -3.74 -25.69 18.60
C VAL B 312 -5.14 -25.11 18.84
N LYS B 313 -5.83 -25.64 19.83
CA LYS B 313 -7.22 -25.32 20.10
C LYS B 313 -7.32 -24.47 21.35
N LEU B 314 -8.05 -23.36 21.26
CA LEU B 314 -8.16 -22.39 22.34
C LEU B 314 -9.62 -22.20 22.71
N PRO B 315 -10.02 -22.42 23.96
CA PRO B 315 -11.43 -22.28 24.31
C PRO B 315 -11.83 -20.82 24.45
N LEU B 316 -13.14 -20.60 24.49
CA LEU B 316 -13.68 -19.27 24.69
C LEU B 316 -13.76 -18.99 26.18
N LEU B 317 -12.88 -18.13 26.67
CA LEU B 317 -12.87 -17.83 28.08
C LEU B 317 -14.08 -16.98 28.46
N PRO B 318 -14.60 -17.14 29.68
CA PRO B 318 -15.74 -16.32 30.09
C PRO B 318 -15.39 -14.86 30.22
N HIS B 319 -14.34 -14.56 30.96
CA HIS B 319 -13.93 -13.19 31.18
C HIS B 319 -13.25 -12.63 29.93
N GLU B 320 -13.26 -11.31 29.82
CA GLU B 320 -12.60 -10.66 28.70
C GLU B 320 -11.11 -10.98 28.73
N VAL B 321 -10.50 -10.96 27.55
CA VAL B 321 -9.06 -11.15 27.46
C VAL B 321 -8.41 -9.81 27.15
N ARG B 322 -8.05 -9.08 28.20
CA ARG B 322 -7.42 -7.78 28.06
C ARG B 322 -6.55 -7.54 29.28
N GLY B 323 -5.40 -6.93 29.08
CA GLY B 323 -4.47 -6.67 30.15
C GLY B 323 -3.37 -7.73 30.21
N ALA B 324 -2.22 -7.32 30.75
CA ALA B 324 -1.05 -8.18 30.72
C ALA B 324 -1.31 -9.50 31.43
N ASP B 325 -1.88 -9.44 32.64
CA ASP B 325 -2.10 -10.66 33.40
C ASP B 325 -3.07 -11.59 32.68
N LYS B 326 -4.20 -11.06 32.21
CA LYS B 326 -5.17 -11.89 31.52
C LYS B 326 -4.57 -12.48 30.25
N VAL B 327 -3.84 -11.66 29.48
CA VAL B 327 -3.24 -12.16 28.25
C VAL B 327 -2.25 -13.26 28.56
N ASN B 328 -1.45 -13.08 29.60
CA ASN B 328 -0.48 -14.12 29.96
C ASN B 328 -1.18 -15.41 30.36
N THR B 329 -2.22 -15.30 31.17
CA THR B 329 -2.95 -16.50 31.58
C THR B 329 -3.56 -17.20 30.37
N PHE B 330 -4.15 -16.43 29.46
CA PHE B 330 -4.72 -17.02 28.26
C PHE B 330 -3.66 -17.65 27.38
N SER B 331 -2.48 -17.04 27.31
CA SER B 331 -1.42 -17.58 26.47
C SER B 331 -0.85 -18.87 27.04
N LYS B 332 -0.85 -19.02 28.37
CA LYS B 332 -0.27 -20.21 28.96
C LYS B 332 -0.84 -21.47 28.32
N GLN B 333 -2.15 -21.51 28.09
CA GLN B 333 -2.75 -22.67 27.43
C GLN B 333 -2.48 -22.71 25.94
N LEU B 334 -2.03 -21.60 25.35
CA LEU B 334 -1.65 -21.64 23.94
C LEU B 334 -0.44 -22.53 23.71
N LEU B 335 0.33 -22.82 24.74
CA LEU B 335 1.47 -23.73 24.66
C LEU B 335 1.20 -25.07 25.31
N GLU B 336 0.51 -25.09 26.45
CA GLU B 336 0.08 -26.33 27.06
C GLU B 336 -1.26 -26.75 26.45
N PRO B 337 -1.37 -27.94 25.86
CA PRO B 337 -2.60 -28.28 25.17
C PRO B 337 -3.81 -28.21 26.09
N TYR B 338 -4.91 -27.71 25.56
CA TYR B 338 -6.14 -27.58 26.33
C TYR B 338 -7.00 -28.82 26.17
N SER B 339 -7.78 -29.11 27.20
CA SER B 339 -8.71 -30.22 27.18
C SER B 339 -9.93 -29.83 28.00
N PRO B 340 -11.13 -30.22 27.58
CA PRO B 340 -12.33 -29.87 28.34
C PRO B 340 -12.36 -30.63 29.65
N PRO B 341 -13.15 -30.16 30.64
CA PRO B 341 -13.22 -30.83 31.94
C PRO B 341 -13.60 -32.31 31.82
N ARG C 24 -3.29 -43.51 8.74
CA ARG C 24 -3.93 -42.50 9.56
C ARG C 24 -3.59 -41.10 9.07
N ASN C 25 -2.29 -40.83 8.96
CA ASN C 25 -1.82 -39.50 8.60
C ASN C 25 -2.37 -39.05 7.25
N ARG C 26 -2.92 -39.97 6.45
CA ARG C 26 -3.51 -39.64 5.17
C ARG C 26 -5.00 -39.93 5.09
N GLY C 27 -5.58 -40.54 6.13
CA GLY C 27 -7.00 -40.81 6.10
C GLY C 27 -7.86 -39.57 6.01
N GLY C 28 -7.29 -38.41 6.35
CA GLY C 28 -8.05 -37.18 6.25
C GLY C 28 -8.55 -36.92 4.84
N VAL C 29 -7.69 -37.16 3.85
CA VAL C 29 -8.08 -36.90 2.46
C VAL C 29 -9.24 -37.80 2.06
N GLN C 30 -9.17 -39.08 2.43
CA GLN C 30 -10.24 -40.01 2.07
C GLN C 30 -11.54 -39.61 2.74
N ARG C 31 -11.48 -39.23 4.03
CA ARG C 31 -12.70 -38.79 4.70
C ARG C 31 -13.25 -37.54 4.04
N VAL C 32 -12.37 -36.64 3.59
CA VAL C 32 -12.81 -35.44 2.89
C VAL C 32 -13.54 -35.82 1.62
N GLU C 33 -12.99 -36.76 0.86
CA GLU C 33 -13.62 -37.18 -0.39
C GLU C 33 -14.98 -37.80 -0.13
N GLY C 34 -15.08 -38.65 0.90
CA GLY C 34 -16.37 -39.23 1.23
C GLY C 34 -17.38 -38.17 1.63
N LYS C 35 -16.96 -37.19 2.42
CA LYS C 35 -17.86 -36.11 2.78
C LYS C 35 -18.28 -35.31 1.57
N LEU C 36 -17.38 -35.11 0.61
CA LEU C 36 -17.75 -34.44 -0.63
C LEU C 36 -18.83 -35.23 -1.36
N ARG C 37 -18.66 -36.54 -1.44
CA ARG C 37 -19.68 -37.36 -2.09
C ARG C 37 -21.02 -37.23 -1.39
N ALA C 38 -21.01 -37.28 -0.06
CA ALA C 38 -22.25 -37.18 0.69
C ALA C 38 -22.91 -35.82 0.45
N SER C 39 -22.12 -34.75 0.47
CA SER C 39 -22.68 -33.42 0.24
C SER C 39 -23.27 -33.31 -1.16
N VAL C 40 -22.58 -33.86 -2.16
CA VAL C 40 -23.10 -33.82 -3.52
C VAL C 40 -24.44 -34.54 -3.58
N GLU C 41 -24.54 -35.71 -2.94
CA GLU C 41 -25.81 -36.40 -2.88
C GLU C 41 -26.87 -35.54 -2.22
N LYS C 42 -26.51 -34.85 -1.13
CA LYS C 42 -27.46 -34.00 -0.44
C LYS C 42 -27.82 -32.75 -1.25
N GLY C 43 -27.01 -32.38 -2.23
CA GLY C 43 -27.27 -31.20 -3.03
C GLY C 43 -26.63 -29.92 -2.52
N ASP C 44 -25.75 -29.99 -1.52
CA ASP C 44 -25.06 -28.81 -1.03
C ASP C 44 -24.00 -28.40 -2.04
N TYR C 45 -24.47 -27.83 -3.15
CA TYR C 45 -23.61 -27.64 -4.30
C TYR C 45 -22.46 -26.69 -3.99
N TYR C 46 -22.72 -25.57 -3.31
CA TYR C 46 -21.64 -24.65 -3.01
C TYR C 46 -20.60 -25.31 -2.11
N GLU C 47 -21.06 -26.00 -1.07
CA GLU C 47 -20.13 -26.69 -0.19
C GLU C 47 -19.36 -27.75 -0.96
N ALA C 48 -20.04 -28.46 -1.87
CA ALA C 48 -19.35 -29.45 -2.69
C ALA C 48 -18.26 -28.78 -3.53
N HIS C 49 -18.54 -27.59 -4.05
CA HIS C 49 -17.54 -26.88 -4.85
C HIS C 49 -16.33 -26.53 -4.00
N GLN C 50 -16.57 -26.05 -2.78
CA GLN C 50 -15.45 -25.75 -1.90
C GLN C 50 -14.63 -27.02 -1.60
N MET C 51 -15.32 -28.12 -1.32
CA MET C 51 -14.63 -29.37 -1.04
C MET C 51 -13.82 -29.80 -2.25
N TYR C 52 -14.36 -29.61 -3.46
CA TYR C 52 -13.62 -29.92 -4.68
C TYR C 52 -12.35 -29.10 -4.75
N ARG C 53 -12.43 -27.81 -4.47
CA ARG C 53 -11.23 -26.97 -4.54
C ARG C 53 -10.18 -27.48 -3.57
N THR C 54 -10.60 -27.81 -2.35
CA THR C 54 -9.64 -28.31 -1.36
C THR C 54 -8.98 -29.60 -1.84
N LEU C 55 -9.80 -30.53 -2.34
CA LEU C 55 -9.24 -31.79 -2.81
C LEU C 55 -8.27 -31.57 -3.96
N PHE C 56 -8.61 -30.66 -4.88
CA PHE C 56 -7.72 -30.38 -5.99
C PHE C 56 -6.38 -29.86 -5.49
N PHE C 57 -6.41 -28.93 -4.55
CA PHE C 57 -5.14 -28.39 -4.07
C PHE C 57 -4.32 -29.47 -3.37
N ARG C 58 -4.97 -30.31 -2.56
CA ARG C 58 -4.23 -31.37 -1.89
C ARG C 58 -3.61 -32.34 -2.90
N TYR C 59 -4.38 -32.75 -3.90
CA TYR C 59 -3.84 -33.66 -4.90
C TYR C 59 -2.66 -33.04 -5.62
N MET C 60 -2.80 -31.79 -6.07
CA MET C 60 -1.69 -31.13 -6.73
C MET C 60 -0.49 -31.01 -5.80
N SER C 61 -0.73 -30.98 -4.49
CA SER C 61 0.39 -31.01 -3.55
C SER C 61 1.16 -32.31 -3.67
N GLN C 62 0.46 -33.43 -3.84
CA GLN C 62 1.08 -34.74 -3.97
C GLN C 62 1.51 -35.06 -5.40
N SER C 63 1.38 -34.10 -6.32
CA SER C 63 1.76 -34.27 -7.71
C SER C 63 0.92 -35.34 -8.41
N LYS C 64 -0.27 -35.62 -7.89
CA LYS C 64 -1.21 -36.52 -8.55
C LYS C 64 -2.02 -35.75 -9.60
N HIS C 65 -1.27 -35.16 -10.54
CA HIS C 65 -1.87 -34.19 -11.45
C HIS C 65 -3.03 -34.79 -12.23
N THR C 66 -2.83 -35.99 -12.78
CA THR C 66 -3.88 -36.59 -13.60
C THR C 66 -5.16 -36.79 -12.82
N GLU C 67 -5.05 -37.31 -11.59
CA GLU C 67 -6.24 -37.55 -10.79
C GLU C 67 -6.95 -36.25 -10.47
N ALA C 68 -6.20 -35.22 -10.12
CA ALA C 68 -6.82 -33.92 -9.82
C ALA C 68 -7.53 -33.38 -11.05
N ARG C 69 -6.90 -33.48 -12.22
CA ARG C 69 -7.53 -32.99 -13.43
C ARG C 69 -8.82 -33.75 -13.72
N GLU C 70 -8.78 -35.07 -13.59
CA GLU C 70 -9.99 -35.86 -13.83
C GLU C 70 -11.09 -35.47 -12.87
N LEU C 71 -10.74 -35.30 -11.58
CA LEU C 71 -11.75 -34.95 -10.59
C LEU C 71 -12.36 -33.59 -10.90
N MET C 72 -11.54 -32.60 -11.24
CA MET C 72 -12.06 -31.29 -11.60
C MET C 72 -12.94 -31.37 -12.84
N TYR C 73 -12.54 -32.16 -13.83
CA TYR C 73 -13.37 -32.29 -15.02
C TYR C 73 -14.72 -32.88 -14.69
N SER C 74 -14.73 -33.97 -13.91
CA SER C 74 -15.99 -34.59 -13.54
C SER C 74 -16.87 -33.65 -12.74
N GLY C 75 -16.27 -32.92 -11.80
CA GLY C 75 -17.04 -31.98 -11.00
C GLY C 75 -17.61 -30.85 -11.84
N ALA C 76 -16.82 -30.33 -12.77
CA ALA C 76 -17.32 -29.27 -13.65
C ALA C 76 -18.50 -29.75 -14.47
N LEU C 77 -18.38 -30.96 -15.04
CA LEU C 77 -19.51 -31.50 -15.80
C LEU C 77 -20.73 -31.67 -14.90
N LEU C 78 -20.53 -32.18 -13.69
CA LEU C 78 -21.65 -32.39 -12.79
C LEU C 78 -22.34 -31.06 -12.47
N PHE C 79 -21.55 -30.03 -12.17
CA PHE C 79 -22.15 -28.74 -11.83
C PHE C 79 -22.86 -28.14 -13.03
N PHE C 80 -22.29 -28.28 -14.23
CA PHE C 80 -22.96 -27.78 -15.41
C PHE C 80 -24.30 -28.49 -15.61
N SER C 81 -24.34 -29.80 -15.36
CA SER C 81 -25.59 -30.52 -15.50
C SER C 81 -26.67 -29.94 -14.60
N HIS C 82 -26.29 -29.46 -13.42
CA HIS C 82 -27.25 -28.92 -12.46
C HIS C 82 -27.44 -27.41 -12.61
N GLY C 83 -26.78 -26.77 -13.56
CA GLY C 83 -26.93 -25.35 -13.76
C GLY C 83 -26.08 -24.48 -12.87
N GLN C 84 -25.21 -25.07 -12.05
CA GLN C 84 -24.32 -24.30 -11.17
C GLN C 84 -23.22 -23.68 -12.02
N GLN C 85 -23.62 -22.68 -12.81
CA GLN C 85 -22.73 -22.14 -13.85
C GLN C 85 -21.41 -21.67 -13.25
N ASN C 86 -21.48 -20.82 -12.22
CA ASN C 86 -20.26 -20.20 -11.70
C ASN C 86 -19.33 -21.24 -11.11
N SER C 87 -19.86 -22.18 -10.34
CA SER C 87 -19.02 -23.20 -9.74
C SER C 87 -18.37 -24.06 -10.81
N ALA C 88 -19.14 -24.42 -11.84
CA ALA C 88 -18.58 -25.22 -12.91
C ALA C 88 -17.47 -24.48 -13.63
N ALA C 89 -17.66 -23.18 -13.87
CA ALA C 89 -16.63 -22.39 -14.51
C ALA C 89 -15.37 -22.34 -13.66
N ASP C 90 -15.54 -22.18 -12.35
CA ASP C 90 -14.38 -22.15 -11.47
C ASP C 90 -13.62 -23.47 -11.51
N LEU C 91 -14.36 -24.59 -11.48
CA LEU C 91 -13.68 -25.88 -11.56
C LEU C 91 -13.00 -26.08 -12.91
N SER C 92 -13.59 -25.58 -13.99
CA SER C 92 -12.91 -25.64 -15.28
C SER C 92 -11.62 -24.83 -15.25
N MET C 93 -11.66 -23.66 -14.62
CA MET C 93 -10.43 -22.89 -14.46
C MET C 93 -9.39 -23.69 -13.70
N LEU C 94 -9.83 -24.41 -12.67
CA LEU C 94 -8.90 -25.27 -11.95
C LEU C 94 -8.35 -26.38 -12.85
N VAL C 95 -9.16 -26.89 -13.77
CA VAL C 95 -8.67 -27.87 -14.73
C VAL C 95 -7.53 -27.26 -15.53
N LEU C 96 -7.72 -26.03 -15.98
CA LEU C 96 -6.65 -25.34 -16.71
C LEU C 96 -5.42 -25.18 -15.83
N GLU C 97 -5.62 -24.85 -14.55
CA GLU C 97 -4.49 -24.73 -13.65
C GLU C 97 -3.71 -26.04 -13.55
N SER C 98 -4.44 -27.15 -13.45
CA SER C 98 -3.79 -28.45 -13.37
C SER C 98 -3.00 -28.72 -14.63
N LEU C 99 -3.58 -28.44 -15.80
CA LEU C 99 -2.89 -28.70 -17.05
C LEU C 99 -1.63 -27.84 -17.16
N GLU C 100 -1.72 -26.57 -16.78
CA GLU C 100 -0.58 -25.68 -16.89
C GLU C 100 0.53 -26.09 -15.92
N LYS C 101 0.20 -26.16 -14.63
CA LYS C 101 1.21 -26.43 -13.62
C LYS C 101 1.88 -27.78 -13.84
N ALA C 102 1.16 -28.75 -14.37
CA ALA C 102 1.72 -30.06 -14.68
C ALA C 102 2.42 -30.10 -16.03
N GLU C 103 2.36 -29.01 -16.80
CA GLU C 103 3.03 -28.92 -18.09
C GLU C 103 2.68 -30.12 -18.97
N VAL C 104 1.40 -30.48 -18.98
CA VAL C 104 0.95 -31.59 -19.81
C VAL C 104 0.99 -31.18 -21.28
N GLU C 105 1.65 -32.00 -22.09
CA GLU C 105 1.71 -31.73 -23.52
C GLU C 105 0.32 -31.77 -24.13
N VAL C 106 0.12 -30.93 -25.15
CA VAL C 106 -1.18 -30.85 -25.79
C VAL C 106 -1.58 -32.23 -26.32
N ALA C 107 -2.86 -32.55 -26.16
CA ALA C 107 -3.40 -33.81 -26.66
C ALA C 107 -4.81 -33.55 -27.18
N ASP C 108 -5.17 -34.25 -28.27
CA ASP C 108 -6.44 -33.98 -28.91
C ASP C 108 -7.60 -34.23 -27.96
N GLU C 109 -7.51 -35.27 -27.12
CA GLU C 109 -8.58 -35.56 -26.18
C GLU C 109 -8.75 -34.41 -25.19
N LEU C 110 -7.63 -33.86 -24.70
CA LEU C 110 -7.73 -32.73 -23.78
C LEU C 110 -8.36 -31.53 -24.46
N LEU C 111 -8.00 -31.28 -25.72
CA LEU C 111 -8.63 -30.19 -26.45
C LEU C 111 -10.12 -30.42 -26.57
N GLU C 112 -10.53 -31.65 -26.86
CA GLU C 112 -11.95 -31.95 -26.95
C GLU C 112 -12.64 -31.68 -25.63
N ASN C 113 -12.02 -32.08 -24.52
CA ASN C 113 -12.63 -31.85 -23.21
C ASN C 113 -12.77 -30.36 -22.92
N LEU C 114 -11.72 -29.59 -23.21
CA LEU C 114 -11.78 -28.15 -22.98
C LEU C 114 -12.86 -27.51 -23.84
N ALA C 115 -12.95 -27.91 -25.10
CA ALA C 115 -13.99 -27.37 -25.97
C ALA C 115 -15.37 -27.72 -25.45
N LYS C 116 -15.55 -28.94 -24.98
CA LYS C 116 -16.83 -29.34 -24.41
C LYS C 116 -17.20 -28.45 -23.24
N VAL C 117 -16.24 -28.22 -22.34
CA VAL C 117 -16.51 -27.36 -21.19
C VAL C 117 -16.87 -25.95 -21.65
N PHE C 118 -16.11 -25.42 -22.60
CA PHE C 118 -16.37 -24.07 -23.10
C PHE C 118 -17.75 -23.97 -23.72
N SER C 119 -18.20 -25.04 -24.36
CA SER C 119 -19.54 -25.03 -24.94
C SER C 119 -20.60 -24.89 -23.86
N LEU C 120 -20.41 -25.57 -22.72
CA LEU C 120 -21.42 -25.61 -21.68
C LEU C 120 -21.56 -24.28 -20.95
N MET C 121 -20.63 -23.35 -21.12
CA MET C 121 -20.65 -22.10 -20.38
C MET C 121 -21.67 -21.14 -20.96
N ASP C 122 -21.95 -20.09 -20.20
CA ASP C 122 -22.90 -19.06 -20.63
C ASP C 122 -22.22 -18.07 -21.56
N PRO C 123 -22.73 -17.85 -22.78
CA PRO C 123 -22.02 -16.95 -23.71
C PRO C 123 -21.77 -15.56 -23.17
N ASN C 124 -22.72 -14.98 -22.45
CA ASN C 124 -22.52 -13.63 -21.93
C ASN C 124 -21.68 -13.59 -20.66
N SER C 125 -21.48 -14.71 -20.00
CA SER C 125 -20.64 -14.72 -18.82
C SER C 125 -19.21 -14.42 -19.21
N PRO C 126 -18.55 -13.43 -18.59
CA PRO C 126 -17.18 -13.09 -19.01
C PRO C 126 -16.21 -14.23 -18.83
N GLU C 127 -16.51 -15.18 -17.94
CA GLU C 127 -15.55 -16.22 -17.63
C GLU C 127 -15.11 -16.96 -18.88
N ARG C 128 -16.01 -17.19 -19.83
CA ARG C 128 -15.61 -17.87 -21.06
C ARG C 128 -14.39 -17.20 -21.66
N VAL C 129 -14.45 -15.88 -21.82
CA VAL C 129 -13.27 -15.16 -22.30
C VAL C 129 -12.07 -15.49 -21.43
N THR C 130 -12.21 -15.28 -20.12
CA THR C 130 -11.12 -15.61 -19.21
C THR C 130 -10.65 -17.04 -19.42
N PHE C 131 -11.59 -17.97 -19.61
CA PHE C 131 -11.22 -19.35 -19.88
C PHE C 131 -10.46 -19.44 -21.20
N VAL C 132 -11.05 -18.91 -22.27
CA VAL C 132 -10.49 -19.13 -23.60
C VAL C 132 -9.07 -18.60 -23.66
N SER C 133 -8.87 -17.35 -23.26
CA SER C 133 -7.54 -16.76 -23.29
C SER C 133 -6.55 -17.67 -22.57
N ARG C 134 -6.95 -18.23 -21.43
CA ARG C 134 -6.07 -19.14 -20.73
C ARG C 134 -5.85 -20.41 -21.55
N ALA C 135 -6.93 -21.05 -22.00
CA ALA C 135 -6.79 -22.32 -22.70
C ALA C 135 -5.90 -22.15 -23.91
N LEU C 136 -6.21 -21.18 -24.77
CA LEU C 136 -5.39 -20.95 -25.95
C LEU C 136 -3.93 -20.77 -25.55
N LYS C 137 -3.68 -20.05 -24.47
CA LYS C 137 -2.30 -19.83 -24.05
C LYS C 137 -1.63 -21.15 -23.72
N TRP C 138 -2.33 -22.04 -23.00
CA TRP C 138 -1.73 -23.31 -22.64
C TRP C 138 -1.42 -24.15 -23.87
N SER C 139 -2.32 -24.16 -24.84
CA SER C 139 -2.18 -25.02 -26.00
C SER C 139 -0.97 -24.57 -26.80
N SER C 140 0.13 -25.30 -26.67
CA SER C 140 1.37 -25.02 -27.39
C SER C 140 1.68 -23.52 -27.35
N GLY C 141 1.92 -23.03 -26.14
CA GLY C 141 2.19 -21.61 -25.95
C GLY C 141 3.36 -21.10 -26.75
N GLY C 142 4.29 -21.97 -27.13
CA GLY C 142 5.44 -21.52 -27.89
C GLY C 142 5.05 -20.89 -29.21
N SER C 143 4.02 -21.43 -29.87
CA SER C 143 3.60 -20.89 -31.16
C SER C 143 3.17 -19.43 -31.03
N GLY C 144 2.41 -19.11 -29.98
CA GLY C 144 1.96 -17.76 -29.75
C GLY C 144 0.48 -17.67 -29.43
N LYS C 145 -0.12 -16.50 -29.68
CA LYS C 145 -1.54 -16.33 -29.42
C LYS C 145 -2.41 -17.25 -30.24
N LEU C 146 -1.87 -17.82 -31.32
CA LEU C 146 -2.63 -18.77 -32.13
C LEU C 146 -2.97 -20.03 -31.36
N GLY C 147 -2.27 -20.31 -30.27
CA GLY C 147 -2.52 -21.55 -29.55
C GLY C 147 -2.35 -22.73 -30.49
N HIS C 148 -3.33 -23.63 -30.49
CA HIS C 148 -3.32 -24.77 -31.38
C HIS C 148 -4.49 -24.69 -32.33
N PRO C 149 -4.27 -24.82 -33.65
CA PRO C 149 -5.40 -24.67 -34.58
C PRO C 149 -6.54 -25.62 -34.30
N ARG C 150 -6.27 -26.81 -33.78
CA ARG C 150 -7.34 -27.75 -33.50
C ARG C 150 -8.32 -27.18 -32.48
N LEU C 151 -7.80 -26.60 -31.39
CA LEU C 151 -8.66 -26.01 -30.39
C LEU C 151 -9.45 -24.84 -30.98
N HIS C 152 -8.80 -24.03 -31.81
CA HIS C 152 -9.50 -22.92 -32.44
C HIS C 152 -10.65 -23.43 -33.29
N GLN C 153 -10.41 -24.51 -34.03
CA GLN C 153 -11.47 -25.10 -34.85
C GLN C 153 -12.62 -25.56 -33.98
N LEU C 154 -12.31 -26.23 -32.86
CA LEU C 154 -13.37 -26.70 -31.98
C LEU C 154 -14.18 -25.55 -31.43
N LEU C 155 -13.51 -24.50 -30.97
CA LEU C 155 -14.20 -23.34 -30.42
C LEU C 155 -15.06 -22.68 -31.50
N ALA C 156 -14.53 -22.57 -32.72
CA ALA C 156 -15.28 -21.96 -33.80
C ALA C 156 -16.52 -22.78 -34.13
N LEU C 157 -16.39 -24.10 -34.16
CA LEU C 157 -17.55 -24.95 -34.40
C LEU C 157 -18.60 -24.74 -33.32
N THR C 158 -18.16 -24.71 -32.06
CA THR C 158 -19.11 -24.51 -30.96
C THR C 158 -19.83 -23.18 -31.09
N LEU C 159 -19.07 -22.12 -31.35
CA LEU C 159 -19.68 -20.80 -31.49
C LEU C 159 -20.65 -20.77 -32.67
N TRP C 160 -20.26 -21.39 -33.78
CA TRP C 160 -21.14 -21.43 -34.94
C TRP C 160 -22.44 -22.13 -34.62
N LYS C 161 -22.37 -23.25 -33.90
CA LYS C 161 -23.59 -23.90 -33.47
C LYS C 161 -24.42 -23.00 -32.55
N GLU C 162 -23.76 -22.07 -31.88
CA GLU C 162 -24.44 -21.10 -31.03
C GLU C 162 -24.76 -19.80 -31.75
N GLN C 163 -24.40 -19.69 -33.03
CA GLN C 163 -24.70 -18.52 -33.84
C GLN C 163 -24.00 -17.26 -33.32
N ASN C 164 -22.81 -17.43 -32.74
CA ASN C 164 -21.96 -16.29 -32.40
C ASN C 164 -21.03 -16.05 -33.59
N TYR C 165 -21.59 -15.45 -34.64
CA TYR C 165 -20.92 -15.43 -35.92
C TYR C 165 -19.61 -14.64 -35.87
N CYS C 166 -19.59 -13.52 -35.14
CA CYS C 166 -18.37 -12.72 -35.06
C CYS C 166 -17.22 -13.54 -34.51
N GLU C 167 -17.37 -14.04 -33.28
CA GLU C 167 -16.29 -14.82 -32.66
C GLU C 167 -16.03 -16.11 -33.42
N SER C 168 -17.08 -16.72 -33.96
CA SER C 168 -16.87 -17.95 -34.74
C SER C 168 -15.98 -17.68 -35.93
N ARG C 169 -16.25 -16.59 -36.65
CA ARG C 169 -15.40 -16.23 -37.78
C ARG C 169 -13.99 -15.92 -37.33
N TYR C 170 -13.86 -15.19 -36.22
CA TYR C 170 -12.53 -14.88 -35.70
C TYR C 170 -11.72 -16.15 -35.47
N HIS C 171 -12.30 -17.09 -34.74
CA HIS C 171 -11.58 -18.33 -34.44
C HIS C 171 -11.32 -19.12 -35.71
N PHE C 172 -12.30 -19.21 -36.61
CA PHE C 172 -12.06 -19.90 -37.87
C PHE C 172 -10.83 -19.33 -38.56
N LEU C 173 -10.78 -18.01 -38.70
CA LEU C 173 -9.61 -17.37 -39.29
C LEU C 173 -8.34 -17.81 -38.58
N HIS C 174 -8.35 -17.80 -37.24
CA HIS C 174 -7.22 -18.32 -36.52
C HIS C 174 -7.11 -19.84 -36.61
N SER C 175 -8.16 -20.51 -37.07
CA SER C 175 -8.16 -21.95 -37.18
C SER C 175 -7.43 -22.40 -38.43
N ALA C 176 -7.60 -23.67 -38.77
CA ALA C 176 -7.13 -24.23 -40.03
C ALA C 176 -8.23 -24.97 -40.80
N ASP C 177 -9.47 -24.92 -40.30
CA ASP C 177 -10.59 -25.63 -40.92
C ASP C 177 -11.22 -24.72 -41.96
N GLY C 178 -10.76 -24.84 -43.20
CA GLY C 178 -11.28 -24.00 -44.26
C GLY C 178 -12.72 -24.33 -44.63
N GLU C 179 -13.06 -25.62 -44.68
CA GLU C 179 -14.37 -26.01 -45.18
C GLU C 179 -15.49 -25.55 -44.26
N GLY C 180 -15.36 -25.83 -42.96
CA GLY C 180 -16.34 -25.35 -42.01
C GLY C 180 -16.40 -23.84 -41.99
N CYS C 181 -15.25 -23.18 -42.12
CA CYS C 181 -15.24 -21.73 -42.19
C CYS C 181 -16.06 -21.23 -43.37
N ALA C 182 -15.89 -21.87 -44.53
CA ALA C 182 -16.64 -21.47 -45.71
C ALA C 182 -18.13 -21.69 -45.51
N ASN C 183 -18.50 -22.83 -44.93
CA ASN C 183 -19.93 -23.10 -44.71
C ASN C 183 -20.54 -22.07 -43.76
N MET C 184 -19.84 -21.79 -42.67
CA MET C 184 -20.34 -20.79 -41.72
C MET C 184 -20.42 -19.42 -42.36
N LEU C 185 -19.43 -19.08 -43.18
CA LEU C 185 -19.46 -17.79 -43.87
C LEU C 185 -20.65 -17.72 -44.82
N VAL C 186 -20.95 -18.83 -45.51
CA VAL C 186 -22.09 -18.86 -46.40
C VAL C 186 -23.37 -18.60 -45.61
N GLU C 187 -23.53 -19.29 -44.49
CA GLU C 187 -24.71 -19.08 -43.67
C GLU C 187 -24.78 -17.65 -43.16
N TYR C 188 -23.66 -17.12 -42.69
CA TYR C 188 -23.61 -15.77 -42.16
C TYR C 188 -23.98 -14.74 -43.22
N SER C 189 -23.47 -14.92 -44.43
CA SER C 189 -23.79 -14.01 -45.52
C SER C 189 -25.27 -14.09 -45.88
N THR C 190 -25.77 -15.31 -46.09
CA THR C 190 -27.18 -15.46 -46.43
C THR C 190 -28.08 -14.91 -45.32
N SER C 191 -27.56 -14.85 -44.08
CA SER C 191 -28.36 -14.36 -42.98
C SER C 191 -28.34 -12.83 -42.90
N ARG C 192 -27.15 -12.24 -42.82
CA ARG C 192 -27.00 -10.84 -42.44
C ARG C 192 -26.54 -9.96 -43.59
N GLY C 193 -25.58 -10.42 -44.39
CA GLY C 193 -24.97 -9.53 -45.37
C GLY C 193 -25.95 -9.07 -46.42
N PHE C 194 -25.67 -7.90 -46.99
CA PHE C 194 -26.49 -7.37 -48.06
C PHE C 194 -26.20 -8.12 -49.37
N ARG C 195 -27.08 -7.91 -50.35
CA ARG C 195 -26.92 -8.59 -51.63
C ARG C 195 -25.62 -8.17 -52.32
N SER C 196 -25.16 -6.94 -52.08
CA SER C 196 -23.96 -6.44 -52.76
C SER C 196 -22.67 -6.88 -52.09
N GLU C 197 -22.74 -7.52 -50.92
CA GLU C 197 -21.56 -7.86 -50.14
C GLU C 197 -21.17 -9.33 -50.25
N VAL C 198 -21.90 -10.12 -51.03
CA VAL C 198 -21.78 -11.58 -50.94
C VAL C 198 -20.33 -12.00 -51.16
N ASP C 199 -19.70 -11.49 -52.22
CA ASP C 199 -18.30 -11.82 -52.48
C ASP C 199 -17.40 -11.26 -51.40
N MET C 200 -17.62 -10.00 -51.01
CA MET C 200 -16.68 -9.31 -50.13
C MET C 200 -16.35 -10.16 -48.92
N PHE C 201 -17.37 -10.70 -48.25
CA PHE C 201 -17.13 -11.58 -47.11
C PHE C 201 -15.99 -12.55 -47.41
N VAL C 202 -16.22 -13.44 -48.37
CA VAL C 202 -15.19 -14.45 -48.64
C VAL C 202 -13.88 -13.75 -48.99
N ALA C 203 -13.94 -12.74 -49.84
CA ALA C 203 -12.73 -12.01 -50.19
C ALA C 203 -12.03 -11.54 -48.92
N GLN C 204 -12.78 -10.84 -48.07
CA GLN C 204 -12.20 -10.38 -46.82
C GLN C 204 -11.58 -11.56 -46.08
N ALA C 205 -12.37 -12.61 -45.87
CA ALA C 205 -11.85 -13.78 -45.18
C ALA C 205 -10.57 -14.25 -45.87
N VAL C 206 -10.64 -14.44 -47.18
CA VAL C 206 -9.46 -14.91 -47.90
C VAL C 206 -8.30 -13.98 -47.64
N LEU C 207 -8.53 -12.67 -47.79
CA LEU C 207 -7.44 -11.73 -47.57
C LEU C 207 -6.91 -11.87 -46.15
N GLN C 208 -7.80 -11.96 -45.17
CA GLN C 208 -7.33 -12.12 -43.80
C GLN C 208 -6.57 -13.43 -43.65
N PHE C 209 -7.05 -14.49 -44.29
CA PHE C 209 -6.32 -15.75 -44.24
C PHE C 209 -4.91 -15.60 -44.79
N LEU C 210 -4.71 -14.66 -45.70
CA LEU C 210 -3.37 -14.41 -46.23
C LEU C 210 -2.59 -13.41 -45.39
N CYS C 211 -3.27 -12.56 -44.60
CA CYS C 211 -2.54 -11.78 -43.61
C CYS C 211 -1.74 -12.70 -42.71
N LEU C 212 -2.26 -13.90 -42.46
CA LEU C 212 -1.49 -14.98 -41.86
C LEU C 212 -0.94 -15.88 -42.96
N LYS C 213 -0.04 -16.78 -42.59
CA LYS C 213 0.66 -17.61 -43.55
C LYS C 213 -0.13 -18.83 -43.98
N ASN C 214 -1.45 -18.84 -43.77
CA ASN C 214 -2.28 -20.00 -44.08
C ASN C 214 -2.89 -19.80 -45.48
N LYS C 215 -2.08 -20.11 -46.50
CA LYS C 215 -2.55 -20.00 -47.87
C LYS C 215 -3.45 -21.16 -48.25
N SER C 216 -3.15 -22.36 -47.76
CA SER C 216 -3.98 -23.51 -48.10
C SER C 216 -5.40 -23.32 -47.58
N SER C 217 -5.53 -22.78 -46.37
CA SER C 217 -6.86 -22.47 -45.85
C SER C 217 -7.58 -21.50 -46.77
N ALA C 218 -6.86 -20.48 -47.25
CA ALA C 218 -7.48 -19.51 -48.16
C ALA C 218 -7.97 -20.21 -49.42
N SER C 219 -7.15 -21.07 -50.00
CA SER C 219 -7.54 -21.75 -51.23
C SER C 219 -8.79 -22.59 -51.00
N VAL C 220 -8.78 -23.42 -49.96
CA VAL C 220 -9.91 -24.33 -49.74
C VAL C 220 -11.17 -23.54 -49.41
N VAL C 221 -11.06 -22.51 -48.57
CA VAL C 221 -12.24 -21.76 -48.18
C VAL C 221 -12.81 -21.03 -49.39
N PHE C 222 -11.95 -20.43 -50.22
CA PHE C 222 -12.44 -19.74 -51.40
C PHE C 222 -13.14 -20.71 -52.34
N THR C 223 -12.52 -21.87 -52.59
CA THR C 223 -13.15 -22.85 -53.46
C THR C 223 -14.51 -23.27 -52.94
N THR C 224 -14.57 -23.57 -51.64
CA THR C 224 -15.83 -24.04 -51.05
C THR C 224 -16.89 -22.95 -51.10
N TYR C 225 -16.53 -21.72 -50.74
CA TYR C 225 -17.49 -20.64 -50.78
C TYR C 225 -18.02 -20.42 -52.19
N THR C 226 -17.12 -20.43 -53.18
CA THR C 226 -17.55 -20.24 -54.56
C THR C 226 -18.51 -21.34 -55.00
N GLN C 227 -18.14 -22.60 -54.74
CA GLN C 227 -18.98 -23.70 -55.18
C GLN C 227 -20.33 -23.69 -54.48
N LYS C 228 -20.32 -23.65 -53.16
CA LYS C 228 -21.54 -23.91 -52.40
C LYS C 228 -22.50 -22.73 -52.40
N HIS C 229 -21.98 -21.50 -52.37
CA HIS C 229 -22.87 -20.36 -52.20
C HIS C 229 -23.86 -20.29 -53.35
N PRO C 230 -25.16 -20.24 -53.08
CA PRO C 230 -26.12 -20.22 -54.20
C PRO C 230 -26.01 -18.99 -55.08
N SER C 231 -25.82 -17.82 -54.49
CA SER C 231 -25.81 -16.57 -55.24
C SER C 231 -24.58 -16.44 -56.14
N ILE C 232 -23.58 -17.29 -55.97
CA ILE C 232 -22.34 -17.24 -56.76
C ILE C 232 -22.41 -18.32 -57.81
N GLU C 233 -22.25 -17.93 -59.07
CA GLU C 233 -22.28 -18.88 -60.17
C GLU C 233 -20.99 -19.68 -60.22
N ASP C 234 -21.11 -20.96 -60.55
CA ASP C 234 -19.96 -21.84 -60.56
C ASP C 234 -19.06 -21.53 -61.76
N GLY C 235 -17.85 -22.06 -61.71
CA GLY C 235 -16.86 -21.85 -62.75
C GLY C 235 -15.78 -20.90 -62.29
N PRO C 236 -14.53 -21.35 -62.32
CA PRO C 236 -13.42 -20.48 -61.89
C PRO C 236 -13.47 -19.12 -62.58
N PRO C 237 -13.81 -19.06 -63.87
CA PRO C 237 -14.03 -17.74 -64.49
C PRO C 237 -15.31 -17.10 -63.98
N PHE C 238 -15.23 -16.50 -62.80
CA PHE C 238 -16.41 -15.94 -62.15
C PHE C 238 -16.86 -14.67 -62.85
N VAL C 239 -18.16 -14.42 -62.78
CA VAL C 239 -18.71 -13.19 -63.34
C VAL C 239 -18.25 -11.98 -62.54
N GLU C 240 -18.26 -12.09 -61.22
CA GLU C 240 -17.90 -10.95 -60.38
C GLU C 240 -16.42 -10.63 -60.55
N PRO C 241 -16.07 -9.37 -60.84
CA PRO C 241 -14.65 -9.04 -60.96
C PRO C 241 -13.85 -9.35 -59.71
N LEU C 242 -14.44 -9.11 -58.53
CA LEU C 242 -13.69 -9.32 -57.30
C LEU C 242 -13.34 -10.79 -57.10
N LEU C 243 -14.27 -11.69 -57.41
CA LEU C 243 -13.98 -13.11 -57.27
C LEU C 243 -12.86 -13.52 -58.21
N ASN C 244 -12.90 -13.04 -59.46
CA ASN C 244 -11.83 -13.34 -60.40
C ASN C 244 -10.51 -12.81 -59.88
N PHE C 245 -10.52 -11.61 -59.31
CA PHE C 245 -9.29 -11.05 -58.75
C PHE C 245 -8.74 -11.92 -57.64
N ILE C 246 -9.62 -12.38 -56.75
CA ILE C 246 -9.16 -13.22 -55.65
C ILE C 246 -8.58 -14.51 -56.18
N TRP C 247 -9.23 -15.10 -57.18
CA TRP C 247 -8.74 -16.33 -57.76
C TRP C 247 -7.36 -16.13 -58.37
N PHE C 248 -7.18 -15.06 -59.13
CA PHE C 248 -5.88 -14.78 -59.72
C PHE C 248 -4.84 -14.48 -58.65
N LEU C 249 -5.25 -13.81 -57.57
CA LEU C 249 -4.31 -13.54 -56.49
C LEU C 249 -3.86 -14.83 -55.83
N LEU C 250 -4.77 -15.77 -55.64
CA LEU C 250 -4.40 -17.07 -55.10
C LEU C 250 -3.41 -17.76 -56.03
N LEU C 251 -3.68 -17.74 -57.33
CA LEU C 251 -2.75 -18.36 -58.29
C LEU C 251 -1.39 -17.69 -58.23
N ALA C 252 -1.38 -16.36 -58.15
CA ALA C 252 -0.11 -15.63 -58.10
C ALA C 252 0.67 -15.97 -56.85
N VAL C 253 -0.01 -16.01 -55.70
CA VAL C 253 0.65 -16.39 -54.46
C VAL C 253 1.22 -17.79 -54.58
N ASP C 254 0.49 -18.68 -55.24
CA ASP C 254 1.05 -19.99 -55.56
C ASP C 254 2.32 -19.83 -56.38
N GLY C 255 2.34 -18.87 -57.29
CA GLY C 255 3.53 -18.58 -58.07
C GLY C 255 4.47 -17.61 -57.38
N GLY C 256 3.94 -16.80 -56.47
CA GLY C 256 4.76 -15.86 -55.73
C GLY C 256 5.48 -14.84 -56.57
N LYS C 257 4.89 -14.40 -57.68
CA LYS C 257 5.53 -13.45 -58.58
C LYS C 257 5.09 -12.04 -58.25
N LEU C 258 6.04 -11.20 -57.86
CA LEU C 258 5.71 -9.83 -57.46
C LEU C 258 5.11 -9.05 -58.60
N THR C 259 5.64 -9.21 -59.81
CA THR C 259 5.14 -8.46 -60.95
C THR C 259 3.66 -8.77 -61.19
N VAL C 260 3.30 -10.06 -61.13
CA VAL C 260 1.91 -10.43 -61.33
C VAL C 260 1.04 -9.82 -60.23
N PHE C 261 1.53 -9.85 -59.00
CA PHE C 261 0.77 -9.27 -57.90
C PHE C 261 0.53 -7.79 -58.12
N THR C 262 1.56 -7.06 -58.53
CA THR C 262 1.40 -5.63 -58.76
C THR C 262 0.44 -5.37 -59.92
N VAL C 263 0.54 -6.18 -60.98
CA VAL C 263 -0.36 -6.02 -62.12
C VAL C 263 -1.81 -6.21 -61.66
N LEU C 264 -2.06 -7.28 -60.90
CA LEU C 264 -3.40 -7.55 -60.43
C LEU C 264 -3.91 -6.43 -59.52
N CYS C 265 -3.05 -5.96 -58.62
CA CYS C 265 -3.44 -4.88 -57.72
C CYS C 265 -3.84 -3.63 -58.51
N GLU C 266 -3.00 -3.26 -59.49
CA GLU C 266 -3.27 -2.04 -60.25
C GLU C 266 -4.54 -2.18 -61.09
N GLN C 267 -4.71 -3.33 -61.74
CA GLN C 267 -5.84 -3.50 -62.65
C GLN C 267 -7.18 -3.45 -61.90
N TYR C 268 -7.25 -4.08 -60.73
CA TYR C 268 -8.50 -4.23 -60.00
C TYR C 268 -8.69 -3.15 -58.94
N GLN C 269 -7.96 -2.04 -59.03
CA GLN C 269 -8.04 -1.02 -57.99
C GLN C 269 -9.47 -0.59 -57.67
N PRO C 270 -10.36 -0.37 -58.65
CA PRO C 270 -11.74 -0.02 -58.29
C PRO C 270 -12.40 -1.05 -57.39
N SER C 271 -12.18 -2.34 -57.67
CA SER C 271 -12.79 -3.38 -56.84
C SER C 271 -12.19 -3.38 -55.44
N LEU C 272 -10.86 -3.30 -55.35
CA LEU C 272 -10.22 -3.26 -54.04
C LEU C 272 -10.68 -2.05 -53.25
N ARG C 273 -11.04 -0.97 -53.92
CA ARG C 273 -11.54 0.21 -53.22
C ARG C 273 -12.91 -0.02 -52.60
N ARG C 274 -13.58 -1.11 -52.93
CA ARG C 274 -14.87 -1.38 -52.29
C ARG C 274 -14.75 -1.44 -50.78
N ASP C 275 -13.60 -1.87 -50.28
CA ASP C 275 -13.29 -1.80 -48.86
C ASP C 275 -11.85 -1.37 -48.67
N PRO C 276 -11.59 -0.26 -48.00
CA PRO C 276 -10.19 0.19 -47.85
C PRO C 276 -9.29 -0.83 -47.17
N MET C 277 -9.81 -1.58 -46.20
CA MET C 277 -8.97 -2.54 -45.48
C MET C 277 -8.21 -3.45 -46.43
N TYR C 278 -8.83 -3.81 -47.56
CA TYR C 278 -8.18 -4.70 -48.51
C TYR C 278 -6.77 -4.21 -48.81
N ASN C 279 -6.63 -2.92 -49.12
CA ASN C 279 -5.31 -2.35 -49.39
C ASN C 279 -4.30 -2.81 -48.35
N GLU C 280 -4.59 -2.56 -47.07
CA GLU C 280 -3.66 -2.92 -46.02
C GLU C 280 -3.31 -4.40 -46.09
N TYR C 281 -4.32 -5.26 -46.21
CA TYR C 281 -4.06 -6.68 -46.32
C TYR C 281 -3.06 -6.95 -47.45
N LEU C 282 -3.33 -6.37 -48.62
CA LEU C 282 -2.43 -6.55 -49.75
C LEU C 282 -1.00 -6.23 -49.35
N ASP C 283 -0.80 -5.11 -48.66
CA ASP C 283 0.54 -4.75 -48.23
C ASP C 283 1.18 -5.89 -47.48
N ARG C 284 0.49 -6.38 -46.44
CA ARG C 284 1.01 -7.51 -45.69
C ARG C 284 1.30 -8.67 -46.63
N ILE C 285 0.34 -8.98 -47.50
CA ILE C 285 0.53 -10.06 -48.47
C ILE C 285 1.76 -9.80 -49.29
N GLY C 286 1.93 -8.57 -49.78
CA GLY C 286 3.11 -8.25 -50.54
C GLY C 286 4.37 -8.51 -49.75
N GLN C 287 4.38 -8.13 -48.47
CA GLN C 287 5.50 -8.47 -47.61
C GLN C 287 5.60 -9.97 -47.42
N LEU C 288 4.46 -10.64 -47.21
CA LEU C 288 4.47 -12.04 -46.83
C LEU C 288 4.70 -12.98 -48.00
N PHE C 289 4.45 -12.52 -49.23
CA PHE C 289 4.56 -13.41 -50.38
C PHE C 289 5.23 -12.79 -51.60
N PHE C 290 5.61 -11.51 -51.56
CA PHE C 290 6.22 -10.89 -52.72
C PHE C 290 7.38 -9.97 -52.36
N GLY C 291 7.93 -10.09 -51.15
CA GLY C 291 9.14 -9.37 -50.80
C GLY C 291 9.00 -7.87 -50.74
N VAL C 292 7.79 -7.36 -50.48
CA VAL C 292 7.66 -5.91 -50.32
C VAL C 292 8.49 -5.47 -49.11
N PRO C 293 9.26 -4.38 -49.20
CA PRO C 293 10.09 -4.00 -48.06
C PRO C 293 9.25 -3.68 -46.85
N PRO C 294 9.76 -3.94 -45.63
CA PRO C 294 9.01 -3.62 -44.42
C PRO C 294 8.95 -2.12 -44.14
N GLU D 8 -0.58 -5.17 -74.11
CA GLU D 8 -0.41 -4.13 -73.11
C GLU D 8 0.77 -4.44 -72.21
N PRO D 9 1.37 -3.42 -71.60
CA PRO D 9 2.53 -3.68 -70.74
C PRO D 9 2.25 -4.67 -69.63
N TRP D 10 1.08 -4.60 -69.02
CA TRP D 10 0.72 -5.55 -67.96
C TRP D 10 0.33 -6.90 -68.53
N ALA D 11 -0.21 -6.93 -69.75
CA ALA D 11 -0.68 -8.20 -70.32
C ALA D 11 0.46 -9.21 -70.40
N ALA D 12 1.68 -8.76 -70.65
CA ALA D 12 2.79 -9.69 -70.77
C ALA D 12 3.05 -10.45 -69.47
N ALA D 13 2.96 -9.76 -68.33
CA ALA D 13 3.30 -10.39 -67.06
C ALA D 13 2.39 -11.55 -66.75
N VAL D 14 1.08 -11.36 -66.88
CA VAL D 14 0.11 -12.40 -66.53
C VAL D 14 0.12 -13.48 -67.60
N PRO D 15 -0.18 -14.73 -67.27
CA PRO D 15 -0.26 -15.76 -68.30
C PRO D 15 -1.37 -15.45 -69.28
N PRO D 16 -1.25 -15.91 -70.53
CA PRO D 16 -2.21 -15.49 -71.57
C PRO D 16 -3.65 -15.78 -71.22
N GLU D 17 -3.94 -16.93 -70.62
CA GLU D 17 -5.32 -17.30 -70.33
C GLU D 17 -5.97 -16.38 -69.30
N TRP D 18 -5.18 -15.78 -68.40
CA TRP D 18 -5.73 -14.77 -67.50
C TRP D 18 -6.09 -13.49 -68.22
N VAL D 19 -5.49 -13.24 -69.38
CA VAL D 19 -5.62 -11.93 -70.03
C VAL D 19 -7.06 -11.60 -70.35
N PRO D 20 -7.83 -12.45 -71.04
CA PRO D 20 -9.15 -12.00 -71.53
C PRO D 20 -10.06 -11.46 -70.44
N ILE D 21 -10.39 -12.31 -69.45
CA ILE D 21 -11.36 -11.92 -68.43
C ILE D 21 -11.03 -10.55 -67.88
N ILE D 22 -9.74 -10.25 -67.69
CA ILE D 22 -9.35 -9.01 -67.03
C ILE D 22 -9.98 -7.82 -67.73
N GLN D 23 -9.88 -7.76 -69.06
CA GLN D 23 -10.47 -6.64 -69.77
C GLN D 23 -11.95 -6.49 -69.44
N GLN D 24 -12.72 -7.58 -69.52
CA GLN D 24 -14.11 -7.51 -69.13
C GLN D 24 -14.23 -6.97 -67.71
N ASP D 25 -13.44 -7.54 -66.79
CA ASP D 25 -13.41 -7.01 -65.43
C ASP D 25 -13.12 -5.51 -65.46
N ILE D 26 -12.07 -5.11 -66.17
CA ILE D 26 -11.78 -3.69 -66.30
C ILE D 26 -13.00 -2.96 -66.85
N GLN D 27 -13.57 -3.50 -67.92
CA GLN D 27 -14.76 -2.86 -68.50
C GLN D 27 -15.89 -2.80 -67.48
N SER D 28 -16.05 -3.87 -66.69
CA SER D 28 -17.06 -3.82 -65.65
C SER D 28 -16.72 -2.76 -64.62
N GLN D 29 -15.44 -2.65 -64.25
CA GLN D 29 -15.05 -1.63 -63.28
C GLN D 29 -15.24 -0.22 -63.84
N ARG D 30 -15.33 -0.08 -65.16
CA ARG D 30 -15.59 1.21 -65.77
C ARG D 30 -17.07 1.58 -65.78
N LYS D 31 -17.96 0.64 -65.45
CA LYS D 31 -19.40 0.90 -65.42
C LYS D 31 -20.02 0.57 -64.07
N VAL D 32 -19.21 0.18 -63.09
CA VAL D 32 -19.73 -0.22 -61.79
C VAL D 32 -20.06 1.02 -60.96
N LYS D 33 -21.25 1.01 -60.37
CA LYS D 33 -21.70 2.11 -59.52
C LYS D 33 -20.97 2.08 -58.17
N PRO D 34 -20.98 3.20 -57.45
CA PRO D 34 -20.28 3.24 -56.15
C PRO D 34 -20.82 2.19 -55.19
N GLN D 35 -19.91 1.66 -54.37
CA GLN D 35 -20.28 0.63 -53.40
C GLN D 35 -21.20 1.22 -52.34
N PRO D 36 -22.36 0.62 -52.08
CA PRO D 36 -23.23 1.15 -51.02
C PRO D 36 -22.57 0.98 -49.66
N PRO D 37 -23.13 1.61 -48.62
CA PRO D 37 -22.56 1.42 -47.27
C PRO D 37 -22.60 -0.04 -46.87
N LEU D 38 -21.58 -0.45 -46.12
CA LEU D 38 -21.41 -1.85 -45.77
C LEU D 38 -22.24 -2.22 -44.55
N SER D 39 -22.80 -3.42 -44.57
CA SER D 39 -23.59 -3.92 -43.45
C SER D 39 -22.70 -4.08 -42.22
N ASP D 40 -23.29 -3.80 -41.06
CA ASP D 40 -22.54 -3.94 -39.81
C ASP D 40 -22.00 -5.35 -39.64
N ALA D 41 -22.69 -6.35 -40.19
CA ALA D 41 -22.16 -7.70 -40.16
C ALA D 41 -20.79 -7.76 -40.80
N TYR D 42 -20.64 -7.12 -41.95
CA TYR D 42 -19.31 -7.02 -42.56
C TYR D 42 -18.36 -6.23 -41.68
N LEU D 43 -18.83 -5.14 -41.08
CA LEU D 43 -17.98 -4.33 -40.22
C LEU D 43 -17.41 -5.13 -39.06
N SER D 44 -18.13 -6.14 -38.60
CA SER D 44 -17.67 -6.94 -37.47
C SER D 44 -16.41 -7.74 -37.78
N GLY D 45 -16.02 -7.83 -39.04
CA GLY D 45 -14.93 -8.68 -39.46
C GLY D 45 -13.54 -8.07 -39.40
N MET D 46 -13.40 -6.87 -38.85
CA MET D 46 -12.11 -6.18 -38.81
C MET D 46 -11.62 -6.00 -37.38
N PRO D 47 -10.33 -5.67 -37.20
CA PRO D 47 -9.80 -5.45 -35.85
C PRO D 47 -10.29 -4.16 -35.23
N ALA D 48 -9.71 -3.78 -34.09
CA ALA D 48 -10.16 -2.59 -33.36
C ALA D 48 -10.53 -1.46 -34.30
N LYS D 49 -9.72 -1.20 -35.31
CA LYS D 49 -10.01 -0.19 -36.31
C LYS D 49 -10.92 -0.78 -37.38
N ARG D 50 -12.09 -0.18 -37.54
CA ARG D 50 -13.06 -0.64 -38.53
C ARG D 50 -13.29 0.43 -39.59
N ARG E 24 -31.65 14.02 19.91
CA ARG E 24 -32.44 13.85 21.11
C ARG E 24 -31.64 13.13 22.19
N ASN E 25 -31.12 13.90 23.14
CA ASN E 25 -30.30 13.34 24.20
C ASN E 25 -31.16 12.95 25.40
N ARG E 26 -30.64 12.00 26.17
CA ARG E 26 -31.34 11.51 27.36
C ARG E 26 -30.35 11.37 28.52
N GLY E 27 -29.41 12.30 28.61
CA GLY E 27 -28.44 12.28 29.68
C GLY E 27 -27.36 11.24 29.55
N GLY E 28 -27.22 10.61 28.39
CA GLY E 28 -26.17 9.62 28.22
C GLY E 28 -24.79 10.20 28.47
N VAL E 29 -24.58 11.44 28.06
CA VAL E 29 -23.26 12.06 28.22
C VAL E 29 -22.89 12.14 29.70
N GLN E 30 -23.85 12.52 30.55
CA GLN E 30 -23.56 12.61 31.98
C GLN E 30 -23.21 11.25 32.56
N ARG E 31 -23.93 10.21 32.14
CA ARG E 31 -23.60 8.86 32.61
C ARG E 31 -22.22 8.45 32.15
N VAL E 32 -21.86 8.79 30.91
CA VAL E 32 -20.52 8.47 30.42
C VAL E 32 -19.48 9.19 31.25
N GLU E 33 -19.74 10.46 31.59
CA GLU E 33 -18.80 11.21 32.40
C GLU E 33 -18.63 10.57 33.78
N GLY E 34 -19.74 10.16 34.39
CA GLY E 34 -19.64 9.49 35.68
C GLY E 34 -18.85 8.19 35.59
N LYS E 35 -19.08 7.42 34.53
CA LYS E 35 -18.35 6.18 34.35
C LYS E 35 -16.85 6.45 34.14
N LEU E 36 -16.53 7.51 33.40
CA LEU E 36 -15.14 7.91 33.25
C LEU E 36 -14.52 8.22 34.61
N ARG E 37 -15.23 8.99 35.42
CA ARG E 37 -14.72 9.33 36.75
C ARG E 37 -14.46 8.07 37.56
N ALA E 38 -15.42 7.14 37.55
CA ALA E 38 -15.25 5.91 38.31
C ALA E 38 -14.06 5.12 37.80
N SER E 39 -13.92 4.99 36.48
CA SER E 39 -12.82 4.22 35.91
C SER E 39 -11.48 4.84 36.30
N VAL E 40 -11.40 6.16 36.24
CA VAL E 40 -10.17 6.83 36.67
C VAL E 40 -9.89 6.51 38.13
N GLU E 41 -10.91 6.56 38.98
CA GLU E 41 -10.72 6.25 40.38
C GLU E 41 -10.31 4.80 40.58
N LYS E 42 -10.69 3.91 39.66
CA LYS E 42 -10.34 2.51 39.77
C LYS E 42 -8.94 2.20 39.25
N GLY E 43 -8.29 3.14 38.57
CA GLY E 43 -6.99 2.87 38.00
C GLY E 43 -7.02 2.19 36.66
N ASP E 44 -8.12 2.30 35.92
CA ASP E 44 -8.21 1.75 34.56
C ASP E 44 -7.91 2.88 33.59
N TYR E 45 -6.62 3.22 33.49
CA TYR E 45 -6.24 4.44 32.80
C TYR E 45 -6.57 4.38 31.30
N TYR E 46 -6.30 3.25 30.65
CA TYR E 46 -6.53 3.20 29.20
C TYR E 46 -8.01 3.38 28.87
N GLU E 47 -8.88 2.68 29.59
CA GLU E 47 -10.30 2.83 29.36
C GLU E 47 -10.73 4.27 29.64
N ALA E 48 -10.16 4.88 30.68
CA ALA E 48 -10.45 6.27 30.98
C ALA E 48 -10.05 7.17 29.81
N HIS E 49 -8.91 6.90 29.19
CA HIS E 49 -8.48 7.70 28.06
C HIS E 49 -9.44 7.54 26.89
N GLN E 50 -9.91 6.31 26.66
CA GLN E 50 -10.90 6.09 25.61
C GLN E 50 -12.16 6.92 25.87
N MET E 51 -12.65 6.88 27.10
CA MET E 51 -13.84 7.67 27.42
C MET E 51 -13.55 9.16 27.31
N TYR E 52 -12.32 9.58 27.60
CA TYR E 52 -11.96 10.98 27.39
C TYR E 52 -12.11 11.36 25.93
N ARG E 53 -11.60 10.52 25.05
CA ARG E 53 -11.75 10.80 23.62
C ARG E 53 -13.22 10.91 23.23
N THR E 54 -14.02 9.96 23.71
CA THR E 54 -15.44 9.96 23.37
C THR E 54 -16.10 11.25 23.84
N LEU E 55 -15.83 11.65 25.09
CA LEU E 55 -16.43 12.87 25.62
C LEU E 55 -15.97 14.08 24.84
N PHE E 56 -14.69 14.11 24.46
CA PHE E 56 -14.20 15.24 23.68
C PHE E 56 -15.00 15.38 22.39
N PHE E 57 -15.19 14.27 21.68
CA PHE E 57 -15.91 14.35 20.42
C PHE E 57 -17.36 14.74 20.64
N ARG E 58 -18.00 14.18 21.67
CA ARG E 58 -19.38 14.55 21.95
C ARG E 58 -19.51 16.05 22.23
N TYR E 59 -18.63 16.59 23.07
CA TYR E 59 -18.67 18.01 23.38
C TYR E 59 -18.45 18.84 22.12
N MET E 60 -17.42 18.50 21.34
CA MET E 60 -17.15 19.26 20.13
C MET E 60 -18.34 19.23 19.18
N SER E 61 -19.12 18.15 19.20
CA SER E 61 -20.35 18.13 18.42
C SER E 61 -21.32 19.20 18.90
N GLN E 62 -21.44 19.38 20.21
CA GLN E 62 -22.31 20.39 20.77
C GLN E 62 -21.72 21.79 20.70
N SER E 63 -20.47 21.93 20.24
CA SER E 63 -19.78 23.21 20.14
C SER E 63 -19.40 23.78 21.50
N LYS E 64 -19.29 22.93 22.52
CA LYS E 64 -18.81 23.37 23.83
C LYS E 64 -17.27 23.36 23.84
N HIS E 65 -16.71 24.09 22.90
CA HIS E 65 -15.27 24.02 22.64
C HIS E 65 -14.47 24.29 23.91
N THR E 66 -14.83 25.33 24.65
CA THR E 66 -14.08 25.66 25.86
C THR E 66 -14.12 24.51 26.85
N GLU E 67 -15.29 23.93 27.06
CA GLU E 67 -15.40 22.84 28.03
C GLU E 67 -14.61 21.63 27.58
N ALA E 68 -14.67 21.31 26.29
CA ALA E 68 -13.90 20.18 25.78
C ALA E 68 -12.41 20.42 25.97
N ARG E 69 -11.94 21.62 25.67
CA ARG E 69 -10.52 21.93 25.82
C ARG E 69 -10.10 21.82 27.26
N GLU E 70 -10.91 22.35 28.19
CA GLU E 70 -10.57 22.25 29.60
C GLU E 70 -10.51 20.80 30.04
N LEU E 71 -11.48 19.99 29.60
CA LEU E 71 -11.49 18.59 30.00
C LEU E 71 -10.26 17.87 29.47
N MET E 72 -9.91 18.10 28.21
CA MET E 72 -8.74 17.45 27.64
C MET E 72 -7.47 17.89 28.36
N TYR E 73 -7.34 19.18 28.67
CA TYR E 73 -6.16 19.65 29.37
C TYR E 73 -6.05 18.99 30.74
N SER E 74 -7.16 18.95 31.48
CA SER E 74 -7.14 18.34 32.79
C SER E 74 -6.79 16.86 32.71
N GLY E 75 -7.37 16.16 31.74
CA GLY E 75 -7.07 14.74 31.58
C GLY E 75 -5.62 14.49 31.22
N ALA E 76 -5.07 15.33 30.34
CA ALA E 76 -3.66 15.19 29.99
C ALA E 76 -2.78 15.39 31.20
N LEU E 77 -3.07 16.42 32.00
CA LEU E 77 -2.29 16.62 33.22
C LEU E 77 -2.42 15.41 34.15
N LEU E 78 -3.63 14.89 34.30
CA LEU E 78 -3.82 13.74 35.17
C LEU E 78 -3.01 12.55 34.69
N PHE E 79 -3.06 12.26 33.40
CA PHE E 79 -2.33 11.11 32.86
C PHE E 79 -0.83 11.31 33.02
N PHE E 80 -0.34 12.53 32.80
CA PHE E 80 1.07 12.80 33.03
C PHE E 80 1.44 12.52 34.48
N SER E 81 0.60 12.96 35.41
CA SER E 81 0.88 12.74 36.82
C SER E 81 1.04 11.27 37.15
N HIS E 82 0.30 10.40 36.46
CA HIS E 82 0.35 8.97 36.72
C HIS E 82 1.33 8.23 35.82
N GLY E 83 2.03 8.93 34.93
CA GLY E 83 2.99 8.30 34.06
C GLY E 83 2.42 7.71 32.78
N GLN E 84 1.12 7.87 32.53
CA GLN E 84 0.51 7.39 31.29
C GLN E 84 0.93 8.36 30.18
N GLN E 85 2.14 8.15 29.67
CA GLN E 85 2.73 9.11 28.74
C GLN E 85 1.92 9.22 27.46
N ASN E 86 1.77 8.10 26.74
CA ASN E 86 1.17 8.16 25.41
C ASN E 86 -0.26 8.67 25.48
N SER E 87 -1.03 8.24 26.48
CA SER E 87 -2.39 8.72 26.60
C SER E 87 -2.43 10.23 26.81
N ALA E 88 -1.54 10.73 27.67
CA ALA E 88 -1.49 12.17 27.90
C ALA E 88 -1.12 12.92 26.63
N ALA E 89 -0.17 12.38 25.88
CA ALA E 89 0.21 13.03 24.63
C ALA E 89 -0.95 13.06 23.65
N ASP E 90 -1.71 11.97 23.57
CA ASP E 90 -2.87 11.93 22.68
C ASP E 90 -3.90 12.97 23.12
N LEU E 91 -4.14 13.09 24.42
CA LEU E 91 -5.09 14.09 24.89
C LEU E 91 -4.60 15.50 24.59
N SER E 92 -3.30 15.74 24.69
CA SER E 92 -2.76 17.04 24.32
C SER E 92 -2.99 17.32 22.84
N MET E 93 -2.77 16.31 22.01
CA MET E 93 -3.08 16.47 20.59
C MET E 93 -4.54 16.83 20.40
N LEU E 94 -5.43 16.24 21.20
CA LEU E 94 -6.84 16.60 21.13
C LEU E 94 -7.06 18.05 21.55
N VAL E 95 -6.30 18.52 22.54
CA VAL E 95 -6.40 19.92 22.94
C VAL E 95 -6.06 20.81 21.75
N LEU E 96 -4.98 20.47 21.04
CA LEU E 96 -4.61 21.24 19.86
C LEU E 96 -5.71 21.18 18.82
N GLU E 97 -6.33 20.01 18.64
CA GLU E 97 -7.43 19.89 17.69
C GLU E 97 -8.57 20.81 18.06
N SER E 98 -8.91 20.87 19.35
CA SER E 98 -9.98 21.75 19.79
C SER E 98 -9.63 23.20 19.51
N LEU E 99 -8.40 23.60 19.82
CA LEU E 99 -8.00 24.98 19.55
C LEU E 99 -8.09 25.29 18.06
N GLU E 100 -7.61 24.38 17.22
CA GLU E 100 -7.65 24.62 15.78
C GLU E 100 -9.08 24.76 15.29
N LYS E 101 -9.94 23.81 15.67
CA LYS E 101 -11.32 23.83 15.16
C LYS E 101 -12.06 25.05 15.66
N ALA E 102 -11.91 25.40 16.93
CA ALA E 102 -12.61 26.55 17.49
C ALA E 102 -12.03 27.88 17.05
N GLU E 103 -10.87 27.88 16.39
CA GLU E 103 -10.24 29.11 15.92
C GLU E 103 -10.10 30.11 17.07
N VAL E 104 -9.64 29.61 18.22
CA VAL E 104 -9.49 30.47 19.38
C VAL E 104 -8.31 31.40 19.18
N GLU E 105 -8.53 32.69 19.41
CA GLU E 105 -7.44 33.65 19.32
C GLU E 105 -6.36 33.32 20.34
N VAL E 106 -5.10 33.49 19.94
CA VAL E 106 -3.99 33.14 20.81
C VAL E 106 -4.00 34.04 22.04
N ALA E 107 -3.86 33.43 23.22
CA ALA E 107 -3.79 34.16 24.47
C ALA E 107 -2.68 33.56 25.32
N ASP E 108 -2.03 34.42 26.11
CA ASP E 108 -0.88 33.98 26.87
C ASP E 108 -1.19 32.76 27.74
N GLU E 109 -2.41 32.69 28.28
CA GLU E 109 -2.75 31.57 29.16
C GLU E 109 -2.70 30.25 28.40
N LEU E 110 -3.31 30.20 27.22
CA LEU E 110 -3.28 28.98 26.42
C LEU E 110 -1.85 28.63 26.03
N LEU E 111 -1.06 29.64 25.67
CA LEU E 111 0.32 29.37 25.28
C LEU E 111 1.10 28.78 26.44
N GLU E 112 0.91 29.31 27.65
CA GLU E 112 1.60 28.76 28.80
C GLU E 112 1.12 27.35 29.11
N ASN E 113 -0.17 27.08 28.93
CA ASN E 113 -0.66 25.73 29.13
C ASN E 113 0.01 24.77 28.16
N LEU E 114 0.11 25.16 26.89
CA LEU E 114 0.77 24.31 25.91
C LEU E 114 2.23 24.11 26.27
N ALA E 115 2.89 25.17 26.72
CA ALA E 115 4.29 25.05 27.12
C ALA E 115 4.45 24.05 28.25
N LYS E 116 3.58 24.13 29.25
CA LYS E 116 3.65 23.18 30.36
C LYS E 116 3.44 21.76 29.86
N VAL E 117 2.42 21.57 29.01
CA VAL E 117 2.15 20.23 28.49
C VAL E 117 3.38 19.69 27.77
N PHE E 118 3.98 20.51 26.92
CA PHE E 118 5.17 20.07 26.21
C PHE E 118 6.29 19.73 27.18
N SER E 119 6.49 20.56 28.19
CA SER E 119 7.51 20.27 29.19
C SER E 119 7.29 18.93 29.84
N LEU E 120 6.02 18.54 30.04
CA LEU E 120 5.75 17.28 30.72
C LEU E 120 6.04 16.06 29.85
N MET E 121 6.08 16.22 28.52
CA MET E 121 6.28 15.08 27.65
C MET E 121 7.71 14.55 27.74
N ASP E 122 7.89 13.32 27.27
CA ASP E 122 9.20 12.70 27.26
C ASP E 122 10.03 13.24 26.10
N PRO E 123 11.25 13.72 26.35
CA PRO E 123 11.98 14.46 25.30
C PRO E 123 12.18 13.68 24.01
N ASN E 124 12.45 12.38 24.10
CA ASN E 124 12.79 11.62 22.90
C ASN E 124 11.57 11.25 22.07
N SER E 125 10.38 11.28 22.64
CA SER E 125 9.21 10.81 21.90
C SER E 125 8.92 11.74 20.73
N PRO E 126 8.65 11.19 19.53
CA PRO E 126 8.31 12.06 18.40
C PRO E 126 7.02 12.82 18.61
N GLU E 127 6.17 12.36 19.54
CA GLU E 127 4.93 13.09 19.80
C GLU E 127 5.23 14.51 20.23
N ARG E 128 6.35 14.75 20.90
CA ARG E 128 6.75 16.12 21.20
C ARG E 128 6.96 16.91 19.91
N VAL E 129 7.62 16.30 18.93
CA VAL E 129 7.84 16.99 17.66
C VAL E 129 6.51 17.33 17.01
N THR E 130 5.60 16.34 16.97
CA THR E 130 4.31 16.57 16.32
C THR E 130 3.53 17.65 17.04
N PHE E 131 3.48 17.59 18.36
CA PHE E 131 2.74 18.57 19.14
C PHE E 131 3.32 19.96 18.95
N VAL E 132 4.65 20.07 18.97
CA VAL E 132 5.29 21.36 18.79
C VAL E 132 4.95 21.93 17.42
N SER E 133 5.08 21.10 16.38
CA SER E 133 4.80 21.59 15.04
C SER E 133 3.36 22.08 14.94
N ARG E 134 2.42 21.29 15.44
CA ARG E 134 1.01 21.68 15.35
C ARG E 134 0.75 22.96 16.13
N ALA E 135 1.31 23.07 17.34
CA ALA E 135 1.09 24.26 18.14
C ALA E 135 1.63 25.49 17.44
N LEU E 136 2.87 25.41 16.93
CA LEU E 136 3.44 26.55 16.24
C LEU E 136 2.60 26.92 15.03
N LYS E 137 2.14 25.93 14.26
CA LYS E 137 1.29 26.24 13.13
C LYS E 137 0.04 26.97 13.59
N TRP E 138 -0.59 26.51 14.68
CA TRP E 138 -1.76 27.20 15.19
C TRP E 138 -1.38 28.58 15.73
N SER E 139 -0.32 28.65 16.53
CA SER E 139 0.06 29.90 17.16
C SER E 139 0.27 30.96 16.10
N SER E 140 -0.61 31.96 16.06
CA SER E 140 -0.53 33.00 15.05
C SER E 140 -0.42 32.39 13.65
N GLY E 141 -1.33 31.46 13.36
CA GLY E 141 -1.30 30.79 12.08
C GLY E 141 -1.41 31.75 10.91
N GLY E 142 -2.22 32.79 11.06
CA GLY E 142 -2.34 33.80 10.03
C GLY E 142 -1.21 34.81 10.00
N SER E 143 -0.41 34.90 11.07
CA SER E 143 0.68 35.86 11.10
C SER E 143 1.82 35.45 10.19
N GLY E 144 2.21 34.18 10.23
CA GLY E 144 3.29 33.70 9.39
C GLY E 144 3.69 32.30 9.77
N LYS E 145 4.65 31.78 9.01
CA LYS E 145 5.15 30.43 9.23
C LYS E 145 6.04 30.33 10.47
N LEU E 146 6.57 31.45 10.95
CA LEU E 146 7.44 31.40 12.12
C LEU E 146 6.68 30.97 13.37
N GLY E 147 5.45 31.43 13.53
CA GLY E 147 4.69 31.21 14.73
C GLY E 147 4.89 32.32 15.75
N HIS E 148 4.00 32.35 16.73
CA HIS E 148 4.03 33.42 17.71
C HIS E 148 5.32 33.34 18.53
N PRO E 149 6.04 34.45 18.72
CA PRO E 149 7.31 34.37 19.44
C PRO E 149 7.17 33.84 20.86
N ARG E 150 6.03 34.07 21.52
CA ARG E 150 5.92 33.68 22.92
C ARG E 150 6.05 32.17 23.08
N LEU E 151 5.39 31.41 22.21
CA LEU E 151 5.51 29.96 22.28
C LEU E 151 6.94 29.52 22.04
N HIS E 152 7.60 30.11 21.06
CA HIS E 152 8.99 29.77 20.78
C HIS E 152 9.84 30.02 22.03
N GLN E 153 9.63 31.15 22.68
CA GLN E 153 10.43 31.49 23.85
C GLN E 153 10.17 30.52 24.99
N LEU E 154 8.91 30.16 25.22
CA LEU E 154 8.59 29.21 26.29
C LEU E 154 9.21 27.85 26.01
N LEU E 155 9.08 27.37 24.78
CA LEU E 155 9.69 26.09 24.43
C LEU E 155 11.19 26.14 24.58
N ALA E 156 11.79 27.28 24.22
CA ALA E 156 13.23 27.42 24.36
C ALA E 156 13.64 27.33 25.82
N LEU E 157 12.91 28.02 26.70
CA LEU E 157 13.22 27.92 28.12
C LEU E 157 13.10 26.48 28.59
N THR E 158 12.02 25.80 28.20
CA THR E 158 11.80 24.44 28.67
C THR E 158 12.91 23.52 28.21
N LEU E 159 13.32 23.63 26.94
CA LEU E 159 14.42 22.81 26.44
C LEU E 159 15.72 23.15 27.14
N TRP E 160 15.95 24.44 27.41
CA TRP E 160 17.16 24.83 28.13
C TRP E 160 17.22 24.17 29.49
N LYS E 161 16.11 24.17 30.22
CA LYS E 161 16.07 23.42 31.48
C LYS E 161 16.39 21.95 31.25
N GLU E 162 15.93 21.40 30.12
CA GLU E 162 16.24 20.03 29.77
C GLU E 162 17.68 19.84 29.32
N GLN E 163 18.43 20.93 29.14
CA GLN E 163 19.80 20.90 28.65
C GLN E 163 19.87 20.44 27.19
N ASN E 164 18.76 20.49 26.47
CA ASN E 164 18.75 20.19 25.04
C ASN E 164 19.08 21.47 24.29
N TYR E 165 20.37 21.80 24.29
CA TYR E 165 20.79 23.12 23.84
C TYR E 165 20.52 23.35 22.36
N CYS E 166 20.56 22.30 21.54
CA CYS E 166 20.34 22.49 20.10
C CYS E 166 18.97 23.11 19.83
N GLU E 167 17.91 22.40 20.19
CA GLU E 167 16.56 22.88 19.92
C GLU E 167 16.27 24.15 20.70
N SER E 168 16.79 24.26 21.91
CA SER E 168 16.59 25.48 22.69
C SER E 168 17.15 26.68 21.94
N ARG E 169 18.36 26.55 21.43
CA ARG E 169 18.97 27.64 20.68
C ARG E 169 18.16 27.93 19.42
N TYR E 170 17.71 26.88 18.73
CA TYR E 170 16.90 27.10 17.53
C TYR E 170 15.67 27.94 17.85
N HIS E 171 14.94 27.56 18.90
CA HIS E 171 13.73 28.30 19.26
C HIS E 171 14.06 29.72 19.68
N PHE E 172 15.11 29.90 20.49
CA PHE E 172 15.51 31.26 20.83
C PHE E 172 15.72 32.08 19.57
N LEU E 173 16.48 31.54 18.62
CA LEU E 173 16.70 32.23 17.36
C LEU E 173 15.37 32.64 16.74
N HIS E 174 14.41 31.73 16.71
CA HIS E 174 13.09 32.09 16.25
C HIS E 174 12.34 32.93 17.27
N SER E 175 12.74 32.90 18.53
CA SER E 175 12.09 33.68 19.56
C SER E 175 12.53 35.14 19.49
N ALA E 176 11.81 35.98 20.25
CA ALA E 176 12.17 37.39 20.38
C ALA E 176 13.05 37.67 21.59
N ASP E 177 13.30 36.67 22.44
CA ASP E 177 14.11 36.87 23.63
C ASP E 177 15.58 36.71 23.31
N GLY E 178 16.42 37.59 23.85
CA GLY E 178 17.85 37.50 23.68
C GLY E 178 18.58 37.28 24.99
N GLU E 179 18.03 37.84 26.07
CA GLU E 179 18.72 37.79 27.36
C GLU E 179 18.89 36.35 27.83
N GLY E 180 17.78 35.63 27.98
CA GLY E 180 17.88 34.22 28.28
C GLY E 180 18.64 33.48 27.20
N CYS E 181 18.46 33.89 25.94
CA CYS E 181 19.24 33.29 24.87
C CYS E 181 20.72 33.52 25.09
N ALA E 182 21.10 34.74 25.49
CA ALA E 182 22.51 35.02 25.74
C ALA E 182 23.05 34.17 26.87
N ASN E 183 22.29 34.05 27.96
CA ASN E 183 22.76 33.25 29.09
C ASN E 183 22.91 31.80 28.69
N MET E 184 21.92 31.27 27.96
CA MET E 184 21.99 29.88 27.53
C MET E 184 23.18 29.67 26.59
N LEU E 185 23.44 30.65 25.72
CA LEU E 185 24.59 30.55 24.82
C LEU E 185 25.89 30.54 25.61
N VAL E 186 25.99 31.38 26.64
CA VAL E 186 27.18 31.40 27.47
C VAL E 186 27.39 30.02 28.09
N GLU E 187 26.34 29.48 28.70
CA GLU E 187 26.46 28.18 29.34
C GLU E 187 26.80 27.10 28.32
N TYR E 188 26.18 27.15 27.15
CA TYR E 188 26.39 26.13 26.13
C TYR E 188 27.82 26.16 25.62
N SER E 189 28.35 27.36 25.34
CA SER E 189 29.72 27.47 24.88
C SER E 189 30.69 27.00 25.96
N THR E 190 30.44 27.38 27.21
CA THR E 190 31.34 26.97 28.29
C THR E 190 31.33 25.46 28.45
N SER E 191 30.15 24.84 28.37
CA SER E 191 30.04 23.40 28.62
C SER E 191 30.59 22.59 27.45
N ARG E 192 30.29 22.99 26.22
CA ARG E 192 30.62 22.20 25.04
C ARG E 192 31.55 22.91 24.07
N GLY E 193 31.54 24.24 24.01
CA GLY E 193 32.36 24.95 23.06
C GLY E 193 33.84 24.82 23.38
N PHE E 194 34.66 24.95 22.34
CA PHE E 194 36.10 24.88 22.50
C PHE E 194 36.66 26.24 22.91
N ARG E 195 37.97 26.25 23.20
CA ARG E 195 38.61 27.45 23.67
C ARG E 195 38.54 28.57 22.64
N SER E 196 38.74 28.24 21.37
CA SER E 196 38.81 29.23 20.30
C SER E 196 37.48 29.45 19.60
N GLU E 197 36.36 29.24 20.29
CA GLU E 197 35.04 29.36 19.69
C GLU E 197 34.12 30.30 20.47
N VAL E 198 34.57 30.88 21.58
CA VAL E 198 33.68 31.66 22.42
C VAL E 198 33.06 32.80 21.63
N ASP E 199 33.90 33.58 20.94
CA ASP E 199 33.39 34.68 20.15
C ASP E 199 32.55 34.18 18.98
N MET E 200 32.95 33.07 18.37
CA MET E 200 32.28 32.59 17.16
C MET E 200 30.85 32.15 17.46
N PHE E 201 30.58 31.64 18.66
CA PHE E 201 29.21 31.27 19.00
C PHE E 201 28.29 32.47 18.94
N VAL E 202 28.65 33.54 19.64
CA VAL E 202 27.81 34.73 19.63
C VAL E 202 27.78 35.34 18.24
N ALA E 203 28.87 35.23 17.49
CA ALA E 203 28.87 35.72 16.12
C ALA E 203 27.79 35.04 15.31
N GLN E 204 27.76 33.70 15.35
CA GLN E 204 26.77 32.96 14.59
C GLN E 204 25.36 33.31 15.07
N ALA E 205 25.17 33.38 16.39
CA ALA E 205 23.85 33.70 16.90
C ALA E 205 23.39 35.07 16.40
N VAL E 206 24.27 36.06 16.44
CA VAL E 206 23.91 37.41 16.03
C VAL E 206 23.61 37.45 14.54
N LEU E 207 24.44 36.81 13.73
CA LEU E 207 24.19 36.81 12.29
C LEU E 207 22.90 36.11 11.95
N GLN E 208 22.61 34.99 12.61
CA GLN E 208 21.37 34.28 12.35
C GLN E 208 20.17 35.11 12.78
N PHE E 209 20.27 35.81 13.91
CA PHE E 209 19.20 36.72 14.29
C PHE E 209 19.00 37.80 13.24
N LEU E 210 20.10 38.36 12.74
CA LEU E 210 20.00 39.45 11.79
C LEU E 210 19.43 39.01 10.45
N CYS E 211 19.76 37.80 10.00
CA CYS E 211 19.16 37.34 8.75
C CYS E 211 17.65 37.39 8.83
N LEU E 212 17.09 37.03 9.98
CA LEU E 212 15.70 37.35 10.27
C LEU E 212 15.61 38.83 10.66
N LYS E 213 14.44 39.40 10.45
CA LYS E 213 14.27 40.83 10.63
C LYS E 213 14.52 41.29 12.06
N ASN E 214 14.55 40.38 13.03
CA ASN E 214 14.69 40.73 14.43
C ASN E 214 16.12 41.18 14.70
N LYS E 215 16.39 42.44 14.35
CA LYS E 215 17.70 43.02 14.64
C LYS E 215 17.84 43.43 16.10
N SER E 216 16.76 43.89 16.73
CA SER E 216 16.84 44.30 18.13
C SER E 216 17.23 43.12 19.02
N SER E 217 16.69 41.94 18.72
CA SER E 217 17.09 40.75 19.47
C SER E 217 18.57 40.48 19.29
N ALA E 218 19.09 40.66 18.08
CA ALA E 218 20.53 40.50 17.86
C ALA E 218 21.31 41.48 18.72
N SER E 219 20.87 42.73 18.77
CA SER E 219 21.57 43.74 19.56
C SER E 219 21.60 43.33 21.03
N VAL E 220 20.44 42.98 21.59
CA VAL E 220 20.37 42.70 23.01
C VAL E 220 21.16 41.43 23.33
N VAL E 221 21.06 40.40 22.50
CA VAL E 221 21.79 39.16 22.78
C VAL E 221 23.28 39.42 22.71
N PHE E 222 23.74 40.16 21.71
CA PHE E 222 25.16 40.48 21.64
C PHE E 222 25.61 41.22 22.88
N THR E 223 24.87 42.26 23.26
CA THR E 223 25.27 43.06 24.42
C THR E 223 25.37 42.18 25.66
N THR E 224 24.33 41.39 25.93
CA THR E 224 24.29 40.59 27.14
C THR E 224 25.37 39.52 27.14
N TYR E 225 25.51 38.79 26.02
CA TYR E 225 26.52 37.76 25.93
C TYR E 225 27.91 38.35 26.18
N THR E 226 28.21 39.47 25.52
CA THR E 226 29.52 40.08 25.71
C THR E 226 29.73 40.52 27.14
N GLN E 227 28.74 41.18 27.73
CA GLN E 227 28.90 41.71 29.08
C GLN E 227 29.08 40.60 30.09
N LYS E 228 28.32 39.51 29.96
CA LYS E 228 28.25 38.51 31.02
C LYS E 228 29.17 37.33 30.82
N HIS E 229 29.67 37.10 29.62
CA HIS E 229 30.53 35.94 29.40
C HIS E 229 31.84 36.12 30.17
N PRO E 230 32.24 35.15 30.98
CA PRO E 230 33.45 35.33 31.79
C PRO E 230 34.70 35.58 30.96
N SER E 231 34.84 34.89 29.84
CA SER E 231 36.03 34.98 29.01
C SER E 231 35.99 36.16 28.04
N ILE E 232 34.96 37.00 28.11
CA ILE E 232 34.82 38.17 27.25
C ILE E 232 35.03 39.41 28.10
N GLU E 233 35.95 40.26 27.67
CA GLU E 233 36.29 41.46 28.42
C GLU E 233 35.22 42.53 28.23
N ASP E 234 35.04 43.34 29.27
CA ASP E 234 34.07 44.41 29.21
C ASP E 234 34.56 45.53 28.30
N GLY E 235 33.62 46.31 27.78
CA GLY E 235 33.92 47.43 26.92
C GLY E 235 33.95 47.01 25.46
N PRO E 236 33.02 47.54 24.66
CA PRO E 236 32.83 47.01 23.30
C PRO E 236 34.14 46.89 22.53
N PRO E 237 35.13 47.75 22.78
CA PRO E 237 36.41 47.60 22.08
C PRO E 237 37.14 46.34 22.54
N PHE E 238 36.75 45.21 21.97
CA PHE E 238 37.20 43.89 22.41
C PHE E 238 38.54 43.52 21.78
N VAL E 239 39.22 42.58 22.42
CA VAL E 239 40.44 42.02 21.84
C VAL E 239 40.12 41.27 20.57
N GLU E 240 39.07 40.47 20.57
CA GLU E 240 38.73 39.66 19.41
C GLU E 240 38.35 40.57 18.25
N PRO E 241 39.06 40.52 17.12
CA PRO E 241 38.63 41.33 15.97
C PRO E 241 37.23 40.99 15.49
N LEU E 242 36.85 39.71 15.56
CA LEU E 242 35.54 39.32 15.04
C LEU E 242 34.42 39.97 15.83
N LEU E 243 34.55 40.03 17.16
CA LEU E 243 33.52 40.65 17.96
C LEU E 243 33.42 42.14 17.65
N ASN E 244 34.55 42.80 17.46
CA ASN E 244 34.52 44.20 17.04
C ASN E 244 33.82 44.34 15.71
N PHE E 245 34.06 43.41 14.79
CA PHE E 245 33.35 43.43 13.51
C PHE E 245 31.85 43.31 13.72
N ILE E 246 31.42 42.43 14.61
CA ILE E 246 29.99 42.30 14.87
C ILE E 246 29.43 43.59 15.43
N TRP E 247 30.16 44.21 16.35
CA TRP E 247 29.73 45.49 16.91
C TRP E 247 29.54 46.53 15.81
N PHE E 248 30.55 46.66 14.95
CA PHE E 248 30.46 47.64 13.86
C PHE E 248 29.32 47.30 12.92
N LEU E 249 29.10 46.01 12.64
CA LEU E 249 28.01 45.62 11.76
C LEU E 249 26.66 45.98 12.37
N LEU E 250 26.51 45.76 13.68
CA LEU E 250 25.28 46.16 14.35
C LEU E 250 25.07 47.66 14.25
N LEU E 251 26.14 48.44 14.44
CA LEU E 251 26.01 49.88 14.28
C LEU E 251 25.63 50.26 12.86
N ALA E 252 26.21 49.58 11.87
CA ALA E 252 26.00 49.94 10.48
C ALA E 252 24.56 49.62 10.04
N VAL E 253 24.07 48.43 10.39
CA VAL E 253 22.71 48.07 10.01
C VAL E 253 21.72 49.11 10.52
N ASP E 254 22.06 49.79 11.61
CA ASP E 254 21.20 50.85 12.11
C ASP E 254 21.07 52.00 11.11
N GLY E 255 22.02 52.13 10.19
CA GLY E 255 21.99 53.19 9.19
C GLY E 255 21.78 52.67 7.79
N GLY E 256 22.02 51.38 7.57
CA GLY E 256 21.83 50.80 6.26
C GLY E 256 22.74 51.36 5.18
N LYS E 257 23.99 51.62 5.52
CA LYS E 257 24.95 52.15 4.54
C LYS E 257 25.65 50.98 3.86
N LEU E 258 25.29 50.74 2.59
CA LEU E 258 25.83 49.59 1.88
C LEU E 258 27.33 49.68 1.73
N THR E 259 27.86 50.87 1.44
CA THR E 259 29.30 51.01 1.27
C THR E 259 30.04 50.65 2.55
N VAL E 260 29.52 51.08 3.70
CA VAL E 260 30.14 50.72 4.97
C VAL E 260 30.09 49.22 5.16
N PHE E 261 28.96 48.59 4.81
CA PHE E 261 28.84 47.15 4.95
C PHE E 261 29.88 46.43 4.10
N THR E 262 30.06 46.86 2.85
CA THR E 262 31.06 46.24 2.00
C THR E 262 32.46 46.46 2.54
N VAL E 263 32.74 47.66 3.05
CA VAL E 263 34.04 47.93 3.66
C VAL E 263 34.30 46.95 4.77
N LEU E 264 33.33 46.80 5.68
CA LEU E 264 33.50 45.89 6.80
C LEU E 264 33.70 44.46 6.34
N CYS E 265 32.89 44.02 5.37
CA CYS E 265 33.02 42.66 4.88
C CYS E 265 34.41 42.41 4.32
N GLU E 266 34.88 43.31 3.45
CA GLU E 266 36.17 43.12 2.81
C GLU E 266 37.30 43.15 3.82
N GLN E 267 37.27 44.11 4.74
CA GLN E 267 38.38 44.27 5.68
C GLN E 267 38.49 43.09 6.62
N TYR E 268 37.37 42.53 7.06
CA TYR E 268 37.36 41.47 8.06
C TYR E 268 37.30 40.08 7.44
N GLN E 269 37.54 39.96 6.15
CA GLN E 269 37.39 38.68 5.47
C GLN E 269 38.12 37.55 6.20
N PRO E 270 39.34 37.71 6.70
CA PRO E 270 39.97 36.62 7.45
C PRO E 270 39.13 36.15 8.63
N SER E 271 38.51 37.09 9.34
CA SER E 271 37.66 36.70 10.47
C SER E 271 36.40 35.99 9.99
N LEU E 272 35.76 36.53 8.96
CA LEU E 272 34.53 35.92 8.45
C LEU E 272 34.79 34.50 7.97
N ARG E 273 35.93 34.27 7.34
CA ARG E 273 36.23 32.95 6.79
C ARG E 273 36.36 31.88 7.87
N ARG E 274 36.48 32.27 9.14
CA ARG E 274 36.52 31.27 10.20
C ARG E 274 35.33 30.33 10.13
N ASP E 275 34.16 30.87 9.78
CA ASP E 275 32.98 30.06 9.48
C ASP E 275 32.55 30.37 8.06
N PRO E 276 32.67 29.42 7.12
CA PRO E 276 32.33 29.76 5.73
C PRO E 276 30.91 30.25 5.57
N MET E 277 29.96 29.65 6.29
CA MET E 277 28.56 30.02 6.11
C MET E 277 28.35 31.51 6.33
N TYR E 278 29.09 32.10 7.25
CA TYR E 278 29.02 33.53 7.51
C TYR E 278 28.88 34.30 6.20
N ASN E 279 29.70 33.94 5.20
CA ASN E 279 29.67 34.65 3.93
C ASN E 279 28.23 34.82 3.45
N GLU E 280 27.54 33.71 3.18
CA GLU E 280 26.18 33.83 2.64
C GLU E 280 25.28 34.57 3.61
N TYR E 281 25.50 34.40 4.91
CA TYR E 281 24.72 35.16 5.88
C TYR E 281 24.80 36.64 5.56
N LEU E 282 26.03 37.14 5.42
CA LEU E 282 26.22 38.55 5.09
C LEU E 282 25.39 38.93 3.87
N ASP E 283 25.35 38.04 2.87
CA ASP E 283 24.60 38.34 1.66
C ASP E 283 23.18 38.76 2.00
N ARG E 284 22.49 37.95 2.79
CA ARG E 284 21.11 38.28 3.13
C ARG E 284 21.06 39.61 3.86
N ILE E 285 21.99 39.83 4.78
CA ILE E 285 22.06 41.13 5.46
C ILE E 285 22.03 42.24 4.42
N GLY E 286 22.89 42.12 3.40
CA GLY E 286 22.97 43.17 2.41
C GLY E 286 21.64 43.49 1.79
N GLN E 287 20.82 42.46 1.53
CA GLN E 287 19.52 42.70 0.92
C GLN E 287 18.44 42.92 1.97
N LEU E 288 18.65 42.47 3.20
CA LEU E 288 17.65 42.69 4.23
C LEU E 288 17.70 44.12 4.76
N PHE E 289 18.88 44.72 4.85
CA PHE E 289 19.05 46.03 5.44
C PHE E 289 19.82 47.03 4.58
N PHE E 290 20.61 46.55 3.62
CA PHE E 290 21.38 47.44 2.75
C PHE E 290 20.85 47.46 1.33
N GLY E 291 19.68 46.85 1.08
CA GLY E 291 19.06 46.96 -0.21
C GLY E 291 19.80 46.30 -1.35
N VAL E 292 20.66 45.34 -1.06
CA VAL E 292 21.38 44.63 -2.13
C VAL E 292 20.36 43.81 -2.93
N PRO E 293 20.37 43.87 -4.26
CA PRO E 293 19.48 43.00 -5.02
C PRO E 293 19.84 41.54 -4.80
N PRO E 294 18.83 40.65 -4.88
CA PRO E 294 19.10 39.22 -4.65
C PRO E 294 19.92 38.58 -5.77
N GLU F 8 43.37 57.08 3.87
CA GLU F 8 43.17 55.66 3.61
C GLU F 8 41.84 55.45 2.87
N PRO F 9 41.82 54.58 1.85
CA PRO F 9 40.61 54.44 1.03
C PRO F 9 39.34 54.14 1.82
N TRP F 10 39.30 53.01 2.54
CA TRP F 10 38.07 52.63 3.21
C TRP F 10 37.86 53.37 4.51
N ALA F 11 38.90 54.04 5.04
CA ALA F 11 38.73 54.77 6.29
C ALA F 11 37.70 55.88 6.16
N ALA F 12 37.57 56.46 4.97
CA ALA F 12 36.65 57.58 4.78
C ALA F 12 35.21 57.14 5.02
N ALA F 13 34.83 55.97 4.50
CA ALA F 13 33.43 55.55 4.59
C ALA F 13 33.01 55.33 6.04
N VAL F 14 33.85 54.71 6.84
CA VAL F 14 33.51 54.37 8.22
C VAL F 14 33.57 55.61 9.09
N PRO F 15 32.85 55.67 10.20
CA PRO F 15 33.01 56.78 11.13
C PRO F 15 34.44 56.84 11.62
N PRO F 16 34.97 58.04 11.87
CA PRO F 16 36.39 58.15 12.25
C PRO F 16 36.75 57.31 13.46
N GLU F 17 35.87 57.24 14.46
CA GLU F 17 36.20 56.55 15.71
C GLU F 17 36.46 55.07 15.50
N TRP F 18 35.88 54.46 14.45
CA TRP F 18 36.11 53.05 14.21
C TRP F 18 37.50 52.80 13.61
N VAL F 19 38.05 53.79 12.92
CA VAL F 19 39.23 53.54 12.08
C VAL F 19 40.39 52.95 12.90
N PRO F 20 40.73 53.48 14.08
CA PRO F 20 41.86 52.90 14.82
C PRO F 20 41.65 51.43 15.14
N ILE F 21 40.46 51.11 15.65
CA ILE F 21 40.16 49.73 16.01
C ILE F 21 40.17 48.84 14.78
N ILE F 22 39.63 49.34 13.67
CA ILE F 22 39.68 48.59 12.42
C ILE F 22 41.13 48.32 12.02
N GLN F 23 42.00 49.32 12.20
CA GLN F 23 43.40 49.14 11.86
C GLN F 23 44.03 48.05 12.71
N GLN F 24 43.78 48.08 14.02
CA GLN F 24 44.36 47.07 14.90
C GLN F 24 43.83 45.69 14.54
N ASP F 25 42.54 45.59 14.22
CA ASP F 25 41.96 44.31 13.80
C ASP F 25 42.62 43.82 12.52
N ILE F 26 42.85 44.72 11.58
CA ILE F 26 43.50 44.34 10.32
C ILE F 26 44.89 43.78 10.60
N GLN F 27 45.64 44.47 11.44
CA GLN F 27 46.98 44.00 11.78
C GLN F 27 46.90 42.62 12.44
N SER F 28 45.99 42.45 13.38
CA SER F 28 45.92 41.20 14.13
C SER F 28 45.49 40.04 13.24
N GLN F 29 44.58 40.28 12.29
CA GLN F 29 44.05 39.19 11.47
C GLN F 29 45.16 38.45 10.73
N ARG F 30 46.28 39.10 10.43
CA ARG F 30 47.39 38.40 9.80
C ARG F 30 48.23 37.63 10.80
N LYS F 31 48.42 38.17 12.00
CA LYS F 31 49.22 37.47 13.00
C LYS F 31 48.53 36.21 13.51
N VAL F 32 47.21 36.18 13.49
CA VAL F 32 46.45 35.05 14.02
C VAL F 32 46.38 33.95 12.97
N LYS F 33 46.51 32.71 13.42
CA LYS F 33 46.39 31.56 12.54
C LYS F 33 44.93 31.26 12.24
N PRO F 34 44.66 30.46 11.22
CA PRO F 34 43.27 30.13 10.87
C PRO F 34 42.54 29.46 12.02
N GLN F 35 41.22 29.44 11.91
CA GLN F 35 40.36 28.87 12.94
C GLN F 35 40.42 27.35 12.89
N PRO F 36 40.73 26.66 13.98
CA PRO F 36 40.74 25.20 13.98
C PRO F 36 39.37 24.66 13.60
N PRO F 37 39.27 23.35 13.37
CA PRO F 37 37.96 22.78 13.01
C PRO F 37 36.93 23.03 14.10
N LEU F 38 35.70 23.26 13.66
CA LEU F 38 34.63 23.64 14.57
C LEU F 38 34.28 22.49 15.51
N SER F 39 33.86 22.85 16.72
CA SER F 39 33.42 21.86 17.69
C SER F 39 32.04 21.33 17.32
N ASP F 40 31.76 20.10 17.78
CA ASP F 40 30.44 19.53 17.56
C ASP F 40 29.34 20.42 18.11
N ALA F 41 29.61 21.10 19.23
CA ALA F 41 28.62 22.01 19.79
C ALA F 41 28.21 23.06 18.77
N TYR F 42 29.16 23.88 18.34
CA TYR F 42 28.86 24.87 17.30
C TYR F 42 28.39 24.19 16.03
N LEU F 43 28.93 23.00 15.74
CA LEU F 43 28.52 22.26 14.55
C LEU F 43 27.04 21.91 14.58
N SER F 44 26.43 21.90 15.76
CA SER F 44 24.99 21.67 15.84
C SER F 44 24.19 22.89 15.42
N GLY F 45 24.82 24.04 15.22
CA GLY F 45 24.11 25.26 14.95
C GLY F 45 23.65 25.43 13.52
N MET F 46 24.55 25.22 12.55
CA MET F 46 24.22 25.47 11.17
C MET F 46 23.26 24.41 10.63
N PRO F 47 22.59 24.67 9.52
CA PRO F 47 21.67 23.68 8.96
C PRO F 47 22.39 22.36 8.70
N ALA F 48 21.71 21.26 9.01
CA ALA F 48 22.32 19.93 8.98
C ALA F 48 22.17 19.35 7.58
N LYS F 49 22.87 19.96 6.62
CA LYS F 49 22.97 19.41 5.27
C LYS F 49 24.43 19.12 4.91
N ARG F 50 25.35 20.03 5.20
CA ARG F 50 26.77 19.80 5.00
C ARG F 50 27.47 19.79 6.35
N ARG F 51 28.19 18.71 6.64
CA ARG F 51 28.82 18.52 7.93
C ARG F 51 30.30 18.22 7.74
N LYS F 52 31.09 18.53 8.76
CA LYS F 52 32.52 18.30 8.71
C LYS F 52 32.84 16.82 8.52
N GLN F 60 40.60 6.34 11.67
CA GLN F 60 40.69 5.27 10.69
C GLN F 60 41.46 4.09 11.28
N LEU F 61 40.89 3.47 12.33
CA LEU F 61 41.52 2.33 12.97
C LEU F 61 41.61 1.12 12.05
N LEU F 62 40.67 0.97 11.11
CA LEU F 62 40.59 -0.22 10.27
C LEU F 62 41.68 -0.18 9.22
N LEU F 63 42.79 -0.90 9.47
CA LEU F 63 43.93 -0.84 8.56
C LEU F 63 43.54 -1.29 7.16
N SER F 64 42.75 -2.35 7.05
CA SER F 64 42.29 -2.79 5.74
C SER F 64 41.54 -1.67 5.03
N GLU F 65 40.57 -1.06 5.70
CA GLU F 65 39.80 0.03 5.11
C GLU F 65 40.70 1.22 4.79
N ALA F 66 41.58 1.60 5.72
CA ALA F 66 42.43 2.76 5.51
C ALA F 66 43.33 2.56 4.31
N VAL F 67 43.99 1.40 4.22
CA VAL F 67 44.93 1.15 3.14
C VAL F 67 44.18 1.04 1.81
N SER F 68 43.01 0.40 1.81
CA SER F 68 42.24 0.32 0.58
C SER F 68 41.84 1.71 0.10
N ARG F 69 41.36 2.57 1.02
CA ARG F 69 40.98 3.91 0.63
C ARG F 69 42.17 4.71 0.12
N ALA F 70 43.32 4.58 0.79
CA ALA F 70 44.50 5.31 0.35
C ALA F 70 44.96 4.85 -1.03
N ALA F 71 44.96 3.54 -1.27
CA ALA F 71 45.34 3.04 -2.58
C ALA F 71 44.38 3.52 -3.66
N LYS F 72 43.08 3.48 -3.38
CA LYS F 72 42.10 3.94 -4.36
C LYS F 72 42.26 5.43 -4.66
N ALA F 73 42.50 6.23 -3.62
CA ALA F 73 42.65 7.67 -3.83
C ALA F 73 43.92 7.99 -4.59
N ALA F 74 45.05 7.42 -4.18
CA ALA F 74 46.32 7.70 -4.83
C ALA F 74 46.42 7.04 -6.20
N GLY F 75 45.49 6.16 -6.56
CA GLY F 75 45.58 5.45 -7.81
C GLY F 75 46.45 4.21 -7.79
N ALA F 76 46.86 3.75 -6.61
CA ALA F 76 47.69 2.57 -6.48
C ALA F 76 46.84 1.31 -6.51
N ARG F 77 47.43 0.23 -7.01
CA ARG F 77 46.75 -1.06 -7.13
C ARG F 77 47.69 -2.14 -6.62
N PRO F 78 47.26 -2.97 -5.66
CA PRO F 78 48.14 -4.06 -5.22
C PRO F 78 48.28 -5.12 -6.31
N LEU F 79 49.51 -5.57 -6.50
CA LEU F 79 49.74 -6.64 -7.48
C LEU F 79 49.01 -7.91 -7.08
N THR F 80 49.05 -8.26 -5.80
CA THR F 80 48.27 -9.37 -5.28
C THR F 80 46.85 -8.90 -4.99
N SER F 81 45.92 -9.85 -4.96
CA SER F 81 44.54 -9.53 -4.64
C SER F 81 44.47 -9.01 -3.20
N PRO F 82 43.51 -8.12 -2.92
CA PRO F 82 43.45 -7.52 -1.57
C PRO F 82 43.24 -8.55 -0.47
N GLU F 83 42.74 -9.75 -0.79
CA GLU F 83 42.55 -10.77 0.23
C GLU F 83 43.88 -11.14 0.87
N SER F 84 44.95 -11.22 0.07
CA SER F 84 46.25 -11.54 0.65
C SER F 84 46.70 -10.47 1.64
N LEU F 85 46.53 -9.20 1.28
CA LEU F 85 46.90 -8.11 2.18
C LEU F 85 46.07 -8.17 3.46
N SER F 86 44.77 -8.42 3.34
CA SER F 86 43.92 -8.53 4.52
C SER F 86 44.37 -9.69 5.40
N ARG F 87 44.73 -10.81 4.78
CA ARG F 87 45.21 -11.96 5.55
C ARG F 87 46.51 -11.62 6.28
N ASP F 88 47.40 -10.86 5.65
CA ASP F 88 48.65 -10.50 6.32
C ASP F 88 48.39 -9.71 7.59
N LEU F 89 47.50 -8.72 7.52
CA LEU F 89 47.13 -7.92 8.69
C LEU F 89 45.82 -8.44 9.29
N GLU F 90 45.85 -9.71 9.70
CA GLU F 90 44.65 -10.37 10.21
C GLU F 90 44.44 -10.04 11.68
N ALA F 91 44.47 -8.75 12.03
CA ALA F 91 44.21 -8.27 13.37
C ALA F 91 44.97 -9.05 14.45
N PRO F 92 46.29 -9.11 14.38
CA PRO F 92 47.08 -9.60 15.53
C PRO F 92 47.35 -8.46 16.51
N GLU F 93 47.88 -8.83 17.67
CA GLU F 93 48.23 -7.84 18.67
C GLU F 93 49.28 -6.86 18.15
N VAL F 94 50.28 -7.37 17.44
CA VAL F 94 51.33 -6.51 16.90
C VAL F 94 50.73 -5.49 15.95
N GLN F 95 49.76 -5.90 15.13
CA GLN F 95 49.13 -4.97 14.21
C GLN F 95 48.16 -4.03 14.94
N GLU F 96 47.44 -4.55 15.94
CA GLU F 96 46.56 -3.70 16.74
C GLU F 96 47.34 -2.70 17.58
N SER F 97 48.67 -2.87 17.67
CA SER F 97 49.51 -1.82 18.25
C SER F 97 49.25 -0.53 17.50
N TYR F 98 48.80 -0.63 16.25
CA TYR F 98 48.31 0.53 15.52
C TYR F 98 47.28 1.28 16.35
N ARG F 99 46.20 0.59 16.72
CA ARG F 99 45.10 1.23 17.43
C ARG F 99 45.51 1.62 18.85
N GLN F 100 46.39 0.84 19.48
CA GLN F 100 46.89 1.27 20.78
C GLN F 100 47.65 2.58 20.68
N GLN F 101 48.49 2.72 19.65
CA GLN F 101 49.22 3.97 19.44
C GLN F 101 48.27 5.12 19.16
N LEU F 102 47.23 4.88 18.37
CA LEU F 102 46.23 5.93 18.12
C LEU F 102 45.51 6.33 19.41
N ARG F 103 45.12 5.35 20.23
CA ARG F 103 44.48 5.68 21.50
C ARG F 103 45.39 6.51 22.37
N SER F 104 46.68 6.13 22.45
CA SER F 104 47.63 6.90 23.22
C SER F 104 47.78 8.32 22.67
N ASP F 105 47.83 8.45 21.34
CA ASP F 105 48.00 9.76 20.73
C ASP F 105 46.84 10.68 21.10
N ILE F 106 45.61 10.18 20.94
CA ILE F 106 44.46 11.01 21.29
C ILE F 106 44.44 11.29 22.78
N GLN F 107 44.91 10.35 23.60
CA GLN F 107 44.95 10.58 25.04
C GLN F 107 45.90 11.72 25.38
N LYS F 108 47.05 11.78 24.70
CA LYS F 108 47.97 12.90 24.91
C LYS F 108 47.38 14.20 24.39
N ARG F 109 46.71 14.17 23.23
CA ARG F 109 46.15 15.38 22.66
C ARG F 109 44.94 15.89 23.45
N LEU F 110 44.32 15.03 24.27
CA LEU F 110 43.11 15.42 24.98
C LEU F 110 43.37 16.60 25.90
N GLN F 111 44.52 16.61 26.58
CA GLN F 111 44.82 17.68 27.52
C GLN F 111 44.76 19.06 26.85
N GLU F 112 45.02 19.11 25.55
CA GLU F 112 45.01 20.40 24.85
C GLU F 112 43.66 21.09 25.00
N ASP F 113 42.58 20.33 25.08
CA ASP F 113 41.25 20.90 25.25
C ASP F 113 40.28 19.83 25.75
N PRO F 114 40.27 19.53 27.05
CA PRO F 114 39.34 18.53 27.61
C PRO F 114 37.91 19.04 27.65
N PRO G 93 61.27 1.55 15.71
CA PRO G 93 60.34 2.11 14.71
C PRO G 93 58.92 2.23 15.24
N GLN G 94 57.98 2.57 14.37
CA GLN G 94 56.62 2.89 14.79
C GLN G 94 55.65 2.44 13.70
N VAL G 95 54.43 2.97 13.75
CA VAL G 95 53.32 2.57 12.87
C VAL G 95 53.77 2.53 11.41
N TRP G 96 54.72 3.39 11.04
CA TRP G 96 55.14 3.45 9.65
C TRP G 96 55.68 2.10 9.18
N GLN G 97 56.51 1.45 10.00
CA GLN G 97 56.90 0.08 9.69
C GLN G 97 55.71 -0.87 9.74
N LEU G 98 54.82 -0.68 10.72
CA LEU G 98 53.67 -1.58 10.83
C LEU G 98 52.88 -1.62 9.52
N ILE G 99 52.86 -0.51 8.79
CA ILE G 99 52.14 -0.46 7.52
C ILE G 99 53.03 -0.89 6.36
N SER G 100 54.29 -0.43 6.34
CA SER G 100 55.17 -0.72 5.21
C SER G 100 55.46 -2.22 5.11
N LYS G 101 55.61 -2.90 6.24
CA LYS G 101 55.95 -4.31 6.22
C LYS G 101 54.90 -5.12 5.46
N VAL G 102 53.62 -4.81 5.67
CA VAL G 102 52.56 -5.52 4.97
C VAL G 102 52.35 -4.96 3.56
N LEU G 103 52.56 -3.65 3.36
CA LEU G 103 52.35 -3.07 2.04
C LEU G 103 53.36 -3.57 1.02
N ALA G 104 54.64 -3.58 1.38
CA ALA G 104 55.68 -3.93 0.42
C ALA G 104 55.58 -5.38 -0.03
N ARG G 105 54.94 -6.23 0.78
CA ARG G 105 54.85 -7.65 0.43
C ARG G 105 54.10 -7.84 -0.89
N HIS G 106 52.99 -7.14 -1.08
CA HIS G 106 52.14 -7.31 -2.24
C HIS G 106 52.06 -6.08 -3.13
N PHE G 107 52.23 -4.88 -2.59
CA PHE G 107 52.27 -3.69 -3.42
C PHE G 107 53.64 -3.55 -4.08
N SER G 108 53.69 -2.73 -5.12
CA SER G 108 54.97 -2.33 -5.68
C SER G 108 55.61 -1.26 -4.80
N ALA G 109 56.93 -1.11 -4.94
CA ALA G 109 57.65 -0.16 -4.11
C ALA G 109 57.06 1.23 -4.25
N ALA G 110 56.88 1.69 -5.49
CA ALA G 110 56.27 3.01 -5.70
C ALA G 110 54.83 3.04 -5.21
N ASP G 111 54.06 2.00 -5.52
CA ASP G 111 52.69 1.93 -5.05
C ASP G 111 52.63 1.89 -3.53
N ALA G 112 53.52 1.11 -2.91
CA ALA G 112 53.55 1.05 -1.45
C ALA G 112 53.87 2.40 -0.84
N SER G 113 54.85 3.11 -1.42
CA SER G 113 55.20 4.42 -0.91
C SER G 113 54.05 5.41 -1.06
N ARG G 114 53.37 5.38 -2.22
CA ARG G 114 52.24 6.27 -2.43
C ARG G 114 51.13 5.98 -1.43
N VAL G 115 50.82 4.71 -1.21
CA VAL G 115 49.78 4.36 -0.25
C VAL G 115 50.19 4.81 1.14
N LEU G 116 51.45 4.61 1.51
CA LEU G 116 51.91 4.99 2.84
C LEU G 116 51.81 6.49 3.05
N GLU G 117 52.24 7.28 2.07
CA GLU G 117 52.18 8.73 2.24
C GLU G 117 50.73 9.23 2.25
N GLN G 118 49.87 8.63 1.44
CA GLN G 118 48.45 8.99 1.49
C GLN G 118 47.86 8.66 2.86
N LEU G 119 48.21 7.50 3.41
CA LEU G 119 47.75 7.13 4.74
C LEU G 119 48.26 8.11 5.78
N GLN G 120 49.53 8.52 5.67
CA GLN G 120 50.07 9.47 6.63
C GLN G 120 49.34 10.81 6.57
N ARG G 121 49.06 11.29 5.36
CA ARG G 121 48.32 12.55 5.23
C ARG G 121 46.90 12.41 5.77
N ASP G 122 46.25 11.27 5.52
CA ASP G 122 44.92 11.04 6.08
C ASP G 122 44.97 11.02 7.60
N TYR G 123 45.99 10.40 8.17
CA TYR G 123 46.17 10.39 9.62
C TYR G 123 46.35 11.80 10.16
N GLU G 124 47.17 12.60 9.48
CA GLU G 124 47.37 13.99 9.92
C GLU G 124 46.05 14.74 9.90
N ARG G 125 45.29 14.61 8.81
CA ARG G 125 44.02 15.31 8.72
C ARG G 125 43.07 14.84 9.81
N SER G 126 43.01 13.53 10.06
CA SER G 126 42.14 13.00 11.09
C SER G 126 42.52 13.55 12.46
N LEU G 127 43.82 13.63 12.74
CA LEU G 127 44.27 14.30 13.96
C LEU G 127 43.77 15.73 14.00
N SER G 128 43.82 16.42 12.86
CA SER G 128 43.19 17.74 12.79
C SER G 128 41.68 17.63 13.01
N ARG G 129 41.06 16.60 12.45
CA ARG G 129 39.61 16.40 12.58
C ARG G 129 39.20 16.04 14.00
N LEU G 130 40.14 15.76 14.90
CA LEU G 130 39.80 15.24 16.21
C LEU G 130 38.96 16.25 17.01
N THR G 131 38.13 15.70 17.89
CA THR G 131 37.28 16.50 18.77
C THR G 131 37.16 15.76 20.10
N LEU G 132 36.51 16.41 21.07
CA LEU G 132 36.30 15.76 22.36
C LEU G 132 35.44 14.52 22.22
N ASP G 133 34.56 14.48 21.22
CA ASP G 133 33.73 13.31 20.97
C ASP G 133 34.54 12.15 20.40
N ASP G 134 35.57 12.45 19.62
CA ASP G 134 36.38 11.39 19.01
C ASP G 134 37.01 10.48 20.05
N ILE G 135 37.16 10.95 21.28
CA ILE G 135 37.74 10.12 22.33
C ILE G 135 36.89 8.87 22.55
N GLU G 136 35.57 9.05 22.64
CA GLU G 136 34.68 7.91 22.85
C GLU G 136 34.73 6.94 21.67
N ARG G 137 34.68 7.48 20.45
CA ARG G 137 34.66 6.61 19.28
C ARG G 137 35.96 5.82 19.14
N LEU G 138 37.09 6.46 19.39
CA LEU G 138 38.36 5.75 19.29
C LEU G 138 38.59 4.81 20.47
N ALA G 139 38.00 5.10 21.63
CA ALA G 139 38.15 4.20 22.77
C ALA G 139 37.55 2.84 22.49
N SER G 140 36.37 2.80 21.86
CA SER G 140 35.71 1.55 21.55
C SER G 140 36.59 0.68 20.64
#